data_7TB0
#
_entry.id   7TB0
#
_cell.length_a   72.030
_cell.length_b   96.810
_cell.length_c   96.821
_cell.angle_alpha   115.06
_cell.angle_beta   99.15
_cell.angle_gamma   103.88
#
_symmetry.space_group_name_H-M   'P 1'
#
loop_
_entity.id
_entity.type
_entity.pdbx_description
1 polymer 'UDP-N-acetylglucosamine 1-carboxyvinyltransferase'
2 non-polymer URIDINE-DIPHOSPHATE-N-ACETYLGLUCOSAMINE
3 non-polymer '[(1R)-1-hydroxypropyl]phosphonic acid'
4 non-polymer 'POTASSIUM ION'
5 non-polymer 'SODIUM ION'
6 non-polymer 'CHLORIDE ION'
7 water water
#
_entity_poly.entity_id   1
_entity_poly.type   'polypeptide(L)'
_entity_poly.pdbx_seq_one_letter_code
;MEEIIVRGGNQLNGTVRIEGAKNAVLPILAASLLAEEGITTLDNVPILSDVFTMNQVIRHLNVDVDFDEQKNQVTIDASR
QLEIEAPYEYVSQMRASIVVMGPLLARNGHAKVAMPGGCAIGKRPIDLHLKGFQALGAKIIQKNGYIEAIADELIGNTIY
LDFPSVGATQNIMMAAVKAKGTTIIENVAREPEIVDLANILNKMGAQVYGAGTETMRIEGVDHLHAVNHSIVQDRIEAGT
FMVAAAMTQGNVLIADAISEHNRPLISKLIEMGAEIIEEEGGVRVIGPKHILPTDVKTMPHPGFPTDMQAQMTAIQLVAE
GTSVVTETVFENRFQHLEEMRRMNAHVKIDGNVAIMDGNHELQGAEVYATDLRAAAALVLAGLKANGITRVRNLNYLDRG
YYNFHIKLQQLGADVERVDMDQTSAEKTAQTIA
;
_entity_poly.pdbx_strand_id   A,B,C,D
#
# COMPACT_ATOMS: atom_id res chain seq x y z
N MET A 1 -25.83 -48.37 8.75
CA MET A 1 -27.16 -48.90 8.41
C MET A 1 -27.76 -48.00 7.31
N GLU A 2 -27.84 -46.67 7.48
CA GLU A 2 -28.59 -45.79 6.57
C GLU A 2 -27.70 -44.71 5.95
N GLU A 3 -28.15 -44.19 4.81
CA GLU A 3 -27.49 -43.06 4.10
C GLU A 3 -28.56 -42.13 3.55
N ILE A 4 -28.19 -40.88 3.37
CA ILE A 4 -29.02 -39.93 2.60
C ILE A 4 -28.46 -39.88 1.19
N ILE A 5 -29.32 -40.09 0.21
CA ILE A 5 -28.91 -40.06 -1.20
C ILE A 5 -29.54 -38.82 -1.85
N VAL A 6 -28.71 -38.05 -2.51
CA VAL A 6 -29.09 -36.77 -3.14
C VAL A 6 -28.76 -36.88 -4.63
N ARG A 7 -29.67 -36.41 -5.45
CA ARG A 7 -29.35 -36.01 -6.84
C ARG A 7 -29.44 -34.50 -6.95
N GLY A 8 -28.38 -33.87 -7.43
CA GLY A 8 -28.36 -32.41 -7.51
C GLY A 8 -29.12 -31.88 -8.70
N GLY A 9 -29.29 -30.56 -8.73
CA GLY A 9 -29.77 -29.80 -9.90
C GLY A 9 -31.25 -29.44 -9.80
N ASN A 10 -31.88 -29.54 -8.63
CA ASN A 10 -33.30 -29.15 -8.44
C ASN A 10 -33.36 -27.82 -7.70
N GLN A 11 -34.28 -26.95 -8.10
CA GLN A 11 -34.63 -25.73 -7.32
C GLN A 11 -35.54 -26.13 -6.18
N LEU A 12 -35.33 -25.54 -5.02
CA LEU A 12 -36.21 -25.76 -3.87
C LEU A 12 -37.29 -24.66 -3.87
N ASN A 13 -38.54 -25.07 -3.68
CA ASN A 13 -39.70 -24.14 -3.67
C ASN A 13 -40.71 -24.67 -2.66
N GLY A 14 -41.25 -23.79 -1.85
CA GLY A 14 -42.41 -24.07 -1.00
C GLY A 14 -42.18 -23.56 0.41
N THR A 15 -42.84 -24.17 1.37
CA THR A 15 -42.83 -23.74 2.78
C THR A 15 -42.23 -24.84 3.60
N VAL A 16 -41.34 -24.50 4.52
CA VAL A 16 -40.76 -25.52 5.44
C VAL A 16 -41.07 -25.11 6.88
N ARG A 17 -41.48 -26.10 7.68
CA ARG A 17 -41.79 -25.93 9.13
C ARG A 17 -40.57 -26.35 9.92
N ILE A 18 -40.27 -25.61 10.98
CA ILE A 18 -39.05 -25.76 11.80
C ILE A 18 -39.42 -26.24 13.21
N GLU A 19 -38.65 -27.18 13.74
CA GLU A 19 -38.88 -27.75 15.07
C GLU A 19 -38.42 -26.78 16.18
N GLY A 20 -38.78 -27.10 17.40
CA GLY A 20 -38.22 -26.46 18.59
C GLY A 20 -36.71 -26.62 18.59
N ALA A 21 -36.01 -25.69 19.22
CA ALA A 21 -34.54 -25.64 19.17
C ALA A 21 -33.92 -26.77 20.00
N LYS A 22 -33.05 -27.52 19.34
CA LYS A 22 -32.13 -28.50 20.00
C LYS A 22 -31.48 -27.80 21.19
N ASN A 23 -30.91 -26.63 20.95
CA ASN A 23 -30.04 -26.06 21.99
C ASN A 23 -30.81 -25.21 23.02
N ALA A 24 -32.13 -25.07 22.91
CA ALA A 24 -32.97 -24.56 23.99
C ALA A 24 -33.56 -25.72 24.79
N VAL A 25 -34.05 -26.77 24.11
CA VAL A 25 -34.77 -27.83 24.86
C VAL A 25 -33.82 -28.51 25.84
N LEU A 26 -32.54 -28.69 25.49
CA LEU A 26 -31.65 -29.49 26.31
C LEU A 26 -31.38 -28.78 27.63
N PRO A 27 -30.94 -27.51 27.67
CA PRO A 27 -30.74 -26.89 28.97
C PRO A 27 -32.07 -26.69 29.71
N ILE A 28 -33.19 -26.53 28.99
CA ILE A 28 -34.51 -26.41 29.66
C ILE A 28 -34.92 -27.76 30.31
N LEU A 29 -34.62 -28.90 29.68
CA LEU A 29 -34.79 -30.21 30.36
C LEU A 29 -33.97 -30.24 31.67
N ALA A 30 -32.71 -29.78 31.65
CA ALA A 30 -31.93 -29.69 32.87
C ALA A 30 -32.62 -28.78 33.89
N ALA A 31 -33.14 -27.65 33.45
CA ALA A 31 -33.81 -26.70 34.35
C ALA A 31 -35.00 -27.35 35.04
N SER A 32 -35.68 -28.30 34.36
CA SER A 32 -36.86 -28.99 34.97
C SER A 32 -36.44 -29.73 36.26
N LEU A 33 -35.16 -30.02 36.46
CA LEU A 33 -34.66 -30.63 37.72
C LEU A 33 -34.85 -29.66 38.91
N LEU A 34 -34.98 -28.38 38.64
CA LEU A 34 -35.11 -27.39 39.74
C LEU A 34 -36.53 -27.35 40.30
N ALA A 35 -37.50 -27.94 39.62
CA ALA A 35 -38.93 -27.87 40.05
C ALA A 35 -39.16 -28.90 41.16
N GLU A 36 -39.14 -28.42 42.41
CA GLU A 36 -39.26 -29.23 43.64
C GLU A 36 -40.70 -29.70 43.82
N GLU A 37 -41.66 -29.06 43.17
CA GLU A 37 -43.09 -29.41 43.27
C GLU A 37 -43.69 -29.20 41.88
N GLY A 38 -44.72 -29.98 41.60
CA GLY A 38 -45.44 -29.92 40.32
C GLY A 38 -44.77 -30.73 39.23
N ILE A 39 -45.42 -30.74 38.09
CA ILE A 39 -45.01 -31.46 36.86
C ILE A 39 -44.73 -30.42 35.79
N THR A 40 -43.54 -30.46 35.21
CA THR A 40 -43.17 -29.58 34.11
C THR A 40 -43.81 -30.16 32.83
N THR A 41 -44.42 -29.33 32.02
CA THR A 41 -44.82 -29.73 30.64
C THR A 41 -44.13 -28.84 29.61
N LEU A 42 -43.29 -29.43 28.78
CA LEU A 42 -42.58 -28.73 27.69
C LEU A 42 -43.27 -29.08 26.39
N ASP A 43 -43.60 -28.05 25.63
CA ASP A 43 -44.20 -28.18 24.29
C ASP A 43 -43.19 -27.77 23.23
N ASN A 44 -43.43 -28.20 22.00
CA ASN A 44 -42.58 -27.92 20.83
C ASN A 44 -41.21 -28.58 21.05
N VAL A 45 -41.21 -29.76 21.65
CA VAL A 45 -39.98 -30.57 21.85
C VAL A 45 -39.67 -31.30 20.56
N PRO A 46 -38.46 -31.12 20.01
CA PRO A 46 -38.08 -31.80 18.78
C PRO A 46 -37.73 -33.27 19.04
N ILE A 47 -38.04 -34.10 18.05
CA ILE A 47 -37.72 -35.56 18.14
C ILE A 47 -36.29 -35.75 17.63
N LEU A 48 -35.33 -35.60 18.57
CA LEU A 48 -33.88 -35.67 18.31
C LEU A 48 -33.24 -36.71 19.21
N SER A 49 -32.17 -37.35 18.74
CA SER A 49 -31.49 -38.34 19.57
C SER A 49 -31.02 -37.67 20.90
N ASP A 50 -30.62 -36.41 20.85
CA ASP A 50 -30.14 -35.73 22.09
C ASP A 50 -31.27 -35.57 23.11
N VAL A 51 -32.53 -35.45 22.68
CA VAL A 51 -33.65 -35.40 23.64
C VAL A 51 -33.80 -36.76 24.32
N PHE A 52 -33.74 -37.87 23.58
CA PHE A 52 -33.84 -39.18 24.23
C PHE A 52 -32.66 -39.35 25.18
N THR A 53 -31.44 -38.93 24.78
CA THR A 53 -30.24 -39.11 25.64
C THR A 53 -30.41 -38.29 26.92
N MET A 54 -30.79 -37.03 26.78
CA MET A 54 -30.96 -36.13 27.94
C MET A 54 -32.06 -36.68 28.87
N ASN A 55 -33.15 -37.22 28.32
CA ASN A 55 -34.23 -37.76 29.16
C ASN A 55 -33.73 -38.94 30.00
N GLN A 56 -32.83 -39.76 29.45
CA GLN A 56 -32.20 -40.88 30.21
C GLN A 56 -31.24 -40.34 31.28
N VAL A 57 -30.49 -39.28 30.99
CA VAL A 57 -29.66 -38.63 32.02
C VAL A 57 -30.55 -38.27 33.19
N ILE A 58 -31.63 -37.59 32.92
CA ILE A 58 -32.53 -37.05 33.99
C ILE A 58 -33.23 -38.21 34.72
N ARG A 59 -33.75 -39.21 34.01
CA ARG A 59 -34.46 -40.30 34.70
C ARG A 59 -33.57 -40.95 35.77
N HIS A 60 -32.29 -41.09 35.50
CA HIS A 60 -31.29 -41.73 36.39
CA HIS A 60 -31.29 -41.73 36.41
C HIS A 60 -31.10 -40.90 37.68
N LEU A 61 -31.55 -39.65 37.69
CA LEU A 61 -31.48 -38.76 38.87
C LEU A 61 -32.72 -38.90 39.76
N ASN A 62 -33.58 -39.91 39.49
CA ASN A 62 -34.79 -40.21 40.28
C ASN A 62 -35.90 -39.23 39.87
N VAL A 63 -36.15 -39.20 38.58
CA VAL A 63 -37.10 -38.25 37.94
C VAL A 63 -37.92 -39.02 36.93
N ASP A 64 -39.21 -38.75 36.85
CA ASP A 64 -40.08 -39.36 35.81
C ASP A 64 -40.12 -38.43 34.60
N VAL A 65 -39.84 -39.00 33.42
CA VAL A 65 -39.81 -38.24 32.16
C VAL A 65 -40.62 -39.04 31.13
N ASP A 66 -41.64 -38.40 30.57
CA ASP A 66 -42.54 -39.02 29.57
C ASP A 66 -42.50 -38.13 28.32
N PHE A 67 -42.09 -38.70 27.19
CA PHE A 67 -42.01 -38.00 25.89
C PHE A 67 -43.12 -38.51 24.99
N ASP A 68 -44.14 -37.69 24.79
CA ASP A 68 -45.22 -37.98 23.81
C ASP A 68 -44.77 -37.41 22.46
N GLU A 69 -44.21 -38.23 21.59
CA GLU A 69 -43.59 -37.75 20.35
C GLU A 69 -44.65 -37.18 19.40
N GLN A 70 -45.85 -37.78 19.36
CA GLN A 70 -46.97 -37.32 18.50
C GLN A 70 -47.34 -35.88 18.90
N LYS A 71 -47.26 -35.50 20.18
CA LYS A 71 -47.64 -34.16 20.67
C LYS A 71 -46.41 -33.25 20.79
N ASN A 72 -45.21 -33.75 20.53
CA ASN A 72 -43.95 -32.99 20.73
C ASN A 72 -43.95 -32.45 22.16
N GLN A 73 -44.26 -33.30 23.12
CA GLN A 73 -44.48 -32.85 24.51
C GLN A 73 -43.74 -33.77 25.49
N VAL A 74 -43.02 -33.16 26.43
CA VAL A 74 -42.35 -33.90 27.52
C VAL A 74 -42.92 -33.43 28.86
N THR A 75 -43.23 -34.37 29.72
CA THR A 75 -43.62 -34.12 31.12
C THR A 75 -42.49 -34.62 32.01
N ILE A 76 -42.18 -33.84 33.03
CA ILE A 76 -41.10 -34.13 33.98
C ILE A 76 -41.65 -34.00 35.40
N ASP A 77 -41.45 -35.03 36.22
CA ASP A 77 -41.73 -35.00 37.68
C ASP A 77 -40.40 -35.19 38.39
N ALA A 78 -39.83 -34.08 38.87
CA ALA A 78 -38.57 -34.03 39.63
C ALA A 78 -38.84 -33.74 41.10
N SER A 79 -40.07 -34.00 41.59
CA SER A 79 -40.49 -33.66 42.97
C SER A 79 -39.92 -34.62 44.01
N ARG A 80 -39.31 -35.73 43.64
CA ARG A 80 -38.70 -36.64 44.65
C ARG A 80 -37.28 -36.14 45.02
N GLN A 81 -36.70 -36.74 46.04
CA GLN A 81 -35.27 -36.53 46.40
C GLN A 81 -34.39 -36.97 45.23
N LEU A 82 -33.66 -36.03 44.64
CA LEU A 82 -32.79 -36.33 43.47
C LEU A 82 -31.58 -37.15 43.92
N GLU A 83 -31.16 -38.05 43.06
CA GLU A 83 -29.86 -38.74 43.17
C GLU A 83 -28.87 -37.77 42.60
N ILE A 84 -27.59 -37.95 42.91
CA ILE A 84 -26.68 -36.87 42.49
C ILE A 84 -25.63 -37.33 41.49
N GLU A 85 -25.62 -38.61 41.08
CA GLU A 85 -24.63 -39.06 40.08
C GLU A 85 -25.34 -39.24 38.74
N ALA A 86 -24.96 -38.47 37.76
CA ALA A 86 -25.46 -38.60 36.36
C ALA A 86 -24.78 -39.79 35.70
N PRO A 87 -25.50 -40.54 34.84
CA PRO A 87 -24.97 -41.78 34.28
C PRO A 87 -24.01 -41.58 33.10
N TYR A 88 -22.75 -42.03 33.23
CA TYR A 88 -21.71 -41.79 32.20
C TYR A 88 -22.21 -42.30 30.85
N GLU A 89 -22.91 -43.44 30.87
CA GLU A 89 -23.39 -44.06 29.62
C GLU A 89 -24.08 -43.04 28.73
N TYR A 90 -24.87 -42.17 29.32
CA TYR A 90 -25.64 -41.16 28.57
C TYR A 90 -24.91 -39.81 28.54
N VAL A 91 -24.30 -39.40 29.64
CA VAL A 91 -23.57 -38.12 29.73
C VAL A 91 -22.54 -38.02 28.61
N SER A 92 -21.83 -39.12 28.36
CA SER A 92 -20.73 -39.20 27.38
C SER A 92 -21.20 -39.13 25.92
N GLN A 93 -22.52 -39.17 25.66
CA GLN A 93 -23.06 -39.27 24.30
C GLN A 93 -23.63 -37.94 23.82
N MET A 94 -23.48 -36.85 24.57
CA MET A 94 -23.96 -35.53 24.14
C MET A 94 -23.20 -34.45 24.93
N ARG A 95 -23.36 -33.21 24.54
CA ARG A 95 -22.71 -32.06 25.23
C ARG A 95 -23.51 -31.56 26.42
N ALA A 96 -24.80 -31.28 26.28
CA ALA A 96 -25.63 -30.56 27.26
C ALA A 96 -25.86 -31.38 28.51
N SER A 97 -25.52 -32.66 28.54
CA SER A 97 -25.62 -33.51 29.73
C SER A 97 -24.89 -32.82 30.89
N ILE A 98 -23.81 -32.06 30.62
CA ILE A 98 -23.05 -31.45 31.72
C ILE A 98 -23.88 -30.39 32.47
N VAL A 99 -24.90 -29.82 31.85
CA VAL A 99 -25.64 -28.73 32.53
C VAL A 99 -26.71 -29.26 33.49
N VAL A 100 -26.71 -30.55 33.81
CA VAL A 100 -27.41 -31.04 35.01
C VAL A 100 -26.62 -30.69 36.30
N MET A 101 -25.35 -30.33 36.19
CA MET A 101 -24.50 -30.09 37.38
C MET A 101 -25.09 -28.92 38.17
N GLY A 102 -25.46 -27.82 37.51
CA GLY A 102 -25.95 -26.62 38.18
C GLY A 102 -27.20 -26.92 38.99
N PRO A 103 -28.22 -27.48 38.34
CA PRO A 103 -29.43 -27.84 39.09
C PRO A 103 -29.21 -28.84 40.24
N LEU A 104 -28.32 -29.81 40.07
CA LEU A 104 -28.02 -30.75 41.16
C LEU A 104 -27.38 -30.01 42.33
N LEU A 105 -26.49 -29.05 42.07
CA LEU A 105 -25.92 -28.23 43.15
C LEU A 105 -27.02 -27.41 43.81
N ALA A 106 -27.89 -26.80 43.03
CA ALA A 106 -28.99 -25.99 43.56
C ALA A 106 -29.92 -26.85 44.44
N ARG A 107 -30.27 -28.06 44.03
CA ARG A 107 -31.28 -28.89 44.76
C ARG A 107 -30.62 -29.59 45.95
N ASN A 108 -29.42 -30.13 45.78
CA ASN A 108 -28.84 -31.12 46.71
C ASN A 108 -27.49 -30.66 47.25
N GLY A 109 -26.88 -29.61 46.71
CA GLY A 109 -25.52 -29.21 47.10
C GLY A 109 -24.48 -30.26 46.73
N HIS A 110 -24.77 -31.14 45.77
CA HIS A 110 -23.86 -32.25 45.46
C HIS A 110 -24.17 -32.72 44.06
N ALA A 111 -23.14 -32.89 43.25
CA ALA A 111 -23.27 -33.37 41.86
C ALA A 111 -22.05 -34.21 41.52
N LYS A 112 -22.27 -35.32 40.81
CA LYS A 112 -21.21 -36.14 40.21
C LYS A 112 -21.52 -36.32 38.74
N VAL A 113 -20.70 -35.75 37.85
CA VAL A 113 -20.93 -35.79 36.39
C VAL A 113 -19.64 -36.00 35.63
N ALA A 114 -19.60 -36.84 34.63
CA ALA A 114 -18.34 -37.05 33.87
C ALA A 114 -18.18 -35.94 32.83
N MET A 115 -16.97 -35.86 32.21
N MET A 115 -16.98 -35.87 32.22
CA MET A 115 -16.78 -34.97 31.03
CA MET A 115 -16.76 -35.11 30.99
C MET A 115 -17.80 -35.43 29.97
C MET A 115 -17.84 -35.47 29.96
N PRO A 116 -18.57 -34.49 29.40
CA PRO A 116 -19.57 -34.81 28.39
C PRO A 116 -18.97 -35.12 27.02
N GLY A 117 -19.84 -35.65 26.15
CA GLY A 117 -19.54 -35.84 24.74
C GLY A 117 -20.04 -34.72 23.88
N GLY A 118 -20.62 -35.08 22.74
CA GLY A 118 -21.04 -34.10 21.75
C GLY A 118 -20.16 -34.04 20.51
N CYS A 119 -20.41 -33.03 19.70
CA CYS A 119 -19.70 -32.79 18.43
C CYS A 119 -18.20 -32.83 18.69
N ALA A 120 -17.50 -33.68 17.97
CA ALA A 120 -16.04 -33.89 18.14
C ALA A 120 -15.30 -32.88 17.26
N ILE A 121 -15.37 -31.60 17.63
CA ILE A 121 -14.94 -30.46 16.80
C ILE A 121 -13.91 -29.59 17.51
N GLY A 122 -13.33 -30.11 18.57
CA GLY A 122 -12.29 -29.41 19.34
C GLY A 122 -12.16 -29.95 20.71
N LYS A 123 -11.26 -29.40 21.51
CA LYS A 123 -11.03 -29.78 22.92
C LYS A 123 -12.31 -29.62 23.79
N ARG A 124 -13.06 -28.59 23.62
CA ARG A 124 -14.30 -28.41 24.44
C ARG A 124 -14.17 -28.63 25.94
N PRO A 125 -13.30 -27.88 26.62
CA PRO A 125 -13.20 -27.96 28.07
C PRO A 125 -14.47 -27.44 28.76
N ILE A 126 -14.55 -27.70 30.06
CA ILE A 126 -15.64 -27.21 30.94
C ILE A 126 -15.06 -26.43 32.11
N ASP A 127 -13.84 -25.95 31.97
CA ASP A 127 -13.15 -25.22 33.09
C ASP A 127 -13.99 -24.02 33.56
N LEU A 128 -14.66 -23.32 32.64
CA LEU A 128 -15.43 -22.12 33.07
C LEU A 128 -16.64 -22.50 33.89
N HIS A 129 -17.23 -23.70 33.63
CA HIS A 129 -18.34 -24.17 34.48
C HIS A 129 -17.83 -24.34 35.93
N LEU A 130 -16.74 -25.03 36.05
CA LEU A 130 -16.16 -25.40 37.35
C LEU A 130 -15.68 -24.17 38.08
N LYS A 131 -15.08 -23.22 37.36
CA LYS A 131 -14.66 -21.93 37.97
C LYS A 131 -15.90 -21.23 38.55
N GLY A 132 -17.00 -21.22 37.84
CA GLY A 132 -18.20 -20.55 38.34
C GLY A 132 -18.76 -21.21 39.58
N PHE A 133 -18.82 -22.54 39.59
CA PHE A 133 -19.33 -23.26 40.77
C PHE A 133 -18.42 -23.01 41.99
N GLN A 134 -17.10 -23.03 41.80
CA GLN A 134 -16.13 -22.70 42.85
C GLN A 134 -16.45 -21.30 43.39
N ALA A 135 -16.72 -20.33 42.52
CA ALA A 135 -16.97 -18.93 42.95
C ALA A 135 -18.24 -18.87 43.84
N LEU A 136 -19.20 -19.77 43.63
CA LEU A 136 -20.44 -19.86 44.42
C LEU A 136 -20.25 -20.66 45.72
N GLY A 137 -19.07 -21.23 45.96
CA GLY A 137 -18.78 -21.93 47.22
C GLY A 137 -18.62 -23.43 47.04
N ALA A 138 -18.66 -23.98 45.82
CA ALA A 138 -18.49 -25.43 45.65
C ALA A 138 -17.01 -25.81 45.74
N LYS A 139 -16.74 -26.94 46.38
CA LYS A 139 -15.45 -27.63 46.26
C LYS A 139 -15.55 -28.57 45.06
N ILE A 140 -14.57 -28.53 44.17
CA ILE A 140 -14.52 -29.36 42.94
C ILE A 140 -13.43 -30.41 43.15
N ILE A 141 -13.79 -31.66 43.01
CA ILE A 141 -12.87 -32.81 43.19
C ILE A 141 -12.82 -33.55 41.88
N GLN A 142 -11.63 -33.91 41.40
CA GLN A 142 -11.58 -35.02 40.45
C GLN A 142 -10.97 -36.33 41.01
N LYS A 143 -11.82 -37.34 41.19
CA LYS A 143 -11.35 -38.68 41.58
C LYS A 143 -11.16 -39.40 40.27
N ASN A 144 -9.92 -39.42 39.79
CA ASN A 144 -9.39 -40.51 38.91
C ASN A 144 -10.20 -40.56 37.61
N GLY A 145 -10.49 -39.45 36.92
CA GLY A 145 -11.58 -39.56 35.89
C GLY A 145 -12.94 -38.86 36.15
N TYR A 146 -13.40 -38.80 37.40
CA TYR A 146 -14.76 -38.32 37.74
C TYR A 146 -14.67 -36.83 38.16
N ILE A 147 -15.78 -36.12 38.14
CA ILE A 147 -15.89 -34.69 38.53
C ILE A 147 -17.01 -34.56 39.54
N GLU A 148 -16.67 -34.15 40.74
CA GLU A 148 -17.61 -34.08 41.87
C GLU A 148 -17.59 -32.64 42.36
N ALA A 149 -18.75 -32.08 42.58
CA ALA A 149 -18.91 -30.74 43.12
C ALA A 149 -19.75 -30.85 44.39
N ILE A 150 -19.27 -30.21 45.47
CA ILE A 150 -19.94 -30.26 46.79
C ILE A 150 -20.04 -28.84 47.31
N ALA A 151 -21.24 -28.41 47.66
CA ALA A 151 -21.47 -27.09 48.28
C ALA A 151 -22.42 -27.24 49.44
N ASP A 152 -21.90 -27.10 50.66
CA ASP A 152 -22.76 -27.06 51.88
C ASP A 152 -23.68 -25.85 51.78
N GLU A 153 -23.22 -24.75 51.20
CA GLU A 153 -24.09 -23.56 50.99
C GLU A 153 -23.62 -22.82 49.75
N LEU A 154 -24.48 -22.70 48.77
CA LEU A 154 -24.17 -21.83 47.59
C LEU A 154 -24.41 -20.38 48.03
N ILE A 155 -23.42 -19.55 47.78
CA ILE A 155 -23.47 -18.11 48.14
C ILE A 155 -23.16 -17.28 46.89
N GLY A 156 -24.02 -16.32 46.59
CA GLY A 156 -23.83 -15.46 45.43
C GLY A 156 -22.51 -14.75 45.43
N ASN A 157 -21.97 -14.54 44.25
CA ASN A 157 -20.66 -13.92 44.03
C ASN A 157 -20.66 -13.20 42.70
N THR A 158 -19.64 -12.39 42.45
CA THR A 158 -19.40 -11.83 41.10
C THR A 158 -18.45 -12.80 40.38
N ILE A 159 -18.80 -13.16 39.16
CA ILE A 159 -18.12 -14.20 38.34
C ILE A 159 -17.87 -13.61 36.98
N TYR A 160 -16.63 -13.51 36.57
CA TYR A 160 -16.26 -13.02 35.22
C TYR A 160 -15.92 -14.24 34.38
N LEU A 161 -16.65 -14.41 33.27
CA LEU A 161 -16.36 -15.50 32.32
C LEU A 161 -15.33 -15.03 31.30
N ASP A 162 -14.22 -15.76 31.18
CA ASP A 162 -13.15 -15.38 30.24
C ASP A 162 -13.63 -15.45 28.80
N PHE A 163 -14.53 -16.37 28.52
CA PHE A 163 -15.18 -16.50 27.20
C PHE A 163 -16.68 -16.57 27.48
N PRO A 164 -17.52 -15.96 26.60
CA PRO A 164 -18.97 -16.00 26.81
C PRO A 164 -19.56 -17.37 26.46
N SER A 165 -19.20 -18.35 27.27
CA SER A 165 -19.55 -19.76 27.05
C SER A 165 -21.03 -19.98 27.23
N VAL A 166 -21.66 -20.60 26.23
CA VAL A 166 -23.10 -20.94 26.33
C VAL A 166 -23.35 -21.89 27.48
N GLY A 167 -22.68 -23.05 27.50
CA GLY A 167 -22.93 -24.03 28.56
C GLY A 167 -22.58 -23.51 29.94
N ALA A 168 -21.44 -22.81 30.06
CA ALA A 168 -21.06 -22.31 31.40
C ALA A 168 -22.09 -21.32 31.89
N THR A 169 -22.56 -20.42 31.04
CA THR A 169 -23.58 -19.45 31.41
C THR A 169 -24.81 -20.20 31.93
N GLN A 170 -25.27 -21.21 31.19
CA GLN A 170 -26.44 -22.00 31.60
C GLN A 170 -26.20 -22.71 32.93
N ASN A 171 -25.05 -23.38 33.09
CA ASN A 171 -24.79 -24.18 34.29
C ASN A 171 -24.73 -23.26 35.51
N ILE A 172 -24.01 -22.14 35.40
CA ILE A 172 -23.84 -21.19 36.51
C ILE A 172 -25.18 -20.55 36.86
N MET A 173 -25.98 -20.17 35.85
CA MET A 173 -27.32 -19.56 36.05
C MET A 173 -28.15 -20.51 36.93
N MET A 174 -28.15 -21.80 36.58
CA MET A 174 -29.04 -22.77 37.22
C MET A 174 -28.58 -23.11 38.66
N ALA A 175 -27.29 -22.97 38.99
CA ALA A 175 -26.88 -23.05 40.39
C ALA A 175 -27.27 -21.76 41.15
N ALA A 176 -27.07 -20.61 40.52
CA ALA A 176 -27.17 -19.32 41.18
C ALA A 176 -28.62 -19.02 41.57
N VAL A 177 -29.59 -19.59 40.88
CA VAL A 177 -31.02 -19.28 41.17
C VAL A 177 -31.38 -19.69 42.61
N LYS A 178 -30.61 -20.58 43.22
CA LYS A 178 -30.84 -21.00 44.61
C LYS A 178 -29.63 -20.68 45.51
N ALA A 179 -28.76 -19.78 45.08
CA ALA A 179 -27.64 -19.35 45.93
C ALA A 179 -28.14 -18.22 46.85
N LYS A 180 -27.50 -18.07 47.99
CA LYS A 180 -27.89 -17.01 48.94
C LYS A 180 -27.41 -15.66 48.38
N GLY A 181 -28.34 -14.72 48.24
CA GLY A 181 -28.04 -13.35 47.81
C GLY A 181 -27.85 -13.23 46.33
N THR A 182 -27.02 -12.29 45.93
CA THR A 182 -26.90 -11.81 44.54
C THR A 182 -25.70 -12.47 43.86
N THR A 183 -25.92 -12.99 42.66
CA THR A 183 -24.83 -13.41 41.76
C THR A 183 -24.82 -12.44 40.57
N ILE A 184 -23.63 -11.97 40.21
CA ILE A 184 -23.43 -11.18 38.99
C ILE A 184 -22.50 -11.98 38.09
N ILE A 185 -22.97 -12.32 36.89
CA ILE A 185 -22.15 -13.04 35.90
C ILE A 185 -21.81 -12.06 34.79
N GLU A 186 -20.52 -11.79 34.64
CA GLU A 186 -20.02 -10.82 33.63
C GLU A 186 -19.52 -11.57 32.40
N ASN A 187 -19.74 -11.01 31.23
CA ASN A 187 -19.31 -11.56 29.93
C ASN A 187 -20.03 -12.90 29.66
N VAL A 188 -21.32 -12.92 29.90
CA VAL A 188 -22.16 -14.14 29.65
C VAL A 188 -22.43 -14.31 28.14
N ALA A 189 -22.73 -15.54 27.79
CA ALA A 189 -23.32 -15.84 26.48
C ALA A 189 -24.61 -15.02 26.28
N ARG A 190 -24.79 -14.47 25.08
CA ARG A 190 -25.97 -13.65 24.74
C ARG A 190 -26.91 -14.37 23.76
N GLU A 191 -26.61 -15.62 23.42
CA GLU A 191 -27.42 -16.42 22.46
C GLU A 191 -28.88 -16.46 22.92
N PRO A 192 -29.85 -16.56 22.01
CA PRO A 192 -31.25 -16.51 22.39
C PRO A 192 -31.74 -17.71 23.21
N GLU A 193 -30.99 -18.82 23.20
CA GLU A 193 -31.34 -19.95 24.11
C GLU A 193 -31.12 -19.54 25.57
N ILE A 194 -30.18 -18.62 25.85
CA ILE A 194 -29.97 -18.12 27.21
C ILE A 194 -31.24 -17.38 27.66
N VAL A 195 -31.85 -16.63 26.74
CA VAL A 195 -33.08 -15.88 27.03
C VAL A 195 -34.22 -16.89 27.27
N ASP A 196 -34.35 -17.91 26.44
CA ASP A 196 -35.44 -18.91 26.63
C ASP A 196 -35.27 -19.59 28.01
N LEU A 197 -34.04 -19.93 28.37
CA LEU A 197 -33.77 -20.54 29.67
C LEU A 197 -34.15 -19.59 30.81
N ALA A 198 -33.69 -18.35 30.74
CA ALA A 198 -34.00 -17.37 31.79
C ALA A 198 -35.53 -17.21 31.90
N ASN A 199 -36.23 -17.22 30.77
CA ASN A 199 -37.68 -17.01 30.81
C ASN A 199 -38.36 -18.16 31.54
N ILE A 200 -37.98 -19.40 31.31
CA ILE A 200 -38.61 -20.53 32.05
C ILE A 200 -38.21 -20.44 33.52
N LEU A 201 -36.95 -20.12 33.82
CA LEU A 201 -36.53 -20.02 35.23
C LEU A 201 -37.38 -19.00 35.97
N ASN A 202 -37.59 -17.85 35.37
CA ASN A 202 -38.36 -16.77 35.99
C ASN A 202 -39.81 -17.25 36.19
N LYS A 203 -40.40 -17.94 35.19
CA LYS A 203 -41.76 -18.48 35.36
C LYS A 203 -41.80 -19.45 36.54
N MET A 204 -40.72 -20.19 36.78
CA MET A 204 -40.63 -21.20 37.84
C MET A 204 -40.40 -20.55 39.21
N GLY A 205 -40.22 -19.22 39.28
CA GLY A 205 -40.05 -18.50 40.55
C GLY A 205 -38.67 -17.94 40.75
N ALA A 206 -37.79 -18.06 39.75
CA ALA A 206 -36.44 -17.52 39.89
C ALA A 206 -36.44 -16.02 39.61
N GLN A 207 -35.28 -15.41 39.82
CA GLN A 207 -35.06 -13.96 39.63
C GLN A 207 -33.78 -13.82 38.82
N VAL A 208 -33.89 -13.98 37.53
CA VAL A 208 -32.77 -13.93 36.58
C VAL A 208 -32.92 -12.72 35.66
N TYR A 209 -32.00 -11.76 35.76
CA TYR A 209 -32.10 -10.47 35.09
C TYR A 209 -30.95 -10.29 34.11
N GLY A 210 -31.25 -9.74 32.94
CA GLY A 210 -30.22 -9.35 31.96
C GLY A 210 -29.92 -10.41 30.92
N ALA A 211 -30.71 -11.50 30.84
CA ALA A 211 -30.48 -12.50 29.79
C ALA A 211 -30.59 -11.83 28.41
N GLY A 212 -29.62 -12.15 27.54
CA GLY A 212 -29.47 -11.54 26.21
C GLY A 212 -28.53 -10.35 26.22
N THR A 213 -28.17 -9.86 27.41
CA THR A 213 -27.13 -8.82 27.55
C THR A 213 -25.84 -9.46 28.06
N GLU A 214 -24.78 -8.66 28.12
CA GLU A 214 -23.45 -9.17 28.52
C GLU A 214 -23.34 -9.40 30.03
N THR A 215 -24.29 -8.95 30.83
CA THR A 215 -24.22 -9.04 32.31
C THR A 215 -25.54 -9.58 32.87
N MET A 216 -25.46 -10.67 33.63
CA MET A 216 -26.63 -11.28 34.26
C MET A 216 -26.57 -11.04 35.77
N ARG A 217 -27.69 -10.71 36.33
CA ARG A 217 -27.88 -10.54 37.78
C ARG A 217 -28.91 -11.56 38.22
N ILE A 218 -28.57 -12.39 39.18
CA ILE A 218 -29.48 -13.41 39.75
C ILE A 218 -29.63 -13.19 41.25
N GLU A 219 -30.86 -13.08 41.72
CA GLU A 219 -31.17 -12.99 43.16
C GLU A 219 -31.71 -14.34 43.60
N GLY A 220 -30.99 -15.02 44.48
CA GLY A 220 -31.35 -16.39 44.90
C GLY A 220 -32.72 -16.42 45.55
N VAL A 221 -33.44 -17.52 45.33
CA VAL A 221 -34.74 -17.80 45.94
C VAL A 221 -34.70 -19.15 46.67
N ASP A 222 -35.72 -19.42 47.49
CA ASP A 222 -35.73 -20.63 48.37
C ASP A 222 -36.24 -21.85 47.59
N HIS A 223 -37.14 -21.66 46.64
N HIS A 223 -37.13 -21.65 46.61
CA HIS A 223 -37.93 -22.77 46.03
CA HIS A 223 -37.97 -22.73 46.04
C HIS A 223 -38.30 -22.39 44.59
C HIS A 223 -38.31 -22.38 44.59
N LEU A 224 -38.17 -23.34 43.66
CA LEU A 224 -38.73 -23.21 42.30
C LEU A 224 -39.84 -24.25 42.14
N HIS A 225 -40.79 -23.94 41.28
CA HIS A 225 -41.93 -24.85 40.99
C HIS A 225 -42.02 -25.09 39.49
N ALA A 226 -42.78 -26.13 39.12
CA ALA A 226 -42.94 -26.56 37.73
C ALA A 226 -43.87 -25.63 36.97
N VAL A 227 -43.61 -25.47 35.68
CA VAL A 227 -44.49 -24.65 34.80
C VAL A 227 -44.66 -25.38 33.46
N ASN A 228 -45.43 -24.78 32.61
CA ASN A 228 -45.58 -25.14 31.18
C ASN A 228 -44.78 -24.13 30.36
N HIS A 229 -44.04 -24.64 29.39
CA HIS A 229 -43.20 -23.82 28.49
C HIS A 229 -43.13 -24.44 27.09
N SER A 230 -43.18 -23.58 26.10
CA SER A 230 -43.02 -23.91 24.66
CA SER A 230 -43.01 -23.91 24.66
C SER A 230 -41.63 -23.52 24.19
N ILE A 231 -40.85 -24.48 23.70
CA ILE A 231 -39.44 -24.23 23.27
C ILE A 231 -39.44 -23.27 22.08
N VAL A 232 -38.52 -22.31 22.11
CA VAL A 232 -38.29 -21.40 20.94
C VAL A 232 -37.93 -22.21 19.68
N GLN A 233 -38.30 -21.68 18.51
CA GLN A 233 -37.94 -22.28 17.21
C GLN A 233 -36.42 -22.42 17.06
N ASP A 234 -35.99 -23.52 16.45
CA ASP A 234 -34.58 -23.84 16.12
C ASP A 234 -34.03 -22.89 15.05
N ARG A 235 -33.22 -21.90 15.47
CA ARG A 235 -32.64 -20.96 14.52
C ARG A 235 -31.62 -21.61 13.57
N ILE A 236 -30.98 -22.69 14.00
CA ILE A 236 -29.95 -23.34 13.16
C ILE A 236 -30.65 -24.20 12.12
N GLU A 237 -31.69 -24.92 12.48
CA GLU A 237 -32.45 -25.65 11.44
C GLU A 237 -33.02 -24.62 10.46
N ALA A 238 -33.63 -23.54 10.95
CA ALA A 238 -34.12 -22.44 10.11
C ALA A 238 -33.02 -21.99 9.15
N GLY A 239 -31.85 -21.67 9.70
CA GLY A 239 -30.75 -21.17 8.87
C GLY A 239 -30.29 -22.18 7.82
N THR A 240 -30.26 -23.46 8.16
CA THR A 240 -29.88 -24.52 7.23
C THR A 240 -30.80 -24.46 6.00
N PHE A 241 -32.10 -24.29 6.20
CA PHE A 241 -33.03 -24.20 5.05
C PHE A 241 -32.87 -22.87 4.31
N MET A 242 -32.52 -21.78 4.99
CA MET A 242 -32.20 -20.53 4.30
C MET A 242 -31.03 -20.75 3.31
N VAL A 243 -29.97 -21.44 3.76
CA VAL A 243 -28.80 -21.70 2.91
C VAL A 243 -29.25 -22.57 1.72
N ALA A 244 -30.04 -23.62 2.00
CA ALA A 244 -30.50 -24.55 0.95
C ALA A 244 -31.23 -23.77 -0.15
N ALA A 245 -32.14 -22.89 0.24
CA ALA A 245 -32.89 -22.04 -0.69
C ALA A 245 -31.95 -21.11 -1.47
N ALA A 246 -31.04 -20.46 -0.77
CA ALA A 246 -30.13 -19.48 -1.37
C ALA A 246 -29.23 -20.15 -2.42
N MET A 247 -28.89 -21.44 -2.26
CA MET A 247 -27.88 -22.06 -3.13
C MET A 247 -28.50 -22.78 -4.33
N THR A 248 -29.82 -22.91 -4.39
CA THR A 248 -30.52 -23.71 -5.40
C THR A 248 -31.44 -22.84 -6.26
N GLN A 249 -31.19 -21.53 -6.36
CA GLN A 249 -32.12 -20.61 -7.07
C GLN A 249 -33.54 -20.84 -6.54
N GLY A 250 -33.67 -20.99 -5.24
CA GLY A 250 -34.93 -21.41 -4.62
C GLY A 250 -35.83 -20.26 -4.26
N ASN A 251 -37.03 -20.60 -3.81
CA ASN A 251 -38.03 -19.66 -3.27
C ASN A 251 -38.72 -20.37 -2.13
N VAL A 252 -38.22 -20.18 -0.91
CA VAL A 252 -38.65 -20.97 0.25
C VAL A 252 -39.08 -20.03 1.36
N LEU A 253 -40.26 -20.28 1.89
CA LEU A 253 -40.77 -19.60 3.08
C LEU A 253 -40.42 -20.48 4.29
N ILE A 254 -39.58 -19.93 5.18
CA ILE A 254 -39.27 -20.61 6.47
C ILE A 254 -40.34 -20.14 7.45
N ALA A 255 -41.29 -21.02 7.73
CA ALA A 255 -42.52 -20.69 8.47
C ALA A 255 -42.18 -20.19 9.87
N ASP A 256 -42.70 -19.01 10.20
CA ASP A 256 -42.62 -18.39 11.54
C ASP A 256 -41.15 -18.18 11.95
N ALA A 257 -40.23 -18.11 10.99
CA ALA A 257 -38.81 -17.87 11.33
C ALA A 257 -38.67 -16.53 12.09
N ILE A 258 -37.73 -16.50 13.01
CA ILE A 258 -37.43 -15.30 13.81
C ILE A 258 -36.19 -14.62 13.19
N SER A 259 -36.40 -13.57 12.41
CA SER A 259 -35.29 -12.91 11.67
C SER A 259 -34.27 -12.37 12.67
N GLU A 260 -34.70 -11.92 13.86
CA GLU A 260 -33.79 -11.36 14.93
C GLU A 260 -32.75 -12.43 15.30
N HIS A 261 -33.06 -13.72 15.12
CA HIS A 261 -32.15 -14.81 15.55
C HIS A 261 -31.15 -15.16 14.45
N ASN A 262 -31.27 -14.61 13.25
CA ASN A 262 -30.34 -14.95 12.13
C ASN A 262 -29.91 -13.66 11.41
N ARG A 263 -29.60 -12.58 12.14
CA ARG A 263 -29.19 -11.32 11.47
C ARG A 263 -27.88 -11.53 10.70
N PRO A 264 -26.83 -12.18 11.25
CA PRO A 264 -25.61 -12.35 10.46
C PRO A 264 -25.81 -13.21 9.21
N LEU A 265 -26.51 -14.33 9.38
CA LEU A 265 -26.74 -15.25 8.25
C LEU A 265 -27.51 -14.51 7.17
N ILE A 266 -28.58 -13.83 7.53
CA ILE A 266 -29.39 -13.10 6.55
C ILE A 266 -28.51 -12.08 5.82
N SER A 267 -27.71 -11.31 6.56
CA SER A 267 -26.85 -10.31 5.93
C SER A 267 -25.86 -10.98 4.95
N LYS A 268 -25.28 -12.11 5.34
CA LYS A 268 -24.25 -12.75 4.51
C LYS A 268 -24.91 -13.33 3.27
N LEU A 269 -26.09 -13.92 3.40
CA LEU A 269 -26.76 -14.49 2.21
C LEU A 269 -27.17 -13.39 1.25
N ILE A 270 -27.59 -12.22 1.76
CA ILE A 270 -27.82 -11.04 0.88
C ILE A 270 -26.51 -10.66 0.18
N GLU A 271 -25.36 -10.66 0.86
CA GLU A 271 -24.07 -10.36 0.18
C GLU A 271 -23.85 -11.33 -0.99
N MET A 272 -24.30 -12.57 -0.85
CA MET A 272 -24.13 -13.62 -1.89
C MET A 272 -25.18 -13.49 -2.99
N GLY A 273 -26.14 -12.57 -2.85
CA GLY A 273 -27.13 -12.23 -3.88
C GLY A 273 -28.54 -12.76 -3.56
N ALA A 274 -28.75 -13.38 -2.41
CA ALA A 274 -30.11 -13.80 -2.01
C ALA A 274 -30.97 -12.58 -1.79
N GLU A 275 -32.25 -12.72 -2.07
CA GLU A 275 -33.29 -11.74 -1.70
C GLU A 275 -34.04 -12.37 -0.52
N ILE A 276 -34.06 -11.68 0.62
CA ILE A 276 -34.65 -12.21 1.87
C ILE A 276 -35.71 -11.24 2.34
N ILE A 277 -36.92 -11.72 2.51
CA ILE A 277 -38.12 -10.88 2.78
C ILE A 277 -38.78 -11.38 4.07
N GLU A 278 -39.03 -10.48 4.98
CA GLU A 278 -39.80 -10.72 6.22
C GLU A 278 -41.27 -10.59 5.83
N GLU A 279 -42.01 -11.68 5.92
CA GLU A 279 -43.45 -11.75 5.58
C GLU A 279 -44.26 -12.11 6.81
N GLU A 280 -45.59 -12.03 6.67
CA GLU A 280 -46.52 -12.40 7.77
C GLU A 280 -46.29 -13.84 8.17
N GLY A 281 -45.97 -14.73 7.23
CA GLY A 281 -45.91 -16.17 7.52
C GLY A 281 -44.52 -16.65 7.86
N GLY A 282 -43.52 -15.80 7.75
CA GLY A 282 -42.14 -16.23 7.98
C GLY A 282 -41.12 -15.40 7.23
N VAL A 283 -39.95 -15.99 7.05
CA VAL A 283 -38.86 -15.36 6.26
C VAL A 283 -38.77 -16.11 4.93
N ARG A 284 -38.87 -15.37 3.83
CA ARG A 284 -38.73 -15.95 2.48
C ARG A 284 -37.32 -15.70 1.96
N VAL A 285 -36.71 -16.74 1.44
CA VAL A 285 -35.37 -16.67 0.81
C VAL A 285 -35.51 -17.04 -0.66
N ILE A 286 -35.02 -16.14 -1.52
CA ILE A 286 -34.99 -16.31 -2.99
C ILE A 286 -33.52 -16.37 -3.41
N GLY A 287 -33.08 -17.52 -3.88
CA GLY A 287 -31.68 -17.68 -4.30
C GLY A 287 -31.42 -17.03 -5.65
N PRO A 288 -30.21 -16.47 -5.84
CA PRO A 288 -29.89 -15.79 -7.09
C PRO A 288 -29.49 -16.78 -8.21
N LYS A 289 -29.60 -16.31 -9.45
CA LYS A 289 -29.04 -17.03 -10.62
C LYS A 289 -27.50 -17.08 -10.47
N HIS A 290 -26.88 -16.02 -9.97
CA HIS A 290 -25.41 -15.92 -9.84
C HIS A 290 -25.09 -15.76 -8.36
N ILE A 291 -24.63 -16.84 -7.73
CA ILE A 291 -24.19 -16.83 -6.31
C ILE A 291 -22.86 -16.09 -6.23
N LEU A 292 -22.78 -15.03 -5.43
CA LEU A 292 -21.55 -14.19 -5.31
C LEU A 292 -20.75 -14.65 -4.10
N PRO A 293 -19.39 -14.62 -4.20
CA PRO A 293 -18.56 -15.07 -3.07
C PRO A 293 -18.67 -14.11 -1.90
N THR A 294 -18.43 -14.62 -0.69
CA THR A 294 -18.34 -13.77 0.51
C THR A 294 -17.49 -14.49 1.55
N ASP A 295 -16.93 -13.70 2.46
CA ASP A 295 -16.08 -14.20 3.55
C ASP A 295 -16.92 -14.31 4.82
N VAL A 296 -16.60 -15.29 5.64
CA VAL A 296 -17.32 -15.57 6.92
C VAL A 296 -16.27 -15.63 8.02
N LYS A 297 -16.59 -15.03 9.15
CA LYS A 297 -15.80 -15.18 10.38
C LYS A 297 -16.76 -15.59 11.50
N THR A 298 -16.57 -16.75 12.09
CA THR A 298 -17.43 -17.18 13.19
C THR A 298 -17.01 -16.41 14.44
N MET A 299 -17.99 -16.12 15.28
N MET A 299 -17.99 -16.11 15.28
CA MET A 299 -17.82 -15.37 16.53
CA MET A 299 -17.82 -15.35 16.52
C MET A 299 -18.96 -15.76 17.46
C MET A 299 -18.96 -15.75 17.46
N PRO A 300 -18.77 -15.55 18.76
CA PRO A 300 -19.91 -15.59 19.68
C PRO A 300 -20.93 -14.53 19.29
N HIS A 301 -22.18 -14.75 19.70
CA HIS A 301 -23.24 -13.75 19.51
C HIS A 301 -22.64 -12.41 19.90
N PRO A 302 -22.81 -11.31 19.15
CA PRO A 302 -23.73 -11.17 18.02
C PRO A 302 -23.16 -11.36 16.61
N GLY A 303 -22.00 -11.97 16.52
CA GLY A 303 -21.37 -12.27 15.23
C GLY A 303 -21.95 -13.54 14.62
N PHE A 304 -21.27 -14.04 13.61
CA PHE A 304 -21.76 -15.13 12.78
C PHE A 304 -21.62 -16.44 13.54
N PRO A 305 -22.72 -17.22 13.72
CA PRO A 305 -22.69 -18.41 14.56
C PRO A 305 -21.85 -19.55 13.99
N THR A 306 -21.00 -20.13 14.82
CA THR A 306 -20.25 -21.34 14.40
C THR A 306 -21.21 -22.44 13.94
N ASP A 307 -22.40 -22.55 14.54
CA ASP A 307 -23.34 -23.63 14.12
C ASP A 307 -23.92 -23.40 12.73
N MET A 308 -23.64 -22.28 12.06
CA MET A 308 -24.03 -22.09 10.64
C MET A 308 -22.82 -22.25 9.72
N GLN A 309 -21.61 -22.41 10.24
CA GLN A 309 -20.37 -22.35 9.43
C GLN A 309 -20.32 -23.43 8.34
N ALA A 310 -20.54 -24.67 8.73
CA ALA A 310 -20.36 -25.80 7.80
C ALA A 310 -21.35 -25.60 6.66
N GLN A 311 -22.59 -25.33 7.01
CA GLN A 311 -23.64 -25.15 6.01
C GLN A 311 -23.25 -24.01 5.07
N MET A 312 -22.75 -22.92 5.62
CA MET A 312 -22.34 -21.76 4.83
C MET A 312 -21.19 -22.14 3.85
N THR A 313 -20.29 -23.03 4.22
CA THR A 313 -19.19 -23.42 3.31
C THR A 313 -19.79 -24.11 2.09
N ALA A 314 -20.92 -24.80 2.22
CA ALA A 314 -21.54 -25.46 1.05
C ALA A 314 -21.95 -24.42 0.01
N ILE A 315 -22.54 -23.30 0.42
CA ILE A 315 -22.91 -22.26 -0.57
C ILE A 315 -21.65 -21.52 -1.02
N GLN A 316 -20.68 -21.27 -0.13
CA GLN A 316 -19.42 -20.63 -0.56
C GLN A 316 -18.75 -21.48 -1.65
N LEU A 317 -18.81 -22.80 -1.55
CA LEU A 317 -18.08 -23.66 -2.49
C LEU A 317 -18.78 -23.72 -3.86
N VAL A 318 -19.96 -23.13 -4.01
CA VAL A 318 -20.61 -23.04 -5.35
C VAL A 318 -20.79 -21.58 -5.79
N ALA A 319 -20.21 -20.63 -5.06
CA ALA A 319 -20.23 -19.20 -5.45
C ALA A 319 -19.25 -18.94 -6.59
N GLU A 320 -19.48 -17.86 -7.32
CA GLU A 320 -18.74 -17.50 -8.57
C GLU A 320 -17.47 -16.74 -8.19
N GLY A 321 -16.55 -17.42 -7.53
CA GLY A 321 -15.28 -16.83 -7.11
C GLY A 321 -14.72 -17.46 -5.87
N THR A 322 -13.85 -16.72 -5.19
CA THR A 322 -13.12 -17.23 -4.04
C THR A 322 -13.72 -16.66 -2.75
N SER A 323 -14.00 -17.54 -1.80
CA SER A 323 -14.53 -17.20 -0.47
C SER A 323 -13.56 -17.71 0.60
N VAL A 324 -13.63 -17.06 1.76
CA VAL A 324 -12.78 -17.41 2.91
C VAL A 324 -13.70 -17.66 4.09
N VAL A 325 -13.38 -18.65 4.90
CA VAL A 325 -14.01 -18.82 6.23
C VAL A 325 -12.91 -18.86 7.27
N THR A 326 -13.15 -18.14 8.36
CA THR A 326 -12.29 -18.18 9.57
C THR A 326 -13.15 -18.68 10.73
N GLU A 327 -12.76 -19.78 11.32
CA GLU A 327 -13.46 -20.46 12.40
C GLU A 327 -12.73 -20.12 13.69
N THR A 328 -13.25 -19.18 14.45
CA THR A 328 -12.55 -18.72 15.68
C THR A 328 -13.07 -19.38 16.95
N VAL A 329 -14.15 -20.15 16.91
CA VAL A 329 -14.79 -20.65 18.14
C VAL A 329 -14.28 -22.05 18.48
N PHE A 330 -14.18 -22.93 17.47
CA PHE A 330 -13.76 -24.34 17.69
C PHE A 330 -12.51 -24.63 16.84
N GLU A 331 -11.62 -25.49 17.33
CA GLU A 331 -10.29 -25.75 16.73
C GLU A 331 -10.34 -26.77 15.59
N ASN A 332 -11.36 -27.59 15.50
CA ASN A 332 -11.39 -28.75 14.60
C ASN A 332 -12.76 -28.84 13.92
N ARG A 333 -13.20 -27.78 13.27
CA ARG A 333 -14.54 -27.76 12.65
C ARG A 333 -14.44 -27.58 11.12
N PHE A 334 -13.43 -28.15 10.49
CA PHE A 334 -13.31 -28.13 9.01
C PHE A 334 -13.34 -29.53 8.38
N GLN A 335 -13.65 -30.59 9.11
CA GLN A 335 -13.51 -31.94 8.50
C GLN A 335 -14.49 -32.15 7.34
N HIS A 336 -15.61 -31.46 7.32
CA HIS A 336 -16.55 -31.56 6.18
C HIS A 336 -15.87 -31.06 4.90
N LEU A 337 -14.94 -30.08 5.00
CA LEU A 337 -14.26 -29.56 3.77
C LEU A 337 -13.37 -30.65 3.20
N GLU A 338 -12.73 -31.45 4.07
CA GLU A 338 -11.90 -32.58 3.60
C GLU A 338 -12.80 -33.56 2.83
N GLU A 339 -13.99 -33.83 3.35
CA GLU A 339 -14.92 -34.75 2.67
C GLU A 339 -15.39 -34.15 1.35
N MET A 340 -15.67 -32.85 1.30
CA MET A 340 -16.13 -32.21 0.06
C MET A 340 -15.02 -32.26 -1.01
N ARG A 341 -13.74 -32.42 -0.67
CA ARG A 341 -12.71 -32.65 -1.69
C ARG A 341 -13.08 -33.86 -2.55
N ARG A 342 -13.71 -34.89 -1.97
CA ARG A 342 -14.11 -36.11 -2.72
C ARG A 342 -15.13 -35.71 -3.77
N MET A 343 -15.84 -34.60 -3.57
CA MET A 343 -16.88 -34.07 -4.48
C MET A 343 -16.29 -33.00 -5.42
N ASN A 344 -14.96 -32.95 -5.56
CA ASN A 344 -14.22 -32.02 -6.44
C ASN A 344 -14.20 -30.60 -5.84
N ALA A 345 -14.43 -30.42 -4.54
CA ALA A 345 -14.29 -29.09 -3.92
C ALA A 345 -12.82 -28.67 -3.93
N HIS A 346 -12.57 -27.43 -4.32
CA HIS A 346 -11.22 -26.81 -4.34
C HIS A 346 -11.07 -25.93 -3.11
N VAL A 347 -10.36 -26.43 -2.10
CA VAL A 347 -10.28 -25.70 -0.80
C VAL A 347 -8.89 -25.87 -0.20
N LYS A 348 -8.31 -24.78 0.28
CA LYS A 348 -6.98 -24.78 0.95
C LYS A 348 -7.23 -24.45 2.42
N ILE A 349 -6.71 -25.27 3.31
CA ILE A 349 -6.91 -25.09 4.76
C ILE A 349 -5.55 -24.78 5.38
N ASP A 350 -5.50 -23.74 6.19
CA ASP A 350 -4.28 -23.33 6.93
C ASP A 350 -4.74 -22.90 8.33
N GLY A 351 -4.55 -23.76 9.33
CA GLY A 351 -5.03 -23.49 10.70
C GLY A 351 -6.54 -23.23 10.71
N ASN A 352 -6.95 -22.05 11.17
CA ASN A 352 -8.40 -21.77 11.33
C ASN A 352 -8.98 -21.04 10.11
N VAL A 353 -8.28 -21.07 8.96
CA VAL A 353 -8.75 -20.36 7.75
C VAL A 353 -8.85 -21.35 6.59
N ALA A 354 -9.96 -21.35 5.91
CA ALA A 354 -10.15 -22.13 4.67
C ALA A 354 -10.46 -21.17 3.52
N ILE A 355 -9.79 -21.39 2.39
CA ILE A 355 -9.98 -20.60 1.15
C ILE A 355 -10.62 -21.53 0.12
N MET A 356 -11.79 -21.13 -0.35
CA MET A 356 -12.66 -21.96 -1.23
C MET A 356 -12.75 -21.32 -2.61
N ASP A 357 -12.38 -22.08 -3.62
CA ASP A 357 -12.53 -21.67 -5.04
C ASP A 357 -13.82 -22.31 -5.55
N GLY A 358 -14.88 -21.50 -5.66
CA GLY A 358 -16.20 -21.96 -6.10
C GLY A 358 -16.35 -22.10 -7.60
N ASN A 359 -15.34 -21.75 -8.41
CA ASN A 359 -15.43 -21.84 -9.89
C ASN A 359 -15.14 -23.26 -10.41
N HIS A 360 -15.75 -24.24 -9.78
CA HIS A 360 -15.62 -25.67 -10.16
C HIS A 360 -16.98 -26.32 -9.94
N GLU A 361 -17.33 -27.32 -10.71
CA GLU A 361 -18.60 -28.05 -10.54
C GLU A 361 -18.37 -29.16 -9.52
N LEU A 362 -19.14 -29.21 -8.46
CA LEU A 362 -19.10 -30.34 -7.51
C LEU A 362 -19.63 -31.58 -8.19
N GLN A 363 -19.09 -32.73 -7.79
CA GLN A 363 -19.45 -34.05 -8.36
C GLN A 363 -19.93 -34.93 -7.24
N GLY A 364 -21.00 -35.68 -7.45
CA GLY A 364 -21.51 -36.62 -6.45
C GLY A 364 -20.44 -37.59 -5.99
N ALA A 365 -20.41 -37.89 -4.71
CA ALA A 365 -19.50 -38.87 -4.12
C ALA A 365 -20.12 -39.43 -2.86
N GLU A 366 -19.54 -40.51 -2.36
CA GLU A 366 -19.85 -41.09 -1.05
C GLU A 366 -19.03 -40.31 -0.02
N VAL A 367 -19.73 -39.63 0.89
CA VAL A 367 -19.06 -38.77 1.89
C VAL A 367 -19.55 -39.14 3.29
N TYR A 368 -18.71 -38.88 4.27
CA TYR A 368 -18.85 -39.37 5.66
C TYR A 368 -18.94 -38.19 6.58
N ALA A 369 -20.09 -37.93 7.17
CA ALA A 369 -20.22 -36.91 8.23
C ALA A 369 -19.33 -37.26 9.41
N THR A 370 -18.80 -36.23 10.05
CA THR A 370 -18.00 -36.37 11.28
C THR A 370 -18.71 -35.77 12.49
N ASP A 371 -19.76 -35.00 12.27
CA ASP A 371 -20.46 -34.27 13.33
C ASP A 371 -21.78 -33.75 12.76
N LEU A 372 -22.65 -33.27 13.64
CA LEU A 372 -24.05 -32.88 13.32
C LEU A 372 -24.09 -31.89 12.13
N ARG A 373 -23.52 -30.71 12.24
CA ARG A 373 -23.67 -29.70 11.17
C ARG A 373 -22.91 -30.11 9.90
N ALA A 374 -21.83 -30.88 10.02
CA ALA A 374 -21.10 -31.40 8.85
C ALA A 374 -22.08 -32.27 8.04
N ALA A 375 -22.86 -33.10 8.71
CA ALA A 375 -23.85 -33.96 7.99
C ALA A 375 -24.78 -33.08 7.15
N ALA A 376 -25.36 -32.06 7.75
CA ALA A 376 -26.28 -31.15 7.03
C ALA A 376 -25.55 -30.47 5.87
N ALA A 377 -24.31 -30.04 6.10
CA ALA A 377 -23.51 -29.36 5.06
C ALA A 377 -23.27 -30.29 3.86
N LEU A 378 -23.02 -31.57 4.10
CA LEU A 378 -22.77 -32.51 3.00
C LEU A 378 -24.05 -32.71 2.21
N VAL A 379 -25.19 -32.77 2.87
CA VAL A 379 -26.48 -32.93 2.13
C VAL A 379 -26.68 -31.69 1.26
N LEU A 380 -26.42 -30.49 1.81
CA LEU A 380 -26.56 -29.23 1.04
C LEU A 380 -25.62 -29.24 -0.16
N ALA A 381 -24.37 -29.65 0.01
CA ALA A 381 -23.44 -29.73 -1.13
C ALA A 381 -24.02 -30.66 -2.19
N GLY A 382 -24.61 -31.77 -1.75
CA GLY A 382 -25.29 -32.70 -2.68
C GLY A 382 -26.32 -32.02 -3.56
N LEU A 383 -27.05 -31.09 -3.02
CA LEU A 383 -28.11 -30.35 -3.77
C LEU A 383 -27.53 -29.66 -5.03
N LYS A 384 -26.24 -29.33 -5.03
CA LYS A 384 -25.59 -28.62 -6.13
C LYS A 384 -24.56 -29.49 -6.88
N ALA A 385 -24.43 -30.75 -6.54
CA ALA A 385 -23.41 -31.63 -7.15
C ALA A 385 -24.00 -32.30 -8.39
N ASN A 386 -23.17 -32.53 -9.38
CA ASN A 386 -23.52 -33.28 -10.60
C ASN A 386 -23.59 -34.77 -10.21
N GLY A 387 -24.78 -35.37 -10.29
CA GLY A 387 -24.97 -36.80 -10.03
C GLY A 387 -25.39 -37.11 -8.61
N ILE A 388 -24.93 -38.24 -8.10
CA ILE A 388 -25.44 -38.86 -6.88
C ILE A 388 -24.43 -38.65 -5.75
N THR A 389 -24.90 -38.04 -4.67
CA THR A 389 -24.15 -37.89 -3.41
C THR A 389 -24.77 -38.81 -2.37
N ARG A 390 -23.95 -39.55 -1.66
CA ARG A 390 -24.41 -40.45 -0.59
C ARG A 390 -23.75 -39.95 0.70
N VAL A 391 -24.55 -39.46 1.62
CA VAL A 391 -24.08 -38.94 2.93
C VAL A 391 -24.27 -40.01 3.99
N ARG A 392 -23.18 -40.41 4.63
CA ARG A 392 -23.16 -41.49 5.63
C ARG A 392 -22.83 -40.93 7.02
N ASN A 393 -23.08 -41.78 8.02
CA ASN A 393 -22.97 -41.49 9.46
C ASN A 393 -24.09 -40.55 9.88
N LEU A 394 -25.33 -40.99 9.69
CA LEU A 394 -26.51 -40.17 9.99
C LEU A 394 -26.77 -40.10 11.51
N ASN A 395 -26.13 -40.95 12.32
CA ASN A 395 -26.17 -40.81 13.80
C ASN A 395 -25.87 -39.35 14.16
N TYR A 396 -24.94 -38.70 13.46
CA TYR A 396 -24.57 -37.31 13.82
C TYR A 396 -25.74 -36.38 13.49
N LEU A 397 -26.36 -36.58 12.31
CA LEU A 397 -27.46 -35.73 11.82
C LEU A 397 -28.63 -35.79 12.82
N ASP A 398 -28.94 -36.99 13.32
CA ASP A 398 -30.14 -37.27 14.10
C ASP A 398 -30.07 -36.57 15.47
N ARG A 399 -28.90 -36.05 15.86
CA ARG A 399 -28.77 -35.27 17.10
C ARG A 399 -29.46 -33.91 17.00
N GLY A 400 -29.68 -33.38 15.78
CA GLY A 400 -30.16 -32.03 15.63
C GLY A 400 -31.17 -31.78 14.57
N TYR A 401 -31.48 -32.75 13.70
CA TYR A 401 -32.50 -32.57 12.65
C TYR A 401 -33.52 -33.69 12.76
N TYR A 402 -34.79 -33.34 12.68
CA TYR A 402 -35.90 -34.29 12.52
C TYR A 402 -36.42 -34.21 11.10
N ASN A 403 -36.55 -35.39 10.46
CA ASN A 403 -37.19 -35.52 9.14
C ASN A 403 -36.53 -34.62 8.10
N PHE A 404 -35.20 -34.40 8.17
CA PHE A 404 -34.49 -33.53 7.26
C PHE A 404 -34.75 -33.91 5.80
N HIS A 405 -34.69 -35.20 5.48
CA HIS A 405 -34.89 -35.67 4.08
C HIS A 405 -36.32 -35.41 3.62
N ILE A 406 -37.29 -35.56 4.52
CA ILE A 406 -38.72 -35.36 4.16
C ILE A 406 -38.95 -33.85 3.90
N LYS A 407 -38.42 -33.00 4.74
CA LYS A 407 -38.63 -31.55 4.58
C LYS A 407 -38.00 -31.09 3.26
N LEU A 408 -36.83 -31.62 2.90
CA LEU A 408 -36.18 -31.26 1.64
C LEU A 408 -37.00 -31.78 0.47
N GLN A 409 -37.50 -33.01 0.57
CA GLN A 409 -38.32 -33.65 -0.51
C GLN A 409 -39.53 -32.75 -0.78
N GLN A 410 -40.16 -32.27 0.29
CA GLN A 410 -41.38 -31.45 0.19
C GLN A 410 -41.11 -30.10 -0.49
N LEU A 411 -39.86 -29.65 -0.53
CA LEU A 411 -39.46 -28.42 -1.25
C LEU A 411 -39.06 -28.73 -2.70
N GLY A 412 -39.14 -30.00 -3.13
CA GLY A 412 -38.75 -30.41 -4.47
C GLY A 412 -37.34 -30.95 -4.61
N ALA A 413 -36.58 -31.09 -3.52
CA ALA A 413 -35.22 -31.63 -3.57
C ALA A 413 -35.35 -33.14 -3.82
N ASP A 414 -34.39 -33.70 -4.53
CA ASP A 414 -34.31 -35.14 -4.77
C ASP A 414 -33.40 -35.72 -3.69
N VAL A 415 -34.00 -35.98 -2.53
CA VAL A 415 -33.29 -36.43 -1.30
C VAL A 415 -34.07 -37.59 -0.71
N GLU A 416 -33.39 -38.70 -0.44
N GLU A 416 -33.38 -38.70 -0.43
CA GLU A 416 -34.02 -39.91 0.15
CA GLU A 416 -34.01 -39.91 0.14
C GLU A 416 -33.14 -40.40 1.29
C GLU A 416 -33.14 -40.40 1.30
N ARG A 417 -33.76 -41.04 2.27
CA ARG A 417 -33.03 -41.73 3.34
C ARG A 417 -33.30 -43.21 3.20
N VAL A 418 -32.27 -44.01 2.97
CA VAL A 418 -32.41 -45.46 2.63
C VAL A 418 -31.39 -46.29 3.38
N ASP A 419 -31.70 -47.57 3.52
CA ASP A 419 -30.75 -48.55 4.11
C ASP A 419 -29.56 -48.68 3.15
N MET A 420 -28.34 -48.77 3.66
CA MET A 420 -27.20 -49.31 2.88
C MET A 420 -27.31 -50.84 2.93
N MET B 1 18.69 6.52 21.75
CA MET B 1 18.99 7.78 22.45
C MET B 1 18.59 7.62 23.92
N GLU B 2 17.35 7.20 24.26
CA GLU B 2 16.90 7.16 25.68
C GLU B 2 16.45 5.76 26.11
N GLU B 3 16.50 5.53 27.41
CA GLU B 3 16.01 4.29 28.06
C GLU B 3 15.31 4.63 29.36
N ILE B 4 14.41 3.75 29.76
CA ILE B 4 13.81 3.86 31.12
C ILE B 4 14.56 2.86 31.99
N ILE B 5 15.06 3.34 33.11
CA ILE B 5 15.80 2.49 34.05
C ILE B 5 14.93 2.30 35.30
N VAL B 6 14.79 1.05 35.70
CA VAL B 6 13.95 0.66 36.84
C VAL B 6 14.81 -0.12 37.82
N ARG B 7 14.61 0.15 39.10
CA ARG B 7 15.05 -0.76 40.16
C ARG B 7 13.79 -1.31 40.81
N GLY B 8 13.71 -2.62 40.93
CA GLY B 8 12.52 -3.26 41.49
C GLY B 8 12.48 -3.19 43.01
N GLY B 9 11.33 -3.55 43.58
CA GLY B 9 11.21 -3.82 45.03
C GLY B 9 10.58 -2.69 45.82
N ASN B 10 9.98 -1.69 45.20
CA ASN B 10 9.28 -0.55 45.88
C ASN B 10 7.77 -0.77 45.75
N GLN B 11 7.04 -0.48 46.82
CA GLN B 11 5.56 -0.39 46.80
C GLN B 11 5.13 0.93 46.20
N LEU B 12 4.09 0.91 45.39
CA LEU B 12 3.54 2.14 44.80
C LEU B 12 2.41 2.64 45.69
N ASN B 13 2.42 3.92 46.02
CA ASN B 13 1.40 4.52 46.91
C ASN B 13 1.18 5.94 46.43
N GLY B 14 -0.09 6.34 46.39
CA GLY B 14 -0.47 7.74 46.16
C GLY B 14 -1.57 7.82 45.12
N THR B 15 -1.64 8.96 44.46
CA THR B 15 -2.72 9.27 43.50
C THR B 15 -2.07 9.49 42.14
N VAL B 16 -2.63 8.91 41.09
CA VAL B 16 -2.13 9.14 39.71
C VAL B 16 -3.24 9.76 38.86
N ARG B 17 -2.88 10.77 38.08
CA ARG B 17 -3.79 11.46 37.12
C ARG B 17 -3.57 10.86 35.74
N ILE B 18 -4.67 10.64 35.02
CA ILE B 18 -4.69 9.97 33.71
C ILE B 18 -5.05 10.99 32.63
N GLU B 19 -4.39 10.89 31.49
CA GLU B 19 -4.61 11.78 30.34
C GLU B 19 -5.89 11.37 29.59
N GLY B 20 -6.31 12.23 28.69
CA GLY B 20 -7.33 11.89 27.68
C GLY B 20 -6.88 10.70 26.86
N ALA B 21 -7.84 9.95 26.35
CA ALA B 21 -7.58 8.67 25.68
C ALA B 21 -6.92 8.89 24.31
N LYS B 22 -5.77 8.23 24.12
CA LYS B 22 -5.11 8.08 22.81
C LYS B 22 -6.14 7.66 21.78
N ASN B 23 -6.89 6.64 22.09
CA ASN B 23 -7.75 6.02 21.05
C ASN B 23 -9.12 6.68 20.92
N ALA B 24 -9.42 7.72 21.71
CA ALA B 24 -10.58 8.59 21.45
C ALA B 24 -10.11 9.85 20.73
N VAL B 25 -8.98 10.44 21.11
CA VAL B 25 -8.60 11.74 20.51
C VAL B 25 -8.33 11.56 19.01
N LEU B 26 -7.75 10.43 18.61
CA LEU B 26 -7.32 10.27 17.21
C LEU B 26 -8.53 10.23 16.27
N PRO B 27 -9.54 9.36 16.50
CA PRO B 27 -10.70 9.43 15.60
C PRO B 27 -11.49 10.74 15.76
N ILE B 28 -11.46 11.36 16.93
CA ILE B 28 -12.17 12.65 17.10
C ILE B 28 -11.44 13.78 16.33
N LEU B 29 -10.10 13.76 16.25
CA LEU B 29 -9.37 14.67 15.35
C LEU B 29 -9.84 14.44 13.89
N ALA B 30 -9.96 13.20 13.46
CA ALA B 30 -10.50 12.91 12.12
C ALA B 30 -11.90 13.49 11.99
N ALA B 31 -12.74 13.32 13.02
CA ALA B 31 -14.14 13.81 12.97
C ALA B 31 -14.14 15.32 12.78
N SER B 32 -13.14 16.04 13.30
CA SER B 32 -13.09 17.51 13.15
C SER B 32 -13.06 17.90 11.67
N LEU B 33 -12.63 17.02 10.76
CA LEU B 33 -12.66 17.28 9.31
C LEU B 33 -14.10 17.45 8.81
N LEU B 34 -15.09 16.96 9.54
CA LEU B 34 -16.50 17.06 9.08
C LEU B 34 -17.06 18.46 9.32
N ALA B 35 -16.40 19.30 10.14
CA ALA B 35 -16.96 20.61 10.54
C ALA B 35 -16.73 21.63 9.42
N GLU B 36 -17.75 21.83 8.58
CA GLU B 36 -17.71 22.72 7.40
C GLU B 36 -17.70 24.19 7.84
N GLU B 37 -18.20 24.48 9.05
CA GLU B 37 -18.19 25.86 9.58
C GLU B 37 -17.81 25.80 11.06
N GLY B 38 -17.19 26.86 11.55
CA GLY B 38 -16.73 26.97 12.94
C GLY B 38 -15.36 26.37 13.15
N ILE B 39 -14.90 26.51 14.37
CA ILE B 39 -13.57 26.05 14.86
C ILE B 39 -13.83 25.00 15.94
N THR B 40 -13.26 23.82 15.77
CA THR B 40 -13.39 22.75 16.79
C THR B 40 -12.38 23.07 17.89
N THR B 41 -12.80 22.99 19.15
CA THR B 41 -11.87 23.01 20.29
C THR B 41 -11.97 21.69 21.06
N LEU B 42 -10.88 20.93 21.06
CA LEU B 42 -10.76 19.68 21.83
C LEU B 42 -9.96 19.96 23.10
N ASP B 43 -10.51 19.57 24.23
CA ASP B 43 -9.85 19.65 25.53
C ASP B 43 -9.49 18.26 26.03
N ASN B 44 -8.57 18.20 26.98
CA ASN B 44 -8.03 16.97 27.57
C ASN B 44 -7.31 16.14 26.49
N VAL B 45 -6.62 16.83 25.59
CA VAL B 45 -5.79 16.18 24.53
C VAL B 45 -4.45 15.76 25.12
N PRO B 46 -4.10 14.46 25.07
CA PRO B 46 -2.83 14.00 25.63
C PRO B 46 -1.65 14.38 24.72
N ILE B 47 -0.51 14.66 25.33
CA ILE B 47 0.74 14.98 24.58
C ILE B 47 1.42 13.66 24.21
N LEU B 48 1.02 13.14 23.05
CA LEU B 48 1.44 11.83 22.50
C LEU B 48 2.01 12.01 21.10
N SER B 49 2.99 11.20 20.71
CA SER B 49 3.57 11.31 19.34
C SER B 49 2.43 11.09 18.31
N ASP B 50 1.45 10.23 18.59
CA ASP B 50 0.35 10.00 17.62
C ASP B 50 -0.50 11.26 17.43
N VAL B 51 -0.63 12.12 18.43
CA VAL B 51 -1.37 13.38 18.23
C VAL B 51 -0.59 14.29 17.28
N PHE B 52 0.72 14.44 17.49
CA PHE B 52 1.53 15.25 16.55
C PHE B 52 1.44 14.68 15.13
N THR B 53 1.50 13.35 15.00
CA THR B 53 1.45 12.69 13.68
C THR B 53 0.09 12.95 13.03
N MET B 54 -0.97 12.73 13.76
CA MET B 54 -2.36 12.91 13.25
C MET B 54 -2.56 14.37 12.84
N ASN B 55 -2.05 15.31 13.64
CA ASN B 55 -2.20 16.75 13.31
C ASN B 55 -1.52 17.09 11.97
N GLN B 56 -0.38 16.46 11.67
CA GLN B 56 0.33 16.66 10.39
C GLN B 56 -0.48 16.01 9.24
N VAL B 57 -1.08 14.84 9.45
CA VAL B 57 -1.98 14.24 8.43
C VAL B 57 -3.05 15.27 8.09
N ILE B 58 -3.70 15.82 9.10
CA ILE B 58 -4.86 16.72 8.91
C ILE B 58 -4.40 18.05 8.29
N ARG B 59 -3.29 18.65 8.75
CA ARG B 59 -2.88 19.93 8.15
C ARG B 59 -2.69 19.80 6.64
N HIS B 60 -2.17 18.65 6.17
CA HIS B 60 -1.88 18.39 4.73
CA HIS B 60 -1.89 18.40 4.73
C HIS B 60 -3.19 18.34 3.93
N LEU B 61 -4.35 18.24 4.60
CA LEU B 61 -5.68 18.23 3.93
C LEU B 61 -6.24 19.64 3.80
N ASN B 62 -5.43 20.68 4.05
CA ASN B 62 -5.81 22.11 3.95
C ASN B 62 -6.65 22.50 5.16
N VAL B 63 -6.12 22.23 6.34
CA VAL B 63 -6.80 22.43 7.63
C VAL B 63 -5.78 23.08 8.58
N ASP B 64 -6.23 24.03 9.37
CA ASP B 64 -5.37 24.66 10.40
C ASP B 64 -5.54 23.89 11.72
N VAL B 65 -4.42 23.49 12.31
CA VAL B 65 -4.41 22.70 13.57
C VAL B 65 -3.41 23.34 14.50
N ASP B 66 -3.87 23.77 15.67
CA ASP B 66 -3.00 24.44 16.68
C ASP B 66 -3.12 23.62 17.99
N PHE B 67 -1.99 23.11 18.46
CA PHE B 67 -1.92 22.29 19.69
C PHE B 67 -1.25 23.12 20.79
N ASP B 68 -2.05 23.60 21.74
CA ASP B 68 -1.52 24.30 22.94
C ASP B 68 -1.25 23.23 24.00
N GLU B 69 0.00 22.78 24.11
CA GLU B 69 0.33 21.62 24.99
C GLU B 69 0.09 21.97 26.46
N GLN B 70 0.37 23.20 26.87
CA GLN B 70 0.22 23.67 28.28
C GLN B 70 -1.27 23.54 28.67
N LYS B 71 -2.20 23.76 27.73
CA LYS B 71 -3.66 23.70 28.00
C LYS B 71 -4.26 22.33 27.62
N ASN B 72 -3.46 21.42 27.06
CA ASN B 72 -3.94 20.12 26.53
C ASN B 72 -5.11 20.40 25.58
N GLN B 73 -4.93 21.39 24.70
CA GLN B 73 -6.05 21.85 23.85
C GLN B 73 -5.63 21.91 22.37
N VAL B 74 -6.48 21.38 21.50
CA VAL B 74 -6.28 21.50 20.03
C VAL B 74 -7.46 22.30 19.44
N THR B 75 -7.15 23.23 18.56
CA THR B 75 -8.14 23.97 17.76
C THR B 75 -7.97 23.55 16.31
N ILE B 76 -9.07 23.30 15.62
CA ILE B 76 -9.07 22.83 14.21
C ILE B 76 -9.99 23.74 13.41
N ASP B 77 -9.47 24.28 12.31
CA ASP B 77 -10.29 25.00 11.29
C ASP B 77 -10.25 24.20 10.00
N ALA B 78 -11.31 23.44 9.74
CA ALA B 78 -11.48 22.61 8.53
C ALA B 78 -12.51 23.23 7.59
N SER B 79 -12.78 24.52 7.70
CA SER B 79 -13.86 25.20 6.92
C SER B 79 -13.46 25.43 5.46
N ARG B 80 -12.19 25.28 5.08
CA ARG B 80 -11.79 25.47 3.67
C ARG B 80 -12.11 24.22 2.86
N GLN B 81 -11.99 24.31 1.53
CA GLN B 81 -12.06 23.16 0.60
C GLN B 81 -10.93 22.19 0.95
N LEU B 82 -11.28 20.97 1.39
CA LEU B 82 -10.26 19.97 1.79
C LEU B 82 -9.57 19.43 0.55
N GLU B 83 -8.28 19.16 0.71
CA GLU B 83 -7.50 18.36 -0.27
C GLU B 83 -7.84 16.93 0.03
N ILE B 84 -7.61 16.03 -0.91
CA ILE B 84 -8.09 14.67 -0.64
C ILE B 84 -7.00 13.62 -0.55
N GLU B 85 -5.73 13.98 -0.70
CA GLU B 85 -4.65 12.99 -0.53
C GLU B 85 -3.95 13.19 0.81
N ALA B 86 -4.01 12.19 1.67
CA ALA B 86 -3.29 12.20 2.97
C ALA B 86 -1.81 11.85 2.72
N PRO B 87 -0.89 12.46 3.47
CA PRO B 87 0.56 12.31 3.19
C PRO B 87 1.13 11.00 3.77
N TYR B 88 1.66 10.16 2.91
CA TYR B 88 2.22 8.82 3.26
C TYR B 88 3.21 8.95 4.43
N GLU B 89 4.03 9.97 4.40
CA GLU B 89 5.11 10.13 5.40
C GLU B 89 4.53 10.03 6.80
N TYR B 90 3.35 10.58 7.02
CA TYR B 90 2.70 10.59 8.34
C TYR B 90 1.69 9.42 8.45
N VAL B 91 0.91 9.15 7.41
CA VAL B 91 -0.10 8.07 7.45
C VAL B 91 0.57 6.75 7.84
N SER B 92 1.77 6.48 7.31
CA SER B 92 2.47 5.19 7.46
C SER B 92 3.04 5.00 8.88
N GLN B 93 3.00 6.03 9.73
CA GLN B 93 3.70 6.00 11.03
C GLN B 93 2.69 5.85 12.17
N MET B 94 1.40 5.61 11.90
CA MET B 94 0.41 5.38 12.97
C MET B 94 -0.78 4.61 12.37
N ARG B 95 -1.66 4.13 13.20
CA ARG B 95 -2.86 3.35 12.74
C ARG B 95 -4.04 4.24 12.37
N ALA B 96 -4.41 5.19 13.23
CA ALA B 96 -5.68 5.93 13.12
C ALA B 96 -5.65 6.90 11.94
N SER B 97 -4.50 7.13 11.29
CA SER B 97 -4.42 7.96 10.09
C SER B 97 -5.45 7.50 9.05
N ILE B 98 -5.75 6.20 9.02
CA ILE B 98 -6.68 5.69 7.97
C ILE B 98 -8.09 6.23 8.18
N VAL B 99 -8.47 6.66 9.38
CA VAL B 99 -9.85 7.10 9.61
C VAL B 99 -10.09 8.53 9.18
N VAL B 100 -9.16 9.15 8.43
CA VAL B 100 -9.50 10.38 7.68
C VAL B 100 -10.28 10.01 6.40
N MET B 101 -10.29 8.73 5.99
CA MET B 101 -10.95 8.36 4.72
C MET B 101 -12.43 8.66 4.81
N GLY B 102 -13.09 8.32 5.92
CA GLY B 102 -14.55 8.48 6.03
C GLY B 102 -14.94 9.93 5.91
N PRO B 103 -14.33 10.82 6.73
CA PRO B 103 -14.63 12.23 6.60
C PRO B 103 -14.35 12.86 5.23
N LEU B 104 -13.27 12.43 4.59
CA LEU B 104 -12.94 12.95 3.24
C LEU B 104 -14.03 12.51 2.26
N LEU B 105 -14.51 11.28 2.36
CA LEU B 105 -15.65 10.84 1.52
C LEU B 105 -16.89 11.66 1.83
N ALA B 106 -17.19 11.89 3.09
CA ALA B 106 -18.36 12.69 3.50
C ALA B 106 -18.25 14.11 2.95
N ARG B 107 -17.09 14.75 3.00
CA ARG B 107 -16.94 16.18 2.63
C ARG B 107 -16.82 16.33 1.12
N ASN B 108 -16.02 15.47 0.50
CA ASN B 108 -15.55 15.68 -0.89
C ASN B 108 -15.92 14.53 -1.82
N GLY B 109 -16.40 13.39 -1.31
CA GLY B 109 -16.64 12.22 -2.17
C GLY B 109 -15.37 11.66 -2.79
N HIS B 110 -14.22 11.92 -2.18
CA HIS B 110 -12.92 11.48 -2.75
C HIS B 110 -11.90 11.41 -1.64
N ALA B 111 -11.16 10.31 -1.57
CA ALA B 111 -10.08 10.13 -0.57
C ALA B 111 -8.95 9.31 -1.20
N LYS B 112 -7.71 9.71 -0.96
CA LYS B 112 -6.51 8.92 -1.32
C LYS B 112 -5.68 8.76 -0.06
N VAL B 113 -5.54 7.52 0.45
CA VAL B 113 -4.82 7.28 1.72
C VAL B 113 -3.97 6.02 1.64
N ALA B 114 -2.76 6.05 2.12
CA ALA B 114 -1.90 4.84 2.06
C ALA B 114 -2.32 3.83 3.14
N MET B 115 -1.78 2.62 3.06
N MET B 115 -1.82 2.58 3.07
CA MET B 115 -1.91 1.62 4.15
CA MET B 115 -2.02 1.59 4.18
C MET B 115 -1.33 2.27 5.40
C MET B 115 -1.35 2.22 5.39
N PRO B 116 -2.05 2.28 6.53
CA PRO B 116 -1.49 2.88 7.74
C PRO B 116 -0.47 2.00 8.42
N GLY B 117 0.26 2.62 9.34
CA GLY B 117 1.17 1.91 10.22
C GLY B 117 0.58 1.64 11.57
N GLY B 118 1.36 1.88 12.60
CA GLY B 118 0.99 1.56 13.97
C GLY B 118 1.68 0.33 14.54
N CYS B 119 1.16 -0.13 15.66
CA CYS B 119 1.70 -1.28 16.42
C CYS B 119 1.91 -2.45 15.45
N ALA B 120 3.12 -2.99 15.38
CA ALA B 120 3.48 -4.08 14.46
C ALA B 120 3.20 -5.42 15.15
N ILE B 121 1.91 -5.72 15.34
CA ILE B 121 1.45 -6.84 16.20
C ILE B 121 0.55 -7.79 15.41
N GLY B 122 0.58 -7.70 14.11
CA GLY B 122 -0.19 -8.60 13.24
C GLY B 122 -0.42 -8.00 11.89
N LYS B 123 -1.13 -8.71 11.01
CA LYS B 123 -1.43 -8.26 9.63
C LYS B 123 -2.22 -6.93 9.60
N ARG B 124 -3.13 -6.74 10.49
CA ARG B 124 -3.96 -5.48 10.55
C ARG B 124 -4.48 -4.99 9.20
N PRO B 125 -5.29 -5.81 8.49
CA PRO B 125 -5.93 -5.34 7.27
C PRO B 125 -6.97 -4.24 7.52
N ILE B 126 -7.42 -3.62 6.42
CA ILE B 126 -8.46 -2.57 6.44
C ILE B 126 -9.62 -2.96 5.50
N ASP B 127 -9.72 -4.24 5.19
CA ASP B 127 -10.74 -4.73 4.21
C ASP B 127 -12.14 -4.31 4.67
N LEU B 128 -12.42 -4.32 5.98
CA LEU B 128 -13.78 -4.00 6.44
C LEU B 128 -14.09 -2.53 6.27
N HIS B 129 -13.10 -1.66 6.34
CA HIS B 129 -13.32 -0.23 6.06
C HIS B 129 -13.77 -0.08 4.60
N LEU B 130 -13.03 -0.72 3.69
CA LEU B 130 -13.28 -0.61 2.23
C LEU B 130 -14.61 -1.26 1.89
N LYS B 131 -14.95 -2.38 2.52
CA LYS B 131 -16.27 -3.03 2.32
C LYS B 131 -17.39 -2.06 2.71
N GLY B 132 -17.25 -1.36 3.82
CA GLY B 132 -18.29 -0.43 4.24
C GLY B 132 -18.43 0.75 3.30
N PHE B 133 -17.32 1.30 2.83
CA PHE B 133 -17.39 2.44 1.90
C PHE B 133 -18.01 2.01 0.57
N GLN B 134 -17.65 0.83 0.07
CA GLN B 134 -18.28 0.26 -1.13
C GLN B 134 -19.80 0.14 -0.90
N ALA B 135 -20.24 -0.30 0.27
CA ALA B 135 -21.68 -0.49 0.56
C ALA B 135 -22.40 0.86 0.50
N LEU B 136 -21.70 1.97 0.81
CA LEU B 136 -22.27 3.33 0.80
C LEU B 136 -22.20 3.94 -0.62
N GLY B 137 -21.63 3.24 -1.59
CA GLY B 137 -21.58 3.69 -2.99
C GLY B 137 -20.20 4.11 -3.46
N ALA B 138 -19.15 3.94 -2.68
CA ALA B 138 -17.80 4.29 -3.13
C ALA B 138 -17.26 3.21 -4.09
N LYS B 139 -16.54 3.66 -5.11
CA LYS B 139 -15.63 2.81 -5.90
C LYS B 139 -14.28 2.83 -5.19
N ILE B 140 -13.71 1.66 -4.97
CA ILE B 140 -12.38 1.48 -4.34
C ILE B 140 -11.39 1.08 -5.43
N ILE B 141 -10.31 1.82 -5.55
CA ILE B 141 -9.26 1.54 -6.54
C ILE B 141 -7.98 1.27 -5.77
N GLN B 142 -7.35 0.15 -6.06
CA GLN B 142 -6.18 -0.35 -5.28
C GLN B 142 -5.14 -0.69 -6.32
N LYS B 143 -4.54 0.33 -6.93
CA LYS B 143 -3.63 0.19 -8.11
C LYS B 143 -2.18 0.44 -7.63
N ASN B 144 -1.34 -0.61 -7.79
CA ASN B 144 0.13 -0.49 -7.69
C ASN B 144 0.56 0.02 -6.29
N GLY B 145 -0.11 -0.31 -5.16
CA GLY B 145 0.33 0.33 -3.88
C GLY B 145 -0.60 1.34 -3.21
N TYR B 146 -1.38 2.10 -3.97
CA TYR B 146 -2.20 3.21 -3.46
C TYR B 146 -3.63 2.71 -3.18
N ILE B 147 -4.38 3.47 -2.39
CA ILE B 147 -5.81 3.19 -2.06
C ILE B 147 -6.62 4.46 -2.28
N GLU B 148 -7.57 4.39 -3.18
CA GLU B 148 -8.37 5.57 -3.59
C GLU B 148 -9.83 5.17 -3.47
N ALA B 149 -10.65 6.04 -2.91
CA ALA B 149 -12.10 5.85 -2.78
C ALA B 149 -12.80 7.04 -3.43
N ILE B 150 -13.76 6.77 -4.30
CA ILE B 150 -14.53 7.82 -5.03
C ILE B 150 -16.00 7.51 -4.87
N ALA B 151 -16.79 8.48 -4.42
CA ALA B 151 -18.26 8.33 -4.31
C ALA B 151 -18.92 9.59 -4.85
N ASP B 152 -19.62 9.47 -5.99
CA ASP B 152 -20.43 10.60 -6.53
C ASP B 152 -21.51 10.97 -5.52
N GLU B 153 -22.06 9.98 -4.84
CA GLU B 153 -23.14 10.20 -3.84
C GLU B 153 -23.11 9.05 -2.85
N LEU B 154 -22.87 9.37 -1.58
CA LEU B 154 -22.95 8.38 -0.51
C LEU B 154 -24.43 8.12 -0.22
N ILE B 155 -24.81 6.86 -0.21
CA ILE B 155 -26.22 6.45 0.01
C ILE B 155 -26.25 5.39 1.12
N GLY B 156 -27.09 5.63 2.12
CA GLY B 156 -27.17 4.72 3.28
C GLY B 156 -27.52 3.32 2.84
N ASN B 157 -27.02 2.35 3.60
CA ASN B 157 -27.20 0.93 3.33
C ASN B 157 -27.12 0.18 4.66
N THR B 158 -27.47 -1.09 4.65
CA THR B 158 -27.24 -2.00 5.78
C THR B 158 -25.89 -2.67 5.51
N ILE B 159 -25.02 -2.65 6.50
CA ILE B 159 -23.61 -3.11 6.39
C ILE B 159 -23.37 -4.05 7.57
N TYR B 160 -22.99 -5.27 7.30
CA TYR B 160 -22.63 -6.26 8.34
C TYR B 160 -21.11 -6.32 8.42
N LEU B 161 -20.56 -6.06 9.59
CA LEU B 161 -19.10 -6.20 9.83
C LEU B 161 -18.80 -7.63 10.30
N ASP B 162 -17.89 -8.30 9.59
CA ASP B 162 -17.54 -9.70 9.92
C ASP B 162 -16.87 -9.77 11.28
N PHE B 163 -16.12 -8.73 11.62
CA PHE B 163 -15.48 -8.57 12.94
C PHE B 163 -15.87 -7.20 13.45
N PRO B 164 -16.09 -7.02 14.77
CA PRO B 164 -16.45 -5.73 15.32
C PRO B 164 -15.22 -4.79 15.43
N SER B 165 -14.73 -4.40 14.28
CA SER B 165 -13.50 -3.60 14.12
C SER B 165 -13.71 -2.20 14.64
N VAL B 166 -12.82 -1.76 15.51
CA VAL B 166 -12.84 -0.38 16.04
C VAL B 166 -12.68 0.64 14.91
N GLY B 167 -11.60 0.56 14.17
CA GLY B 167 -11.35 1.51 13.07
C GLY B 167 -12.40 1.46 11.99
N ALA B 168 -12.85 0.28 11.62
CA ALA B 168 -13.85 0.20 10.52
C ALA B 168 -15.15 0.86 11.01
N THR B 169 -15.55 0.63 12.25
CA THR B 169 -16.78 1.23 12.81
C THR B 169 -16.63 2.74 12.72
N GLN B 170 -15.48 3.28 13.17
CA GLN B 170 -15.24 4.73 13.17
C GLN B 170 -15.27 5.28 11.74
N ASN B 171 -14.55 4.65 10.82
CA ASN B 171 -14.43 5.13 9.43
C ASN B 171 -15.80 5.13 8.78
N ILE B 172 -16.55 4.03 8.93
CA ILE B 172 -17.88 3.93 8.26
C ILE B 172 -18.86 4.92 8.88
N MET B 173 -18.85 5.08 10.21
CA MET B 173 -19.72 6.06 10.93
C MET B 173 -19.52 7.44 10.30
N MET B 174 -18.26 7.83 10.13
CA MET B 174 -17.90 9.19 9.72
C MET B 174 -18.24 9.46 8.24
N ALA B 175 -18.30 8.42 7.38
CA ALA B 175 -18.88 8.62 6.04
C ALA B 175 -20.42 8.67 6.14
N ALA B 176 -21.01 7.79 6.93
CA ALA B 176 -22.48 7.57 6.94
C ALA B 176 -23.22 8.79 7.47
N VAL B 177 -22.59 9.61 8.32
CA VAL B 177 -23.32 10.78 8.91
C VAL B 177 -23.72 11.76 7.80
N LYS B 178 -23.09 11.69 6.63
CA LYS B 178 -23.48 12.54 5.48
C LYS B 178 -23.95 11.72 4.29
N ALA B 179 -24.33 10.47 4.49
CA ALA B 179 -24.92 9.67 3.40
C ALA B 179 -26.42 9.97 3.33
N LYS B 180 -26.99 9.78 2.17
CA LYS B 180 -28.43 10.01 1.98
C LYS B 180 -29.21 8.86 2.64
N GLY B 181 -30.10 9.19 3.57
CA GLY B 181 -30.95 8.20 4.22
C GLY B 181 -30.29 7.48 5.37
N THR B 182 -30.74 6.26 5.60
CA THR B 182 -30.46 5.48 6.81
C THR B 182 -29.32 4.51 6.53
N THR B 183 -28.33 4.50 7.41
CA THR B 183 -27.32 3.44 7.42
C THR B 183 -27.51 2.61 8.70
N ILE B 184 -27.47 1.31 8.55
CA ILE B 184 -27.46 0.36 9.69
C ILE B 184 -26.15 -0.39 9.62
N ILE B 185 -25.34 -0.26 10.68
CA ILE B 185 -24.08 -1.02 10.76
C ILE B 185 -24.27 -2.10 11.84
N GLU B 186 -24.18 -3.33 11.43
CA GLU B 186 -24.41 -4.51 12.29
C GLU B 186 -23.05 -5.08 12.73
N ASN B 187 -23.00 -5.55 13.98
CA ASN B 187 -21.80 -6.13 14.61
C ASN B 187 -20.68 -5.09 14.71
N VAL B 188 -21.01 -3.90 15.15
CA VAL B 188 -20.03 -2.79 15.33
C VAL B 188 -19.19 -3.02 16.60
N ALA B 189 -18.02 -2.36 16.61
CA ALA B 189 -17.26 -2.23 17.85
C ALA B 189 -18.11 -1.54 18.92
N ARG B 190 -18.00 -2.03 20.16
CA ARG B 190 -18.76 -1.50 21.32
C ARG B 190 -17.85 -0.73 22.28
N GLU B 191 -16.55 -0.61 21.97
CA GLU B 191 -15.57 0.10 22.80
C GLU B 191 -16.06 1.50 23.13
N PRO B 192 -15.70 2.05 24.33
CA PRO B 192 -16.21 3.33 24.75
C PRO B 192 -15.70 4.51 23.90
N GLU B 193 -14.62 4.33 23.15
CA GLU B 193 -14.19 5.36 22.18
C GLU B 193 -15.21 5.54 21.08
N ILE B 194 -15.92 4.48 20.73
CA ILE B 194 -17.04 4.58 19.73
C ILE B 194 -18.11 5.52 20.30
N VAL B 195 -18.41 5.42 21.60
CA VAL B 195 -19.42 6.26 22.28
C VAL B 195 -18.93 7.71 22.28
N ASP B 196 -17.65 7.96 22.61
CA ASP B 196 -17.15 9.34 22.65
C ASP B 196 -17.22 9.96 21.25
N LEU B 197 -16.88 9.19 20.21
CA LEU B 197 -16.95 9.67 18.83
C LEU B 197 -18.41 9.96 18.46
N ALA B 198 -19.33 9.04 18.74
CA ALA B 198 -20.76 9.29 18.43
C ALA B 198 -21.23 10.56 19.15
N ASN B 199 -20.81 10.75 20.38
CA ASN B 199 -21.27 11.91 21.17
C ASN B 199 -20.79 13.20 20.50
N ILE B 200 -19.55 13.29 20.03
CA ILE B 200 -19.10 14.54 19.36
C ILE B 200 -19.86 14.69 18.03
N LEU B 201 -20.04 13.61 17.29
CA LEU B 201 -20.74 13.73 16.00
C LEU B 201 -22.16 14.25 16.21
N ASN B 202 -22.85 13.76 17.22
CA ASN B 202 -24.25 14.21 17.52
C ASN B 202 -24.20 15.69 17.92
N LYS B 203 -23.20 16.11 18.72
CA LYS B 203 -23.09 17.55 19.07
C LYS B 203 -22.90 18.39 17.80
N MET B 204 -22.19 17.86 16.82
CA MET B 204 -21.85 18.55 15.55
C MET B 204 -23.05 18.57 14.60
N GLY B 205 -24.17 17.91 14.94
CA GLY B 205 -25.42 17.92 14.16
C GLY B 205 -25.73 16.60 13.50
N ALA B 206 -24.99 15.55 13.82
CA ALA B 206 -25.26 14.23 13.22
C ALA B 206 -26.42 13.55 13.96
N GLN B 207 -26.82 12.40 13.45
CA GLN B 207 -27.89 11.56 14.04
C GLN B 207 -27.37 10.13 14.11
N VAL B 208 -26.64 9.85 15.18
CA VAL B 208 -26.02 8.54 15.44
C VAL B 208 -26.66 7.89 16.65
N TYR B 209 -27.27 6.71 16.43
CA TYR B 209 -27.98 5.96 17.48
C TYR B 209 -27.31 4.62 17.70
N GLY B 210 -27.28 4.16 18.95
CA GLY B 210 -26.83 2.78 19.27
C GLY B 210 -25.36 2.65 19.56
N ALA B 211 -24.60 3.74 19.61
CA ALA B 211 -23.16 3.63 19.96
C ALA B 211 -23.02 2.96 21.34
N GLY B 212 -22.09 2.02 21.42
CA GLY B 212 -21.88 1.16 22.58
C GLY B 212 -22.67 -0.13 22.52
N THR B 213 -23.63 -0.24 21.61
CA THR B 213 -24.36 -1.48 21.34
C THR B 213 -23.82 -2.13 20.06
N GLU B 214 -24.30 -3.34 19.79
CA GLU B 214 -23.85 -4.12 18.63
C GLU B 214 -24.42 -3.59 17.31
N THR B 215 -25.37 -2.66 17.33
CA THR B 215 -26.01 -2.16 16.10
C THR B 215 -26.12 -0.64 16.15
N MET B 216 -25.59 0.01 15.11
CA MET B 216 -25.60 1.47 15.02
C MET B 216 -26.54 1.86 13.88
N ARG B 217 -27.35 2.87 14.15
CA ARG B 217 -28.26 3.43 13.13
C ARG B 217 -27.85 4.89 12.93
N ILE B 218 -27.63 5.28 11.67
CA ILE B 218 -27.23 6.66 11.33
C ILE B 218 -28.24 7.22 10.33
N GLU B 219 -28.78 8.40 10.63
CA GLU B 219 -29.65 9.11 9.66
C GLU B 219 -28.84 10.28 9.10
N GLY B 220 -28.58 10.24 7.80
CA GLY B 220 -27.69 11.22 7.18
C GLY B 220 -28.24 12.62 7.28
N VAL B 221 -27.34 13.59 7.44
CA VAL B 221 -27.67 15.03 7.48
C VAL B 221 -26.86 15.78 6.42
N ASP B 222 -27.28 17.00 6.13
CA ASP B 222 -26.73 17.84 5.05
C ASP B 222 -25.42 18.50 5.50
N HIS B 223 -25.26 18.86 6.77
CA HIS B 223 -24.19 19.80 7.24
C HIS B 223 -23.85 19.50 8.70
N LEU B 224 -22.57 19.44 9.02
CA LEU B 224 -22.08 19.36 10.40
C LEU B 224 -21.27 20.61 10.71
N HIS B 225 -21.27 21.01 11.97
CA HIS B 225 -20.59 22.23 12.43
C HIS B 225 -19.64 21.87 13.58
N ALA B 226 -18.74 22.79 13.89
CA ALA B 226 -17.69 22.60 14.91
C ALA B 226 -18.30 22.79 16.29
N VAL B 227 -17.76 22.07 17.26
CA VAL B 227 -18.18 22.17 18.68
C VAL B 227 -16.93 22.12 19.56
N ASN B 228 -17.16 22.25 20.85
CA ASN B 228 -16.16 22.02 21.91
C ASN B 228 -16.43 20.63 22.48
N HIS B 229 -15.37 19.88 22.72
CA HIS B 229 -15.44 18.51 23.26
C HIS B 229 -14.21 18.22 24.12
N SER B 230 -14.46 17.55 25.23
CA SER B 230 -13.44 17.05 26.18
CA SER B 230 -13.44 17.05 26.18
C SER B 230 -13.25 15.54 25.98
N ILE B 231 -12.05 15.12 25.66
CA ILE B 231 -11.76 13.70 25.37
C ILE B 231 -11.97 12.89 26.66
N VAL B 232 -12.60 11.73 26.53
CA VAL B 232 -12.77 10.79 27.66
C VAL B 232 -11.40 10.35 28.17
N GLN B 233 -11.33 10.06 29.47
CA GLN B 233 -10.11 9.52 30.11
C GLN B 233 -9.63 8.24 29.41
N ASP B 234 -8.33 8.10 29.30
CA ASP B 234 -7.61 6.93 28.75
C ASP B 234 -7.79 5.70 29.68
N ARG B 235 -8.67 4.78 29.31
CA ARG B 235 -8.89 3.59 30.15
C ARG B 235 -7.67 2.65 30.12
N ILE B 236 -6.84 2.69 29.09
CA ILE B 236 -5.67 1.78 29.01
C ILE B 236 -4.55 2.34 29.89
N GLU B 237 -4.32 3.65 29.85
CA GLU B 237 -3.35 4.23 30.81
C GLU B 237 -3.86 3.96 32.23
N ALA B 238 -5.13 4.20 32.50
CA ALA B 238 -5.71 3.90 33.83
C ALA B 238 -5.42 2.46 34.19
N GLY B 239 -5.73 1.53 33.29
CA GLY B 239 -5.53 0.11 33.57
C GLY B 239 -4.06 -0.24 33.83
N THR B 240 -3.15 0.39 33.12
CA THR B 240 -1.70 0.18 33.31
C THR B 240 -1.33 0.46 34.77
N PHE B 241 -1.81 1.55 35.31
CA PHE B 241 -1.52 1.91 36.72
C PHE B 241 -2.27 0.99 37.70
N MET B 242 -3.44 0.47 37.32
CA MET B 242 -4.12 -0.54 38.15
C MET B 242 -3.23 -1.77 38.29
N VAL B 243 -2.66 -2.24 37.18
CA VAL B 243 -1.78 -3.43 37.21
C VAL B 243 -0.54 -3.10 38.06
N ALA B 244 0.04 -1.92 37.88
CA ALA B 244 1.27 -1.54 38.60
C ALA B 244 1.01 -1.60 40.11
N ALA B 245 -0.09 -1.03 40.57
CA ALA B 245 -0.49 -1.04 41.98
C ALA B 245 -0.72 -2.48 42.46
N ALA B 246 -1.44 -3.28 41.68
CA ALA B 246 -1.78 -4.65 42.07
C ALA B 246 -0.53 -5.51 42.20
N MET B 247 0.54 -5.23 41.45
CA MET B 247 1.71 -6.16 41.43
C MET B 247 2.78 -5.74 42.44
N THR B 248 2.64 -4.58 43.08
CA THR B 248 3.71 -4.02 43.97
C THR B 248 3.20 -3.88 45.40
N GLN B 249 2.18 -4.64 45.81
CA GLN B 249 1.59 -4.44 47.18
C GLN B 249 1.26 -2.97 47.36
N GLY B 250 0.72 -2.35 46.32
CA GLY B 250 0.51 -0.90 46.31
C GLY B 250 -0.81 -0.49 46.88
N ASN B 251 -1.00 0.82 46.95
CA ASN B 251 -2.26 1.44 47.36
C ASN B 251 -2.35 2.72 46.55
N VAL B 252 -3.02 2.65 45.40
CA VAL B 252 -3.01 3.74 44.41
C VAL B 252 -4.46 4.11 44.09
N LEU B 253 -4.72 5.40 44.16
CA LEU B 253 -5.96 5.99 43.68
C LEU B 253 -5.75 6.45 42.24
N ILE B 254 -6.48 5.84 41.31
CA ILE B 254 -6.48 6.28 39.89
C ILE B 254 -7.58 7.35 39.81
N ALA B 255 -7.17 8.61 39.75
CA ALA B 255 -8.08 9.76 39.88
C ALA B 255 -9.13 9.73 38.77
N ASP B 256 -10.39 9.84 39.15
CA ASP B 256 -11.55 10.00 38.26
C ASP B 256 -11.65 8.81 37.29
N ALA B 257 -11.08 7.66 37.62
CA ALA B 257 -11.16 6.48 36.74
C ALA B 257 -12.62 6.08 36.54
N ILE B 258 -12.94 5.58 35.35
CA ILE B 258 -14.30 5.13 35.01
C ILE B 258 -14.32 3.60 35.13
N SER B 259 -14.87 3.11 36.22
CA SER B 259 -14.84 1.64 36.50
C SER B 259 -15.59 0.89 35.40
N GLU B 260 -16.63 1.48 34.81
CA GLU B 260 -17.43 0.81 33.72
C GLU B 260 -16.51 0.53 32.52
N HIS B 261 -15.40 1.25 32.36
CA HIS B 261 -14.49 1.08 31.20
C HIS B 261 -13.47 -0.02 31.45
N ASN B 262 -13.39 -0.56 32.67
CA ASN B 262 -12.36 -1.57 33.01
C ASN B 262 -12.99 -2.72 33.80
N ARG B 263 -14.19 -3.18 33.44
CA ARG B 263 -14.84 -4.25 34.24
C ARG B 263 -14.04 -5.54 34.14
N PRO B 264 -13.57 -5.98 32.95
CA PRO B 264 -12.79 -7.21 32.89
C PRO B 264 -11.49 -7.12 33.70
N LEU B 265 -10.76 -6.04 33.52
CA LEU B 265 -9.46 -5.88 34.21
C LEU B 265 -9.68 -5.88 35.72
N ILE B 266 -10.65 -5.11 36.20
CA ILE B 266 -10.95 -5.05 37.65
C ILE B 266 -11.27 -6.47 38.14
N SER B 267 -12.14 -7.19 37.44
CA SER B 267 -12.51 -8.54 37.87
C SER B 267 -11.28 -9.44 37.92
N LYS B 268 -10.42 -9.38 36.91
CA LYS B 268 -9.26 -10.29 36.85
C LYS B 268 -8.28 -9.92 37.96
N LEU B 269 -8.08 -8.64 38.22
CA LEU B 269 -7.12 -8.27 39.29
C LEU B 269 -7.65 -8.72 40.65
N ILE B 270 -8.99 -8.65 40.87
CA ILE B 270 -9.60 -9.21 42.09
C ILE B 270 -9.34 -10.73 42.16
N GLU B 271 -9.44 -11.46 41.05
CA GLU B 271 -9.11 -12.92 41.06
C GLU B 271 -7.66 -13.11 41.55
N MET B 272 -6.77 -12.18 41.21
CA MET B 272 -5.34 -12.29 41.59
C MET B 272 -5.12 -11.82 43.04
N GLY B 273 -6.16 -11.33 43.72
CA GLY B 273 -6.10 -10.95 45.14
C GLY B 273 -6.09 -9.45 45.37
N ALA B 274 -6.20 -8.62 44.35
CA ALA B 274 -6.29 -7.16 44.56
C ALA B 274 -7.61 -6.84 45.26
N GLU B 275 -7.60 -5.79 46.05
CA GLU B 275 -8.80 -5.14 46.61
C GLU B 275 -9.01 -3.86 45.80
N ILE B 276 -10.17 -3.72 45.17
CA ILE B 276 -10.45 -2.57 44.29
C ILE B 276 -11.72 -1.88 44.79
N ILE B 277 -11.60 -0.58 45.05
CA ILE B 277 -12.68 0.20 45.71
C ILE B 277 -13.04 1.40 44.85
N GLU B 278 -14.33 1.55 44.54
CA GLU B 278 -14.86 2.73 43.83
C GLU B 278 -15.11 3.80 44.87
N GLU B 279 -14.38 4.91 44.78
CA GLU B 279 -14.46 6.02 45.74
C GLU B 279 -14.95 7.28 45.03
N GLU B 280 -15.26 8.32 45.80
CA GLU B 280 -15.62 9.66 45.28
C GLU B 280 -14.54 10.14 44.31
N GLY B 281 -13.25 9.93 44.63
CA GLY B 281 -12.12 10.55 43.92
C GLY B 281 -11.61 9.68 42.76
N GLY B 282 -12.11 8.45 42.62
CA GLY B 282 -11.56 7.51 41.62
C GLY B 282 -11.66 6.07 42.04
N VAL B 283 -10.86 5.24 41.41
CA VAL B 283 -10.78 3.79 41.72
C VAL B 283 -9.47 3.54 42.44
N ARG B 284 -9.57 2.94 43.62
CA ARG B 284 -8.41 2.58 44.43
C ARG B 284 -8.08 1.11 44.22
N VAL B 285 -6.81 0.83 43.98
CA VAL B 285 -6.29 -0.55 43.85
C VAL B 285 -5.29 -0.80 44.95
N ILE B 286 -5.52 -1.87 45.72
CA ILE B 286 -4.62 -2.34 46.81
C ILE B 286 -4.09 -3.71 46.41
N GLY B 287 -2.77 -3.79 46.20
CA GLY B 287 -2.14 -5.06 45.79
C GLY B 287 -2.02 -6.02 46.95
N PRO B 288 -2.18 -7.34 46.70
CA PRO B 288 -2.06 -8.31 47.79
C PRO B 288 -0.61 -8.64 48.15
N LYS B 289 -0.40 -9.16 49.36
CA LYS B 289 0.87 -9.77 49.76
C LYS B 289 1.16 -10.96 48.87
N HIS B 290 0.15 -11.76 48.53
CA HIS B 290 0.30 -12.99 47.73
C HIS B 290 -0.49 -12.83 46.43
N ILE B 291 0.21 -12.59 45.33
CA ILE B 291 -0.44 -12.47 43.99
C ILE B 291 -0.82 -13.87 43.52
N LEU B 292 -2.11 -14.07 43.22
CA LEU B 292 -2.64 -15.39 42.80
C LEU B 292 -2.71 -15.49 41.29
N PRO B 293 -2.41 -16.67 40.70
CA PRO B 293 -2.43 -16.80 39.25
C PRO B 293 -3.86 -16.68 38.70
N THR B 294 -3.98 -16.22 37.45
CA THR B 294 -5.26 -16.24 36.75
C THR B 294 -5.01 -16.33 35.25
N ASP B 295 -6.01 -16.81 34.54
CA ASP B 295 -5.96 -16.92 33.07
C ASP B 295 -6.66 -15.72 32.44
N VAL B 296 -6.18 -15.32 31.28
CA VAL B 296 -6.70 -14.17 30.49
C VAL B 296 -6.98 -14.65 29.08
N LYS B 297 -8.12 -14.24 28.55
CA LYS B 297 -8.45 -14.43 27.12
C LYS B 297 -8.86 -13.07 26.55
N THR B 298 -8.11 -12.56 25.60
CA THR B 298 -8.48 -11.27 24.97
C THR B 298 -9.68 -11.50 24.05
N MET B 299 -10.53 -10.49 23.98
N MET B 299 -10.54 -10.49 23.98
CA MET B 299 -11.76 -10.49 23.16
CA MET B 299 -11.78 -10.51 23.17
C MET B 299 -12.13 -9.06 22.85
C MET B 299 -12.13 -9.07 22.85
N PRO B 300 -12.89 -8.83 21.78
CA PRO B 300 -13.55 -7.54 21.60
C PRO B 300 -14.43 -7.21 22.80
N HIS B 301 -14.69 -5.92 23.00
CA HIS B 301 -15.61 -5.48 24.05
C HIS B 301 -16.86 -6.32 23.90
N PRO B 302 -17.45 -6.90 24.97
CA PRO B 302 -17.16 -6.62 26.38
C PRO B 302 -16.19 -7.54 27.13
N GLY B 303 -15.43 -8.34 26.39
CA GLY B 303 -14.42 -9.20 26.99
C GLY B 303 -13.15 -8.42 27.36
N PHE B 304 -12.10 -9.15 27.67
CA PHE B 304 -10.85 -8.55 28.19
C PHE B 304 -10.10 -7.88 27.04
N PRO B 305 -9.74 -6.60 27.18
CA PRO B 305 -9.15 -5.85 26.07
C PRO B 305 -7.71 -6.31 25.74
N THR B 306 -7.45 -6.50 24.46
CA THR B 306 -6.10 -6.81 23.96
C THR B 306 -5.11 -5.71 24.42
N ASP B 307 -5.54 -4.47 24.50
CA ASP B 307 -4.61 -3.38 24.89
C ASP B 307 -4.24 -3.45 26.37
N MET B 308 -4.80 -4.35 27.18
CA MET B 308 -4.31 -4.60 28.55
C MET B 308 -3.50 -5.89 28.63
N GLN B 309 -3.42 -6.68 27.59
CA GLN B 309 -2.82 -8.04 27.62
C GLN B 309 -1.36 -8.00 28.06
N ALA B 310 -0.54 -7.17 27.41
CA ALA B 310 0.91 -7.22 27.67
C ALA B 310 1.14 -6.85 29.14
N GLN B 311 0.47 -5.82 29.59
CA GLN B 311 0.62 -5.32 30.96
C GLN B 311 0.20 -6.43 31.92
N MET B 312 -0.89 -7.13 31.62
CA MET B 312 -1.37 -8.20 32.48
C MET B 312 -0.38 -9.36 32.53
N THR B 313 0.34 -9.66 31.46
CA THR B 313 1.36 -10.75 31.54
C THR B 313 2.44 -10.39 32.56
N ALA B 314 2.73 -9.11 32.78
CA ALA B 314 3.75 -8.75 33.77
C ALA B 314 3.30 -9.18 35.17
N ILE B 315 2.04 -8.96 35.53
CA ILE B 315 1.58 -9.43 36.87
C ILE B 315 1.39 -10.96 36.87
N GLN B 316 0.95 -11.56 35.75
CA GLN B 316 0.85 -13.02 35.70
C GLN B 316 2.24 -13.64 35.95
N LEU B 317 3.30 -13.03 35.43
CA LEU B 317 4.65 -13.64 35.54
C LEU B 317 5.24 -13.49 36.93
N VAL B 318 4.60 -12.76 37.84
CA VAL B 318 5.05 -12.73 39.26
C VAL B 318 4.00 -13.32 40.21
N ALA B 319 2.93 -13.93 39.67
CA ALA B 319 1.91 -14.60 40.49
C ALA B 319 2.45 -15.95 41.00
N GLU B 320 1.87 -16.43 42.09
CA GLU B 320 2.33 -17.64 42.84
C GLU B 320 1.72 -18.88 42.20
N GLY B 321 2.10 -19.17 40.96
CA GLY B 321 1.62 -20.34 40.22
C GLY B 321 1.65 -20.13 38.73
N THR B 322 0.84 -20.91 38.03
CA THR B 322 0.84 -20.95 36.56
C THR B 322 -0.40 -20.20 36.04
N SER B 323 -0.18 -19.30 35.12
CA SER B 323 -1.21 -18.49 34.44
C SER B 323 -1.11 -18.73 32.94
N VAL B 324 -2.23 -18.53 32.26
CA VAL B 324 -2.31 -18.72 30.80
C VAL B 324 -2.86 -17.42 30.22
N VAL B 325 -2.36 -17.04 29.06
CA VAL B 325 -2.96 -15.95 28.27
C VAL B 325 -3.22 -16.49 26.86
N THR B 326 -4.43 -16.21 26.36
CA THR B 326 -4.83 -16.50 24.98
C THR B 326 -5.14 -15.18 24.30
N GLU B 327 -4.41 -14.88 23.24
CA GLU B 327 -4.55 -13.61 22.48
C GLU B 327 -5.34 -13.92 21.23
N THR B 328 -6.63 -13.58 21.20
CA THR B 328 -7.49 -13.94 20.04
C THR B 328 -7.66 -12.78 19.05
N VAL B 329 -7.22 -11.56 19.39
CA VAL B 329 -7.51 -10.38 18.55
C VAL B 329 -6.41 -10.10 17.54
N PHE B 330 -5.15 -10.19 17.95
CA PHE B 330 -3.97 -9.94 17.10
C PHE B 330 -3.10 -11.20 17.04
N GLU B 331 -2.44 -11.45 15.90
CA GLU B 331 -1.67 -12.68 15.66
C GLU B 331 -0.25 -12.62 16.21
N ASN B 332 0.29 -11.44 16.49
CA ASN B 332 1.74 -11.29 16.79
C ASN B 332 1.91 -10.34 17.97
N ARG B 333 1.26 -10.63 19.10
CA ARG B 333 1.31 -9.73 20.27
C ARG B 333 1.89 -10.44 21.48
N PHE B 334 2.90 -11.27 21.29
CA PHE B 334 3.65 -11.88 22.41
C PHE B 334 5.14 -11.52 22.43
N GLN B 335 5.62 -10.58 21.61
CA GLN B 335 7.10 -10.35 21.57
C GLN B 335 7.64 -9.88 22.92
N HIS B 336 6.86 -9.19 23.73
CA HIS B 336 7.31 -8.77 25.06
C HIS B 336 7.66 -9.99 25.91
N LEU B 337 6.96 -11.13 25.73
CA LEU B 337 7.25 -12.34 26.52
C LEU B 337 8.62 -12.88 26.15
N GLU B 338 9.00 -12.80 24.87
CA GLU B 338 10.35 -13.25 24.43
C GLU B 338 11.38 -12.35 25.13
N GLU B 339 11.13 -11.05 25.22
CA GLU B 339 12.05 -10.13 25.91
C GLU B 339 12.12 -10.45 27.40
N MET B 340 11.00 -10.76 28.03
CA MET B 340 10.95 -11.03 29.47
C MET B 340 11.73 -12.32 29.78
N ARG B 341 11.93 -13.22 28.80
CA ARG B 341 12.82 -14.37 29.04
C ARG B 341 14.23 -13.88 29.45
N ARG B 342 14.69 -12.75 28.95
CA ARG B 342 16.02 -12.20 29.31
C ARG B 342 16.02 -11.83 30.81
N MET B 343 14.85 -11.60 31.39
CA MET B 343 14.66 -11.26 32.81
C MET B 343 14.31 -12.52 33.64
N ASN B 344 14.59 -13.70 33.09
CA ASN B 344 14.38 -15.00 33.76
C ASN B 344 12.89 -15.39 33.78
N ALA B 345 12.05 -14.80 32.92
CA ALA B 345 10.62 -15.23 32.81
C ALA B 345 10.57 -16.64 32.26
N HIS B 346 9.78 -17.48 32.89
CA HIS B 346 9.52 -18.89 32.48
C HIS B 346 8.19 -18.92 31.76
N VAL B 347 8.24 -18.98 30.44
CA VAL B 347 7.00 -18.90 29.62
C VAL B 347 7.15 -19.78 28.38
N LYS B 348 6.11 -20.53 28.05
CA LYS B 348 6.02 -21.43 26.90
C LYS B 348 4.99 -20.81 25.97
N ILE B 349 5.34 -20.64 24.70
CA ILE B 349 4.41 -20.03 23.71
C ILE B 349 4.09 -21.08 22.67
N ASP B 350 2.80 -21.26 22.37
CA ASP B 350 2.35 -22.21 21.31
C ASP B 350 1.18 -21.51 20.57
N GLY B 351 1.45 -20.97 19.39
CA GLY B 351 0.49 -20.15 18.63
C GLY B 351 -0.03 -18.99 19.47
N ASN B 352 -1.33 -18.94 19.72
CA ASN B 352 -1.93 -17.78 20.40
C ASN B 352 -2.05 -17.99 21.91
N VAL B 353 -1.36 -18.98 22.48
CA VAL B 353 -1.45 -19.29 23.93
C VAL B 353 -0.06 -19.22 24.53
N ALA B 354 0.07 -18.51 25.63
CA ALA B 354 1.30 -18.49 26.45
C ALA B 354 1.00 -19.02 27.85
N ILE B 355 1.88 -19.90 28.33
CA ILE B 355 1.79 -20.45 29.71
C ILE B 355 2.95 -19.91 30.52
N MET B 356 2.60 -19.22 31.60
CA MET B 356 3.58 -18.48 32.43
C MET B 356 3.69 -19.15 33.82
N ASP B 357 4.92 -19.53 34.18
CA ASP B 357 5.23 -20.05 35.52
C ASP B 357 5.78 -18.89 36.35
N GLY B 358 4.97 -18.33 37.24
CA GLY B 358 5.35 -17.17 38.07
C GLY B 358 6.16 -17.51 39.30
N ASN B 359 6.46 -18.78 39.56
CA ASN B 359 7.23 -19.21 40.77
C ASN B 359 8.75 -19.08 40.55
N HIS B 360 9.16 -17.97 39.98
CA HIS B 360 10.56 -17.64 39.71
C HIS B 360 10.71 -16.15 39.91
N GLU B 361 11.87 -15.71 40.38
CA GLU B 361 12.13 -14.28 40.61
C GLU B 361 12.62 -13.69 39.28
N LEU B 362 12.00 -12.63 38.83
CA LEU B 362 12.50 -11.90 37.64
C LEU B 362 13.81 -11.21 38.00
N GLN B 363 14.70 -11.09 37.02
CA GLN B 363 16.04 -10.47 37.17
C GLN B 363 16.15 -9.31 36.21
N GLY B 364 16.71 -8.19 36.66
CA GLY B 364 16.89 -7.02 35.79
C GLY B 364 17.70 -7.38 34.55
N ALA B 365 17.32 -6.83 33.40
CA ALA B 365 18.05 -7.02 32.14
C ALA B 365 17.78 -5.82 31.22
N GLU B 366 18.57 -5.73 30.16
CA GLU B 366 18.36 -4.80 29.04
C GLU B 366 17.32 -5.43 28.12
N VAL B 367 16.18 -4.79 27.97
CA VAL B 367 15.05 -5.34 27.17
C VAL B 367 14.58 -4.27 26.18
N TYR B 368 14.02 -4.73 25.06
CA TYR B 368 13.74 -3.91 23.87
C TYR B 368 12.25 -4.01 23.62
N ALA B 369 11.55 -2.90 23.79
CA ALA B 369 10.13 -2.80 23.40
C ALA B 369 10.02 -3.00 21.89
N THR B 370 8.91 -3.62 21.49
CA THR B 370 8.60 -3.82 20.05
C THR B 370 7.35 -3.04 19.65
N ASP B 371 6.62 -2.52 20.61
CA ASP B 371 5.33 -1.85 20.38
C ASP B 371 4.93 -1.13 21.67
N LEU B 372 3.93 -0.28 21.55
CA LEU B 372 3.47 0.63 22.64
C LEU B 372 3.22 -0.12 23.96
N ARG B 373 2.31 -1.06 24.01
CA ARG B 373 1.93 -1.71 25.28
C ARG B 373 3.04 -2.63 25.77
N ALA B 374 3.84 -3.19 24.87
CA ALA B 374 5.00 -4.01 25.26
C ALA B 374 5.95 -3.12 26.09
N ALA B 375 6.16 -1.88 25.68
CA ALA B 375 7.07 -0.97 26.39
C ALA B 375 6.58 -0.81 27.84
N ALA B 376 5.31 -0.52 28.02
CA ALA B 376 4.71 -0.36 29.36
C ALA B 376 4.85 -1.65 30.15
N ALA B 377 4.60 -2.79 29.51
CA ALA B 377 4.69 -4.10 30.19
C ALA B 377 6.11 -4.38 30.69
N LEU B 378 7.11 -4.00 29.92
CA LEU B 378 8.50 -4.25 30.35
C LEU B 378 8.84 -3.36 31.55
N VAL B 379 8.33 -2.12 31.55
CA VAL B 379 8.56 -1.21 32.70
C VAL B 379 7.91 -1.85 33.93
N LEU B 380 6.68 -2.32 33.79
CA LEU B 380 5.96 -2.96 34.92
C LEU B 380 6.73 -4.19 35.41
N ALA B 381 7.24 -5.03 34.51
CA ALA B 381 8.05 -6.20 34.93
C ALA B 381 9.25 -5.70 35.73
N GLY B 382 9.85 -4.60 35.31
CA GLY B 382 10.99 -4.03 36.04
C GLY B 382 10.65 -3.70 37.49
N LEU B 383 9.43 -3.26 37.76
CA LEU B 383 8.97 -2.92 39.11
C LEU B 383 9.11 -4.13 40.07
N LYS B 384 9.10 -5.35 39.56
CA LYS B 384 9.18 -6.56 40.38
C LYS B 384 10.46 -7.36 40.12
N ALA B 385 11.38 -6.87 39.34
CA ALA B 385 12.62 -7.62 39.03
C ALA B 385 13.68 -7.28 40.07
N ASN B 386 14.51 -8.26 40.36
CA ASN B 386 15.68 -8.09 41.25
C ASN B 386 16.75 -7.35 40.45
N GLY B 387 17.10 -6.15 40.84
CA GLY B 387 18.18 -5.39 40.19
C GLY B 387 17.63 -4.37 39.20
N ILE B 388 18.43 -4.12 38.16
CA ILE B 388 18.23 -2.96 37.28
C ILE B 388 17.70 -3.47 35.94
N THR B 389 16.56 -2.94 35.54
CA THR B 389 15.97 -3.20 34.20
C THR B 389 16.09 -1.94 33.36
N ARG B 390 16.54 -2.09 32.13
CA ARG B 390 16.67 -0.98 31.17
C ARG B 390 15.78 -1.29 29.99
N VAL B 391 14.75 -0.49 29.83
CA VAL B 391 13.75 -0.64 28.74
C VAL B 391 14.09 0.34 27.63
N ARG B 392 14.30 -0.19 26.45
CA ARG B 392 14.71 0.54 25.26
C ARG B 392 13.63 0.55 24.20
N ASN B 393 13.81 1.45 23.24
CA ASN B 393 12.88 1.77 22.13
C ASN B 393 11.67 2.51 22.68
N LEU B 394 11.92 3.66 23.27
CA LEU B 394 10.84 4.46 23.90
C LEU B 394 9.98 5.20 22.84
N ASN B 395 10.43 5.24 21.58
CA ASN B 395 9.56 5.76 20.47
C ASN B 395 8.20 5.05 20.56
N TYR B 396 8.17 3.75 20.86
CA TYR B 396 6.89 3.01 20.92
C TYR B 396 6.05 3.54 22.09
N LEU B 397 6.67 3.72 23.27
CA LEU B 397 5.95 4.15 24.49
C LEU B 397 5.32 5.53 24.27
N ASP B 398 6.03 6.43 23.60
CA ASP B 398 5.64 7.84 23.44
C ASP B 398 4.37 7.97 22.57
N ARG B 399 3.97 6.92 21.87
CA ARG B 399 2.73 6.94 21.08
C ARG B 399 1.49 6.94 21.99
N GLY B 400 1.62 6.47 23.24
CA GLY B 400 0.44 6.29 24.09
C GLY B 400 0.54 6.67 25.52
N TYR B 401 1.73 7.02 26.02
CA TYR B 401 1.88 7.42 27.44
C TYR B 401 2.58 8.78 27.47
N TYR B 402 2.06 9.69 28.28
CA TYR B 402 2.74 10.96 28.59
C TYR B 402 3.31 10.89 30.00
N ASN B 403 4.61 11.22 30.15
CA ASN B 403 5.25 11.37 31.47
C ASN B 403 5.12 10.08 32.29
N PHE B 404 5.20 8.92 31.65
CA PHE B 404 5.01 7.62 32.33
C PHE B 404 5.97 7.49 33.53
N HIS B 405 7.25 7.84 33.31
CA HIS B 405 8.32 7.68 34.33
C HIS B 405 8.06 8.64 35.49
N ILE B 406 7.56 9.83 35.20
CA ILE B 406 7.27 10.85 36.25
C ILE B 406 6.09 10.37 37.09
N LYS B 407 5.02 9.89 36.46
CA LYS B 407 3.85 9.44 37.23
C LYS B 407 4.25 8.26 38.13
N LEU B 408 5.08 7.34 37.62
CA LEU B 408 5.55 6.19 38.45
C LEU B 408 6.40 6.69 39.60
N GLN B 409 7.30 7.62 39.35
CA GLN B 409 8.21 8.18 40.38
C GLN B 409 7.36 8.77 41.50
N GLN B 410 6.30 9.50 41.14
CA GLN B 410 5.43 10.19 42.12
C GLN B 410 4.67 9.18 43.00
N LEU B 411 4.54 7.94 42.55
CA LEU B 411 3.95 6.84 43.36
C LEU B 411 5.00 6.13 44.21
N GLY B 412 6.26 6.55 44.12
CA GLY B 412 7.37 5.95 44.88
C GLY B 412 8.14 4.88 44.09
N ALA B 413 7.85 4.67 42.80
CA ALA B 413 8.63 3.71 41.99
C ALA B 413 10.00 4.32 41.72
N ASP B 414 11.01 3.46 41.63
CA ASP B 414 12.37 3.88 41.25
C ASP B 414 12.50 3.69 39.74
N VAL B 415 12.04 4.70 39.01
CA VAL B 415 11.96 4.71 37.54
C VAL B 415 12.50 6.05 37.05
N GLU B 416 13.42 6.02 36.11
CA GLU B 416 14.06 7.23 35.54
C GLU B 416 14.05 7.07 34.02
N ARG B 417 14.01 8.18 33.32
CA ARG B 417 14.20 8.21 31.86
C ARG B 417 15.49 8.98 31.58
N VAL B 418 16.48 8.31 30.99
CA VAL B 418 17.84 8.89 30.84
C VAL B 418 18.39 8.62 29.44
N ASP B 419 19.33 9.46 29.05
CA ASP B 419 20.09 9.26 27.79
C ASP B 419 20.91 7.97 27.91
N MET B 420 20.96 7.18 26.84
CA MET B 420 21.98 6.13 26.71
C MET B 420 23.30 6.79 26.26
N MET C 1 14.82 17.34 18.74
CA MET C 1 15.92 17.10 19.68
C MET C 1 17.13 17.93 19.21
N GLU C 2 17.62 17.80 17.98
CA GLU C 2 18.91 18.40 17.56
C GLU C 2 18.73 19.36 16.37
N GLU C 3 19.69 20.28 16.25
CA GLU C 3 19.79 21.22 15.12
C GLU C 3 21.26 21.38 14.71
N ILE C 4 21.47 21.75 13.46
CA ILE C 4 22.81 22.17 13.01
C ILE C 4 22.82 23.69 13.04
N ILE C 5 23.82 24.26 13.68
CA ILE C 5 23.96 25.72 13.81
C ILE C 5 25.16 26.14 12.98
N VAL C 6 24.94 27.12 12.13
CA VAL C 6 25.97 27.61 11.20
C VAL C 6 26.15 29.10 11.44
N ARG C 7 27.40 29.54 11.45
CA ARG C 7 27.71 30.97 11.25
C ARG C 7 28.37 31.09 9.88
N GLY C 8 27.86 32.01 9.08
CA GLY C 8 28.40 32.21 7.73
C GLY C 8 29.69 32.98 7.70
N GLY C 9 30.34 32.99 6.55
CA GLY C 9 31.44 33.90 6.19
C GLY C 9 32.82 33.29 6.33
N ASN C 10 32.96 31.97 6.43
CA ASN C 10 34.28 31.29 6.50
C ASN C 10 34.60 30.65 5.16
N GLN C 11 35.86 30.70 4.75
CA GLN C 11 36.35 29.90 3.59
C GLN C 11 36.59 28.47 4.02
N LEU C 12 36.24 27.51 3.18
CA LEU C 12 36.52 26.11 3.47
C LEU C 12 37.84 25.74 2.81
N ASN C 13 38.72 25.08 3.56
CA ASN C 13 40.07 24.68 3.08
C ASN C 13 40.40 23.34 3.72
N GLY C 14 40.93 22.44 2.91
CA GLY C 14 41.55 21.19 3.38
C GLY C 14 41.06 20.00 2.58
N THR C 15 41.09 18.83 3.18
CA THR C 15 40.77 17.57 2.50
C THR C 15 39.58 16.95 3.18
N VAL C 16 38.60 16.50 2.41
CA VAL C 16 37.42 15.82 2.99
C VAL C 16 37.33 14.39 2.46
N ARG C 17 37.05 13.45 3.36
CA ARG C 17 36.88 12.01 3.03
C ARG C 17 35.39 11.74 2.88
N ILE C 18 35.05 10.91 1.91
CA ILE C 18 33.67 10.62 1.48
C ILE C 18 33.35 9.15 1.78
N GLU C 19 32.15 8.90 2.27
CA GLU C 19 31.69 7.55 2.64
C GLU C 19 31.29 6.78 1.37
N GLY C 20 31.08 5.49 1.55
CA GLY C 20 30.39 4.66 0.54
C GLY C 20 29.03 5.22 0.21
N ALA C 21 28.59 4.95 -0.99
CA ALA C 21 27.35 5.55 -1.53
C ALA C 21 26.10 4.97 -0.84
N LYS C 22 25.27 5.86 -0.30
CA LYS C 22 23.93 5.53 0.22
C LYS C 22 23.22 4.71 -0.87
N ASN C 23 23.24 5.21 -2.08
CA ASN C 23 22.36 4.63 -3.10
C ASN C 23 23.00 3.45 -3.82
N ALA C 24 24.23 3.05 -3.50
CA ALA C 24 24.77 1.75 -3.92
C ALA C 24 24.61 0.73 -2.81
N VAL C 25 24.87 1.09 -1.55
CA VAL C 25 24.86 0.08 -0.48
C VAL C 25 23.44 -0.51 -0.31
N LEU C 26 22.40 0.29 -0.51
CA LEU C 26 21.04 -0.19 -0.23
C LEU C 26 20.64 -1.26 -1.23
N PRO C 27 20.76 -1.05 -2.55
CA PRO C 27 20.39 -2.15 -3.47
C PRO C 27 21.37 -3.31 -3.34
N ILE C 28 22.64 -3.05 -2.97
CA ILE C 28 23.60 -4.17 -2.79
C ILE C 28 23.23 -5.01 -1.55
N LEU C 29 22.76 -4.40 -0.46
CA LEU C 29 22.21 -5.16 0.67
C LEU C 29 21.04 -6.05 0.18
N ALA C 30 20.14 -5.52 -0.64
CA ALA C 30 19.08 -6.38 -1.22
C ALA C 30 19.71 -7.52 -2.04
N ALA C 31 20.72 -7.23 -2.85
CA ALA C 31 21.38 -8.26 -3.68
C ALA C 31 21.93 -9.38 -2.80
N SER C 32 22.35 -9.08 -1.58
CA SER C 32 22.92 -10.13 -0.69
C SER C 32 21.89 -11.22 -0.39
N LEU C 33 20.58 -10.94 -0.55
CA LEU C 33 19.50 -11.94 -0.41
C LEU C 33 19.65 -13.04 -1.48
N LEU C 34 20.34 -12.77 -2.58
CA LEU C 34 20.46 -13.78 -3.66
C LEU C 34 21.49 -14.87 -3.31
N ALA C 35 22.34 -14.63 -2.32
CA ALA C 35 23.46 -15.55 -1.99
C ALA C 35 22.96 -16.76 -1.20
N GLU C 36 22.69 -17.85 -1.92
CA GLU C 36 22.12 -19.10 -1.36
C GLU C 36 23.17 -19.84 -0.51
N GLU C 37 24.46 -19.58 -0.75
CA GLU C 37 25.54 -20.18 0.07
C GLU C 37 26.58 -19.09 0.36
N GLY C 38 27.25 -19.21 1.48
CA GLY C 38 28.33 -18.30 1.88
C GLY C 38 27.81 -17.10 2.62
N ILE C 39 28.75 -16.28 3.07
CA ILE C 39 28.50 -15.05 3.87
C ILE C 39 28.99 -13.88 3.04
N THR C 40 28.12 -12.92 2.79
CA THR C 40 28.49 -11.69 2.08
C THR C 40 29.23 -10.79 3.07
N THR C 41 30.35 -10.21 2.68
CA THR C 41 30.99 -9.12 3.44
C THR C 41 31.04 -7.87 2.56
N LEU C 42 30.35 -6.83 2.99
CA LEU C 42 30.36 -5.50 2.34
C LEU C 42 31.27 -4.58 3.15
N ASP C 43 32.19 -3.94 2.48
CA ASP C 43 33.11 -2.94 3.04
C ASP C 43 32.73 -1.55 2.54
N ASN C 44 33.22 -0.53 3.23
CA ASN C 44 32.93 0.90 2.94
C ASN C 44 31.44 1.17 3.06
N VAL C 45 30.78 0.55 4.03
CA VAL C 45 29.34 0.77 4.32
C VAL C 45 29.20 2.03 5.16
N PRO C 46 28.42 3.03 4.67
CA PRO C 46 28.24 4.27 5.42
C PRO C 46 27.30 4.07 6.62
N ILE C 47 27.57 4.81 7.68
CA ILE C 47 26.74 4.78 8.90
C ILE C 47 25.59 5.77 8.71
N LEU C 48 24.50 5.27 8.12
CA LEU C 48 23.30 6.05 7.74
C LEU C 48 22.06 5.40 8.33
N SER C 49 21.04 6.20 8.60
CA SER C 49 19.80 5.61 9.17
C SER C 49 19.21 4.61 8.13
N ASP C 50 19.34 4.88 6.85
CA ASP C 50 18.79 3.95 5.82
C ASP C 50 19.49 2.59 5.86
N VAL C 51 20.76 2.53 6.23
CA VAL C 51 21.43 1.20 6.36
C VAL C 51 20.82 0.44 7.54
N PHE C 52 20.62 1.08 8.69
CA PHE C 52 19.97 0.39 9.84
C PHE C 52 18.57 -0.06 9.42
N THR C 53 17.81 0.78 8.72
CA THR C 53 16.42 0.43 8.33
C THR C 53 16.44 -0.76 7.37
N MET C 54 17.30 -0.71 6.36
CA MET C 54 17.41 -1.79 5.35
C MET C 54 17.84 -3.09 6.05
N ASN C 55 18.76 -3.02 7.00
CA ASN C 55 19.21 -4.23 7.72
C ASN C 55 18.04 -4.89 8.49
N GLN C 56 17.15 -4.07 9.06
CA GLN C 56 15.92 -4.58 9.74
C GLN C 56 14.95 -5.19 8.72
N VAL C 57 14.78 -4.59 7.55
CA VAL C 57 13.95 -5.21 6.49
C VAL C 57 14.49 -6.60 6.21
N ILE C 58 15.79 -6.72 5.99
CA ILE C 58 16.42 -8.00 5.59
C ILE C 58 16.38 -9.01 6.74
N ARG C 59 16.66 -8.61 7.96
CA ARG C 59 16.64 -9.60 9.08
C ARG C 59 15.27 -10.30 9.17
N HIS C 60 14.18 -9.56 8.89
CA HIS C 60 12.78 -10.05 9.00
CA HIS C 60 12.79 -10.07 9.02
C HIS C 60 12.53 -11.11 7.93
N LEU C 61 13.40 -11.22 6.93
CA LEU C 61 13.29 -12.23 5.85
C LEU C 61 14.03 -13.53 6.21
N ASN C 62 14.46 -13.68 7.47
CA ASN C 62 15.16 -14.88 7.99
C ASN C 62 16.62 -14.86 7.54
N VAL C 63 17.28 -13.72 7.81
CA VAL C 63 18.66 -13.44 7.37
C VAL C 63 19.41 -12.86 8.55
N ASP C 64 20.65 -13.27 8.74
CA ASP C 64 21.53 -12.68 9.78
C ASP C 64 22.31 -11.52 9.18
N VAL C 65 22.23 -10.36 9.82
CA VAL C 65 22.90 -9.13 9.36
C VAL C 65 23.66 -8.54 10.56
N ASP C 66 24.97 -8.41 10.42
CA ASP C 66 25.84 -7.85 11.49
C ASP C 66 26.56 -6.63 10.90
N PHE C 67 26.36 -5.46 11.51
CA PHE C 67 27.00 -4.20 11.07
C PHE C 67 28.06 -3.81 12.10
N ASP C 68 29.32 -3.95 11.71
CA ASP C 68 30.46 -3.48 12.54
C ASP C 68 30.73 -2.03 12.11
N GLU C 69 30.22 -1.08 12.87
CA GLU C 69 30.26 0.36 12.47
C GLU C 69 31.71 0.86 12.46
N GLN C 70 32.54 0.41 13.41
CA GLN C 70 33.97 0.83 13.52
C GLN C 70 34.70 0.42 12.23
N LYS C 71 34.34 -0.71 11.61
CA LYS C 71 35.01 -1.22 10.39
C LYS C 71 34.26 -0.82 9.12
N ASN C 72 33.10 -0.16 9.24
CA ASN C 72 32.24 0.16 8.08
C ASN C 72 31.97 -1.12 7.30
N GLN C 73 31.63 -2.19 8.02
CA GLN C 73 31.52 -3.52 7.41
C GLN C 73 30.23 -4.22 7.83
N VAL C 74 29.53 -4.77 6.84
CA VAL C 74 28.30 -5.58 7.08
C VAL C 74 28.54 -7.00 6.59
N THR C 75 28.18 -7.97 7.40
CA THR C 75 28.13 -9.40 7.04
C THR C 75 26.67 -9.83 6.95
N ILE C 76 26.36 -10.60 5.92
CA ILE C 76 25.00 -11.09 5.65
C ILE C 76 25.07 -12.60 5.43
N ASP C 77 24.25 -13.34 6.17
CA ASP C 77 24.02 -14.78 5.96
C ASP C 77 22.56 -14.98 5.53
N ALA C 78 22.34 -15.14 4.23
CA ALA C 78 21.00 -15.37 3.64
C ALA C 78 20.86 -16.82 3.17
N SER C 79 21.65 -17.75 3.70
CA SER C 79 21.68 -19.17 3.23
C SER C 79 20.47 -19.98 3.71
N ARG C 80 19.68 -19.47 4.66
CA ARG C 80 18.46 -20.20 5.12
C ARG C 80 17.31 -19.98 4.13
N GLN C 81 16.23 -20.73 4.31
CA GLN C 81 14.94 -20.52 3.60
C GLN C 81 14.42 -19.10 3.92
N LEU C 82 14.31 -18.25 2.92
CA LEU C 82 13.85 -16.86 3.15
C LEU C 82 12.34 -16.87 3.42
N GLU C 83 11.93 -15.98 4.31
CA GLU C 83 10.51 -15.61 4.51
C GLU C 83 10.22 -14.63 3.41
N ILE C 84 8.97 -14.42 3.08
CA ILE C 84 8.74 -13.60 1.86
C ILE C 84 7.95 -12.32 2.13
N GLU C 85 7.61 -12.02 3.38
CA GLU C 85 6.91 -10.76 3.68
C GLU C 85 7.87 -9.78 4.33
N ALA C 86 8.11 -8.66 3.68
CA ALA C 86 8.93 -7.58 4.26
C ALA C 86 8.10 -6.78 5.25
N PRO C 87 8.70 -6.30 6.35
CA PRO C 87 7.92 -5.66 7.45
C PRO C 87 7.58 -4.18 7.17
N TYR C 88 6.30 -3.83 7.14
CA TYR C 88 5.82 -2.47 6.78
C TYR C 88 6.49 -1.43 7.66
N GLU C 89 6.70 -1.75 8.95
CA GLU C 89 7.26 -0.80 9.90
C GLU C 89 8.56 -0.20 9.35
N TYR C 90 9.36 -1.01 8.70
CA TYR C 90 10.66 -0.58 8.16
C TYR C 90 10.55 -0.22 6.67
N VAL C 91 9.80 -1.00 5.89
CA VAL C 91 9.63 -0.71 4.46
C VAL C 91 9.15 0.72 4.23
N SER C 92 8.22 1.19 5.05
CA SER C 92 7.57 2.51 4.94
C SER C 92 8.50 3.66 5.30
N GLN C 93 9.69 3.39 5.82
CA GLN C 93 10.57 4.45 6.39
C GLN C 93 11.73 4.75 5.40
N MET C 94 11.75 4.16 4.21
CA MET C 94 12.82 4.43 3.23
C MET C 94 12.31 4.04 1.85
N ARG C 95 13.05 4.39 0.82
CA ARG C 95 12.69 4.08 -0.59
C ARG C 95 13.18 2.70 -1.00
N ALA C 96 14.44 2.37 -0.79
CA ALA C 96 15.08 1.19 -1.38
C ALA C 96 14.57 -0.12 -0.78
N SER C 97 13.78 -0.09 0.28
CA SER C 97 13.14 -1.26 0.85
C SER C 97 12.41 -2.06 -0.23
N ILE C 98 11.86 -1.36 -1.21
CA ILE C 98 11.10 -2.06 -2.28
C ILE C 98 11.98 -2.99 -3.11
N VAL C 99 13.28 -2.78 -3.18
CA VAL C 99 14.12 -3.62 -4.07
C VAL C 99 14.51 -4.93 -3.41
N VAL C 100 13.89 -5.31 -2.29
CA VAL C 100 13.93 -6.72 -1.85
C VAL C 100 12.97 -7.56 -2.69
N MET C 101 12.04 -6.95 -3.42
CA MET C 101 11.01 -7.75 -4.17
C MET C 101 11.73 -8.63 -5.20
N GLY C 102 12.70 -8.09 -5.94
CA GLY C 102 13.35 -8.82 -7.04
C GLY C 102 14.04 -10.06 -6.51
N PRO C 103 14.92 -9.89 -5.52
CA PRO C 103 15.58 -11.06 -4.94
C PRO C 103 14.64 -12.09 -4.32
N LEU C 104 13.57 -11.65 -3.68
CA LEU C 104 12.59 -12.61 -3.12
C LEU C 104 11.92 -13.40 -4.24
N LEU C 105 11.59 -12.75 -5.36
CA LEU C 105 11.06 -13.49 -6.55
C LEU C 105 12.11 -14.46 -7.06
N ALA C 106 13.35 -14.04 -7.16
CA ALA C 106 14.44 -14.90 -7.66
C ALA C 106 14.61 -16.13 -6.75
N ARG C 107 14.60 -15.95 -5.43
CA ARG C 107 14.93 -17.05 -4.48
C ARG C 107 13.72 -17.94 -4.28
N ASN C 108 12.54 -17.36 -4.13
CA ASN C 108 11.36 -18.05 -3.60
C ASN C 108 10.18 -18.01 -4.57
N GLY C 109 10.22 -17.19 -5.62
CA GLY C 109 9.05 -17.03 -6.50
C GLY C 109 7.89 -16.35 -5.80
N HIS C 110 8.12 -15.62 -4.72
CA HIS C 110 7.03 -15.04 -3.92
C HIS C 110 7.58 -13.87 -3.12
N ALA C 111 6.86 -12.76 -3.11
CA ALA C 111 7.25 -11.55 -2.36
C ALA C 111 5.98 -10.80 -1.94
N LYS C 112 5.96 -10.33 -0.70
CA LYS C 112 4.91 -9.44 -0.16
C LYS C 112 5.60 -8.20 0.39
N VAL C 113 5.36 -7.03 -0.21
CA VAL C 113 6.03 -5.77 0.18
C VAL C 113 5.07 -4.59 0.10
N ALA C 114 5.09 -3.67 1.02
CA ALA C 114 4.16 -2.51 0.93
C ALA C 114 4.78 -1.43 0.03
N MET C 115 3.98 -0.41 -0.34
N MET C 115 3.98 -0.42 -0.32
CA MET C 115 4.54 0.81 -0.98
CA MET C 115 4.47 0.88 -0.84
C MET C 115 5.59 1.39 -0.02
C MET C 115 5.61 1.39 0.03
N PRO C 116 6.81 1.66 -0.52
CA PRO C 116 7.87 2.20 0.31
C PRO C 116 7.70 3.68 0.63
N GLY C 117 8.54 4.13 1.57
CA GLY C 117 8.66 5.53 1.91
C GLY C 117 9.83 6.20 1.23
N GLY C 118 10.53 7.02 1.98
CA GLY C 118 11.63 7.83 1.49
C GLY C 118 11.31 9.30 1.32
N CYS C 119 12.18 9.99 0.60
CA CYS C 119 12.08 11.44 0.36
C CYS C 119 10.68 11.80 -0.13
N ALA C 120 10.01 12.70 0.56
CA ALA C 120 8.62 13.09 0.24
C ALA C 120 8.67 14.24 -0.78
N ILE C 121 9.06 13.93 -2.01
CA ILE C 121 9.38 14.93 -3.05
C ILE C 121 8.57 14.70 -4.32
N GLY C 122 7.52 13.92 -4.22
CA GLY C 122 6.61 13.67 -5.35
C GLY C 122 5.87 12.36 -5.18
N LYS C 123 5.10 11.98 -6.19
CA LYS C 123 4.27 10.76 -6.19
C LYS C 123 5.11 9.48 -6.02
N ARG C 124 6.21 9.39 -6.66
CA ARG C 124 7.09 8.17 -6.57
C ARG C 124 6.38 6.83 -6.70
N PRO C 125 5.69 6.58 -7.83
CA PRO C 125 5.09 5.27 -8.06
C PRO C 125 6.13 4.18 -8.23
N ILE C 126 5.66 2.93 -8.21
CA ILE C 126 6.52 1.74 -8.46
C ILE C 126 5.92 0.91 -9.63
N ASP C 127 5.11 1.52 -10.45
CA ASP C 127 4.43 0.81 -11.56
C ASP C 127 5.45 0.13 -12.47
N LEU C 128 6.59 0.74 -12.73
CA LEU C 128 7.56 0.14 -13.68
C LEU C 128 8.22 -1.10 -13.07
N HIS C 129 8.35 -1.16 -11.72
CA HIS C 129 8.86 -2.38 -11.07
C HIS C 129 7.88 -3.53 -11.36
N LEU C 130 6.60 -3.27 -11.10
CA LEU C 130 5.54 -4.30 -11.21
C LEU C 130 5.37 -4.69 -12.67
N LYS C 131 5.48 -3.74 -13.61
CA LYS C 131 5.41 -4.07 -15.07
C LYS C 131 6.52 -5.06 -15.40
N GLY C 132 7.74 -4.81 -14.91
CA GLY C 132 8.85 -5.69 -15.27
C GLY C 132 8.66 -7.08 -14.67
N PHE C 133 8.21 -7.20 -13.44
CA PHE C 133 8.01 -8.53 -12.83
C PHE C 133 6.89 -9.28 -13.56
N GLN C 134 5.81 -8.60 -13.93
CA GLN C 134 4.74 -9.21 -14.76
C GLN C 134 5.36 -9.75 -16.07
N ALA C 135 6.26 -9.01 -16.70
CA ALA C 135 6.88 -9.40 -17.98
C ALA C 135 7.71 -10.67 -17.79
N LEU C 136 8.28 -10.89 -16.60
CA LEU C 136 9.08 -12.11 -16.29
C LEU C 136 8.18 -13.26 -15.83
N GLY C 137 6.87 -13.08 -15.76
CA GLY C 137 5.93 -14.18 -15.46
C GLY C 137 5.30 -14.06 -14.08
N ALA C 138 5.50 -12.96 -13.33
CA ALA C 138 4.86 -12.81 -12.01
C ALA C 138 3.40 -12.39 -12.17
N LYS C 139 2.57 -12.93 -11.32
CA LYS C 139 1.21 -12.40 -11.08
C LYS C 139 1.34 -11.36 -9.94
N ILE C 140 0.78 -10.18 -10.16
CA ILE C 140 0.79 -9.07 -9.17
C ILE C 140 -0.61 -8.93 -8.61
N ILE C 141 -0.72 -8.99 -7.30
CA ILE C 141 -2.02 -8.93 -6.59
C ILE C 141 -1.93 -7.78 -5.63
N GLN C 142 -2.94 -6.93 -5.56
N GLN C 142 -2.95 -6.95 -5.56
CA GLN C 142 -3.07 -6.03 -4.39
CA GLN C 142 -3.06 -6.06 -4.39
C GLN C 142 -4.25 -6.41 -3.47
C GLN C 142 -4.24 -6.44 -3.48
N LYS C 143 -3.93 -6.89 -2.26
CA LYS C 143 -4.97 -7.16 -1.22
C LYS C 143 -4.97 -5.91 -0.37
N ASN C 144 -5.90 -5.02 -0.69
CA ASN C 144 -6.51 -4.03 0.25
C ASN C 144 -5.41 -3.11 0.80
N GLY C 145 -4.47 -2.55 0.00
CA GLY C 145 -3.24 -1.99 0.64
C GLY C 145 -1.90 -2.72 0.38
N TYR C 146 -1.88 -4.05 0.33
CA TYR C 146 -0.62 -4.83 0.24
C TYR C 146 -0.31 -5.16 -1.23
N ILE C 147 0.94 -5.53 -1.53
CA ILE C 147 1.42 -5.86 -2.90
C ILE C 147 2.10 -7.22 -2.85
N GLU C 148 1.55 -8.17 -3.59
CA GLU C 148 2.04 -9.55 -3.58
C GLU C 148 2.40 -9.91 -5.02
N ALA C 149 3.56 -10.50 -5.18
CA ALA C 149 4.05 -10.98 -6.47
C ALA C 149 4.32 -12.47 -6.34
N ILE C 150 3.83 -13.25 -7.29
CA ILE C 150 3.95 -14.73 -7.28
C ILE C 150 4.39 -15.16 -8.67
N ALA C 151 5.48 -15.91 -8.76
CA ALA C 151 5.98 -16.46 -10.04
C ALA C 151 6.36 -17.91 -9.81
N ASP C 152 5.60 -18.84 -10.37
CA ASP C 152 5.93 -20.29 -10.37
C ASP C 152 7.26 -20.47 -11.10
N GLU C 153 7.50 -19.70 -12.15
CA GLU C 153 8.77 -19.76 -12.91
C GLU C 153 9.04 -18.40 -13.54
N LEU C 154 10.14 -17.78 -13.19
CA LEU C 154 10.57 -16.55 -13.86
C LEU C 154 11.17 -16.94 -15.21
N ILE C 155 10.70 -16.27 -16.26
CA ILE C 155 11.15 -16.56 -17.65
C ILE C 155 11.60 -15.23 -18.28
N GLY C 156 12.80 -15.23 -18.85
CA GLY C 156 13.38 -14.01 -19.43
C GLY C 156 12.48 -13.49 -20.53
N ASN C 157 12.49 -12.17 -20.69
CA ASN C 157 11.63 -11.49 -21.67
C ASN C 157 12.33 -10.17 -22.05
N THR C 158 11.81 -9.53 -23.08
CA THR C 158 12.23 -8.17 -23.44
C THR C 158 11.31 -7.21 -22.73
N ILE C 159 11.86 -6.22 -22.04
CA ILE C 159 11.12 -5.30 -21.16
C ILE C 159 11.58 -3.90 -21.50
N TYR C 160 10.68 -3.05 -21.92
CA TYR C 160 10.97 -1.62 -22.18
C TYR C 160 10.48 -0.80 -21.01
N LEU C 161 11.40 -0.05 -20.42
CA LEU C 161 11.06 0.88 -19.33
C LEU C 161 10.68 2.24 -19.92
N ASP C 162 9.49 2.73 -19.56
CA ASP C 162 9.00 4.02 -20.09
C ASP C 162 9.88 5.17 -19.60
N PHE C 163 10.41 5.03 -18.40
CA PHE C 163 11.34 5.99 -17.78
C PHE C 163 12.53 5.17 -17.31
N PRO C 164 13.78 5.70 -17.40
CA PRO C 164 14.94 4.93 -16.98
C PRO C 164 15.06 4.95 -15.43
N SER C 165 14.10 4.31 -14.78
CA SER C 165 13.95 4.29 -13.33
C SER C 165 15.11 3.54 -12.67
N VAL C 166 15.76 4.19 -11.71
CA VAL C 166 16.84 3.55 -10.94
C VAL C 166 16.34 2.33 -10.20
N GLY C 167 15.33 2.48 -9.35
CA GLY C 167 14.82 1.35 -8.56
C GLY C 167 14.26 0.25 -9.43
N ALA C 168 13.52 0.61 -10.48
CA ALA C 168 12.91 -0.44 -11.32
C ALA C 168 14.02 -1.23 -12.01
N THR C 169 15.06 -0.56 -12.49
CA THR C 169 16.18 -1.25 -13.14
C THR C 169 16.77 -2.25 -12.14
N GLN C 170 17.03 -1.80 -10.92
CA GLN C 170 17.63 -2.64 -9.87
C GLN C 170 16.72 -3.83 -9.53
N ASN C 171 15.44 -3.58 -9.34
CA ASN C 171 14.48 -4.63 -8.92
C ASN C 171 14.41 -5.66 -10.03
N ILE C 172 14.24 -5.22 -11.28
CA ILE C 172 14.06 -6.17 -12.41
C ILE C 172 15.35 -6.97 -12.62
N MET C 173 16.53 -6.32 -12.57
CA MET C 173 17.84 -6.98 -12.72
C MET C 173 17.93 -8.14 -11.72
N MET C 174 17.55 -7.89 -10.48
CA MET C 174 17.75 -8.86 -9.39
C MET C 174 16.78 -10.04 -9.48
N ALA C 175 15.62 -9.89 -10.12
CA ALA C 175 14.79 -11.06 -10.46
C ALA C 175 15.38 -11.78 -11.67
N ALA C 176 15.79 -11.03 -12.68
CA ALA C 176 16.15 -11.59 -13.99
C ALA C 176 17.42 -12.45 -13.91
N VAL C 177 18.32 -12.19 -12.96
CA VAL C 177 19.57 -13.01 -12.84
C VAL C 177 19.24 -14.48 -12.58
N LYS C 178 18.06 -14.80 -12.09
CA LYS C 178 17.63 -16.21 -11.91
C LYS C 178 16.43 -16.58 -12.77
N ALA C 179 16.12 -15.81 -13.80
CA ALA C 179 15.04 -16.19 -14.73
C ALA C 179 15.60 -17.18 -15.77
N LYS C 180 14.73 -17.96 -16.35
CA LYS C 180 15.13 -18.89 -17.43
C LYS C 180 15.43 -18.09 -18.70
N GLY C 181 16.64 -18.26 -19.22
CA GLY C 181 17.02 -17.67 -20.53
C GLY C 181 17.40 -16.21 -20.42
N THR C 182 17.15 -15.48 -21.49
CA THR C 182 17.69 -14.11 -21.72
C THR C 182 16.63 -13.08 -21.35
N THR C 183 17.03 -12.09 -20.56
CA THR C 183 16.24 -10.88 -20.34
C THR C 183 16.93 -9.71 -21.02
N ILE C 184 16.18 -8.88 -21.73
CA ILE C 184 16.68 -7.61 -22.30
C ILE C 184 15.86 -6.51 -21.66
N ILE C 185 16.53 -5.60 -20.95
CA ILE C 185 15.82 -4.45 -20.39
C ILE C 185 16.28 -3.23 -21.17
N GLU C 186 15.34 -2.59 -21.84
CA GLU C 186 15.57 -1.41 -22.70
C GLU C 186 15.25 -0.14 -21.91
N ASN C 187 16.04 0.91 -22.15
CA ASN C 187 15.89 2.23 -21.54
C ASN C 187 16.10 2.13 -20.02
N VAL C 188 17.12 1.40 -19.61
CA VAL C 188 17.46 1.25 -18.16
C VAL C 188 18.14 2.55 -17.65
N ALA C 189 18.07 2.70 -16.32
CA ALA C 189 18.90 3.66 -15.62
C ALA C 189 20.37 3.40 -15.90
N ARG C 190 21.12 4.45 -16.12
CA ARG C 190 22.56 4.38 -16.46
C ARG C 190 23.43 4.86 -15.29
N GLU C 191 22.83 5.23 -14.17
CA GLU C 191 23.55 5.75 -12.98
C GLU C 191 24.64 4.76 -12.54
N PRO C 192 25.76 5.25 -11.96
CA PRO C 192 26.85 4.39 -11.59
C PRO C 192 26.53 3.38 -10.49
N GLU C 193 25.46 3.61 -9.71
CA GLU C 193 25.05 2.59 -8.73
C GLU C 193 24.53 1.33 -9.45
N ILE C 194 24.00 1.48 -10.65
CA ILE C 194 23.58 0.33 -11.47
C ILE C 194 24.82 -0.52 -11.81
N VAL C 195 25.92 0.12 -12.13
CA VAL C 195 27.20 -0.54 -12.47
C VAL C 195 27.73 -1.25 -11.22
N ASP C 196 27.70 -0.60 -10.04
CA ASP C 196 28.23 -1.25 -8.83
C ASP C 196 27.39 -2.50 -8.51
N LEU C 197 26.08 -2.41 -8.66
CA LEU C 197 25.18 -3.55 -8.42
C LEU C 197 25.49 -4.65 -9.42
N ALA C 198 25.57 -4.32 -10.71
CA ALA C 198 25.88 -5.37 -11.72
C ALA C 198 27.22 -6.04 -11.39
N ASN C 199 28.20 -5.26 -10.94
CA ASN C 199 29.53 -5.80 -10.65
C ASN C 199 29.43 -6.83 -9.52
N ILE C 200 28.71 -6.54 -8.42
CA ILE C 200 28.62 -7.55 -7.34
C ILE C 200 27.81 -8.75 -7.86
N LEU C 201 26.76 -8.53 -8.62
CA LEU C 201 25.96 -9.69 -9.11
C LEU C 201 26.85 -10.60 -9.96
N ASN C 202 27.65 -10.05 -10.84
CA ASN C 202 28.57 -10.85 -11.69
C ASN C 202 29.57 -11.61 -10.81
N LYS C 203 30.11 -10.97 -9.80
CA LYS C 203 31.02 -11.64 -8.85
C LYS C 203 30.31 -12.82 -8.19
N MET C 204 29.02 -12.69 -7.92
CA MET C 204 28.19 -13.69 -7.21
C MET C 204 27.82 -14.83 -8.17
N GLY C 205 28.12 -14.73 -9.47
CA GLY C 205 27.87 -15.80 -10.44
C GLY C 205 26.82 -15.44 -11.47
N ALA C 206 26.38 -14.19 -11.49
CA ALA C 206 25.35 -13.78 -12.46
C ALA C 206 26.02 -13.48 -13.80
N GLN C 207 25.17 -13.18 -14.78
CA GLN C 207 25.61 -12.81 -16.16
C GLN C 207 24.83 -11.55 -16.55
N VAL C 208 25.36 -10.40 -16.14
CA VAL C 208 24.74 -9.10 -16.38
C VAL C 208 25.62 -8.27 -17.30
N TYR C 209 25.09 -7.91 -18.48
CA TYR C 209 25.85 -7.18 -19.51
C TYR C 209 25.18 -5.84 -19.75
N GLY C 210 26.01 -4.81 -20.01
CA GLY C 210 25.49 -3.52 -20.48
C GLY C 210 25.16 -2.55 -19.35
N ALA C 211 25.47 -2.86 -18.09
CA ALA C 211 25.25 -1.89 -17.01
C ALA C 211 26.01 -0.60 -17.31
N GLY C 212 25.34 0.52 -17.13
CA GLY C 212 25.87 1.85 -17.45
C GLY C 212 25.49 2.29 -18.85
N THR C 213 24.98 1.36 -19.68
CA THR C 213 24.47 1.67 -21.02
C THR C 213 22.93 1.66 -20.96
N GLU C 214 22.30 2.06 -22.06
CA GLU C 214 20.83 2.16 -22.10
C GLU C 214 20.16 0.78 -22.23
N THR C 215 20.88 -0.29 -22.48
CA THR C 215 20.31 -1.62 -22.67
C THR C 215 21.08 -2.66 -21.86
N MET C 216 20.35 -3.41 -21.04
CA MET C 216 20.94 -4.47 -20.21
C MET C 216 20.48 -5.81 -20.73
N ARG C 217 21.42 -6.72 -20.80
CA ARG C 217 21.14 -8.12 -21.16
C ARG C 217 21.53 -8.97 -19.97
N ILE C 218 20.63 -9.83 -19.55
CA ILE C 218 20.86 -10.78 -18.44
C ILE C 218 20.64 -12.21 -18.92
N GLU C 219 21.61 -13.09 -18.65
CA GLU C 219 21.43 -14.51 -18.96
C GLU C 219 21.25 -15.23 -17.63
N GLY C 220 20.09 -15.79 -17.41
CA GLY C 220 19.75 -16.37 -16.09
C GLY C 220 20.68 -17.52 -15.74
N VAL C 221 20.96 -17.65 -14.46
CA VAL C 221 21.79 -18.76 -13.89
C VAL C 221 21.02 -19.48 -12.80
N ASP C 222 21.52 -20.64 -12.40
CA ASP C 222 20.83 -21.56 -11.46
C ASP C 222 21.06 -21.10 -10.02
N HIS C 223 22.21 -20.52 -9.69
CA HIS C 223 22.70 -20.37 -8.30
C HIS C 223 23.63 -19.15 -8.22
N LEU C 224 23.47 -18.34 -7.19
CA LEU C 224 24.41 -17.25 -6.87
C LEU C 224 25.01 -17.56 -5.50
N HIS C 225 26.24 -17.12 -5.30
CA HIS C 225 26.96 -17.33 -4.03
C HIS C 225 27.44 -15.97 -3.48
N ALA C 226 27.81 -15.96 -2.22
CA ALA C 226 28.23 -14.76 -1.51
C ALA C 226 29.66 -14.37 -1.88
N VAL C 227 29.92 -13.08 -1.89
CA VAL C 227 31.28 -12.55 -2.17
C VAL C 227 31.61 -11.42 -1.19
N ASN C 228 32.82 -10.91 -1.32
CA ASN C 228 33.25 -9.65 -0.66
C ASN C 228 33.15 -8.54 -1.71
N HIS C 229 32.63 -7.40 -1.29
CA HIS C 229 32.48 -6.20 -2.14
C HIS C 229 32.64 -4.93 -1.31
N SER C 230 33.33 -3.97 -1.90
CA SER C 230 33.55 -2.61 -1.37
CA SER C 230 33.54 -2.61 -1.37
C SER C 230 32.63 -1.63 -2.11
N ILE C 231 31.78 -0.94 -1.37
CA ILE C 231 30.80 -0.01 -1.97
C ILE C 231 31.53 1.14 -2.64
N VAL C 232 31.08 1.53 -3.83
CA VAL C 232 31.60 2.73 -4.53
C VAL C 232 31.38 3.98 -3.66
N GLN C 233 32.29 4.94 -3.78
CA GLN C 233 32.18 6.26 -3.13
C GLN C 233 30.87 6.94 -3.48
N ASP C 234 30.29 7.63 -2.49
CA ASP C 234 29.06 8.44 -2.60
C ASP C 234 29.31 9.69 -3.45
N ARG C 235 28.87 9.67 -4.70
CA ARG C 235 29.05 10.83 -5.60
C ARG C 235 28.21 12.03 -5.15
N ILE C 236 27.12 11.82 -4.44
CA ILE C 236 26.25 12.96 -4.02
C ILE C 236 26.90 13.63 -2.80
N GLU C 237 27.42 12.86 -1.85
CA GLU C 237 28.16 13.49 -0.72
C GLU C 237 29.37 14.23 -1.31
N ALA C 238 30.12 13.60 -2.22
CA ALA C 238 31.25 14.23 -2.87
C ALA C 238 30.79 15.55 -3.50
N GLY C 239 29.73 15.51 -4.28
CA GLY C 239 29.21 16.71 -4.94
C GLY C 239 28.80 17.81 -3.96
N THR C 240 28.21 17.42 -2.85
CA THR C 240 27.80 18.38 -1.79
C THR C 240 29.01 19.18 -1.33
N PHE C 241 30.14 18.52 -1.12
CA PHE C 241 31.36 19.23 -0.69
C PHE C 241 31.93 20.06 -1.83
N MET C 242 31.80 19.62 -3.09
CA MET C 242 32.24 20.44 -4.23
C MET C 242 31.46 21.77 -4.23
N VAL C 243 30.15 21.72 -4.03
CA VAL C 243 29.34 22.94 -3.99
C VAL C 243 29.80 23.81 -2.80
N ALA C 244 29.99 23.19 -1.63
CA ALA C 244 30.41 23.96 -0.42
C ALA C 244 31.70 24.74 -0.70
N ALA C 245 32.68 24.08 -1.29
CA ALA C 245 33.98 24.68 -1.65
C ALA C 245 33.76 25.81 -2.67
N ALA C 246 32.96 25.55 -3.71
CA ALA C 246 32.77 26.51 -4.79
C ALA C 246 32.09 27.78 -4.27
N MET C 247 31.25 27.68 -3.22
CA MET C 247 30.43 28.85 -2.81
C MET C 247 31.12 29.68 -1.71
N THR C 248 32.24 29.21 -1.17
CA THR C 248 32.90 29.85 0.01
C THR C 248 34.31 30.30 -0.34
N GLN C 249 34.63 30.53 -1.61
CA GLN C 249 36.03 30.89 -2.01
C GLN C 249 36.97 29.84 -1.43
N GLY C 250 36.57 28.58 -1.50
CA GLY C 250 37.30 27.51 -0.81
C GLY C 250 38.39 26.91 -1.66
N ASN C 251 39.15 26.01 -1.03
CA ASN C 251 40.18 25.19 -1.69
C ASN C 251 40.12 23.84 -1.02
N VAL C 252 39.33 22.92 -1.58
CA VAL C 252 39.02 21.64 -0.95
C VAL C 252 39.40 20.50 -1.90
N LEU C 253 40.12 19.54 -1.36
CA LEU C 253 40.40 18.28 -2.04
C LEU C 253 39.37 17.26 -1.57
N ILE C 254 38.57 16.76 -2.51
CA ILE C 254 37.59 15.68 -2.23
C ILE C 254 38.35 14.40 -2.50
N ALA C 255 38.76 13.72 -1.43
CA ALA C 255 39.72 12.61 -1.49
C ALA C 255 39.14 11.48 -2.34
N ASP C 256 39.91 11.04 -3.31
CA ASP C 256 39.62 9.85 -4.15
C ASP C 256 38.31 10.03 -4.92
N ALA C 257 37.84 11.26 -5.12
CA ALA C 257 36.61 11.51 -5.87
C ALA C 257 36.74 10.94 -7.29
N ILE C 258 35.61 10.44 -7.82
CA ILE C 258 35.54 9.90 -9.19
C ILE C 258 34.93 10.98 -10.08
N SER C 259 35.75 11.70 -10.81
CA SER C 259 35.29 12.84 -11.64
C SER C 259 34.26 12.34 -12.68
N GLU C 260 34.39 11.12 -13.19
CA GLU C 260 33.44 10.54 -14.20
C GLU C 260 32.00 10.52 -13.61
N HIS C 261 31.87 10.47 -12.29
CA HIS C 261 30.55 10.38 -11.62
C HIS C 261 29.92 11.75 -11.42
N ASN C 262 30.64 12.84 -11.69
CA ASN C 262 30.12 14.21 -11.46
C ASN C 262 30.43 15.11 -12.66
N ARG C 263 30.33 14.61 -13.89
CA ARG C 263 30.66 15.44 -15.06
C ARG C 263 29.71 16.63 -15.14
N PRO C 264 28.38 16.50 -15.00
CA PRO C 264 27.52 17.69 -15.08
C PRO C 264 27.82 18.72 -13.99
N LEU C 265 27.93 18.25 -12.77
CA LEU C 265 28.17 19.15 -11.62
C LEU C 265 29.48 19.90 -11.85
N ILE C 266 30.53 19.19 -12.19
CA ILE C 266 31.86 19.82 -12.40
C ILE C 266 31.74 20.87 -13.51
N SER C 267 31.09 20.54 -14.62
CA SER C 267 30.91 21.48 -15.72
C SER C 267 30.13 22.72 -15.26
N LYS C 268 29.07 22.53 -14.49
CA LYS C 268 28.22 23.68 -14.08
C LYS C 268 28.99 24.53 -13.07
N LEU C 269 29.76 23.93 -12.18
CA LEU C 269 30.49 24.77 -11.20
C LEU C 269 31.61 25.55 -11.92
N ILE C 270 32.24 24.98 -12.95
CA ILE C 270 33.17 25.73 -13.81
C ILE C 270 32.43 26.91 -14.48
N GLU C 271 31.21 26.72 -14.96
CA GLU C 271 30.43 27.85 -15.55
C GLU C 271 30.26 28.96 -14.49
N MET C 272 30.14 28.58 -13.22
CA MET C 272 29.95 29.56 -12.12
C MET C 272 31.28 30.18 -11.69
N GLY C 273 32.40 29.74 -12.27
CA GLY C 273 33.72 30.32 -12.01
C GLY C 273 34.63 29.47 -11.16
N ALA C 274 34.20 28.29 -10.73
CA ALA C 274 35.10 27.40 -9.96
C ALA C 274 36.25 26.92 -10.85
N GLU C 275 37.39 26.68 -10.23
CA GLU C 275 38.53 25.97 -10.84
C GLU C 275 38.54 24.57 -10.26
N ILE C 276 38.42 23.55 -11.13
CA ILE C 276 38.33 22.14 -10.69
C ILE C 276 39.46 21.34 -11.31
N ILE C 277 40.26 20.70 -10.48
CA ILE C 277 41.51 20.03 -10.91
C ILE C 277 41.48 18.57 -10.47
N GLU C 278 41.72 17.66 -11.40
CA GLU C 278 41.86 16.22 -11.14
C GLU C 278 43.30 15.99 -10.73
N GLU C 279 43.51 15.56 -9.48
CA GLU C 279 44.86 15.32 -8.91
C GLU C 279 45.01 13.84 -8.57
N GLU C 280 46.22 13.42 -8.23
CA GLU C 280 46.51 12.03 -7.77
C GLU C 280 45.60 11.70 -6.58
N GLY C 281 45.37 12.64 -5.67
CA GLY C 281 44.68 12.40 -4.38
C GLY C 281 43.18 12.59 -4.45
N GLY C 282 42.64 13.09 -5.57
CA GLY C 282 41.20 13.39 -5.67
C GLY C 282 40.90 14.56 -6.57
N VAL C 283 39.73 15.13 -6.40
CA VAL C 283 39.29 16.31 -7.19
C VAL C 283 39.36 17.53 -6.29
N ARG C 284 40.10 18.54 -6.73
CA ARG C 284 40.23 19.81 -6.00
C ARG C 284 39.26 20.84 -6.60
N VAL C 285 38.53 21.51 -5.73
CA VAL C 285 37.61 22.60 -6.11
C VAL C 285 38.09 23.87 -5.44
N ILE C 286 38.25 24.91 -6.26
CA ILE C 286 38.68 26.27 -5.83
C ILE C 286 37.54 27.23 -6.18
N GLY C 287 36.91 27.81 -5.16
CA GLY C 287 35.78 28.71 -5.38
C GLY C 287 36.25 30.09 -5.82
N PRO C 288 35.49 30.76 -6.71
CA PRO C 288 35.89 32.06 -7.20
C PRO C 288 35.54 33.21 -6.23
N LYS C 289 36.23 34.32 -6.40
CA LYS C 289 35.87 35.59 -5.72
C LYS C 289 34.48 36.02 -6.18
N HIS C 290 34.15 35.83 -7.47
CA HIS C 290 32.87 36.28 -8.06
C HIS C 290 32.14 35.05 -8.57
N ILE C 291 31.13 34.61 -7.83
CA ILE C 291 30.28 33.45 -8.26
C ILE C 291 29.37 33.94 -9.39
N LEU C 292 29.43 33.28 -10.55
CA LEU C 292 28.64 33.67 -11.74
C LEU C 292 27.36 32.84 -11.83
N PRO C 293 26.25 33.43 -12.28
CA PRO C 293 24.99 32.71 -12.33
C PRO C 293 25.04 31.63 -13.42
N THR C 294 24.24 30.58 -13.24
CA THR C 294 24.10 29.55 -14.28
C THR C 294 22.73 28.88 -14.11
N ASP C 295 22.26 28.31 -15.20
CA ASP C 295 20.96 27.60 -15.22
C ASP C 295 21.21 26.09 -15.11
N VAL C 296 20.29 25.40 -14.45
CA VAL C 296 20.38 23.94 -14.20
C VAL C 296 19.08 23.31 -14.66
N LYS C 297 19.22 22.17 -15.35
CA LYS C 297 18.07 21.33 -15.69
C LYS C 297 18.36 19.90 -15.22
N THR C 298 17.57 19.38 -14.32
CA THR C 298 17.76 18.00 -13.85
C THR C 298 17.26 17.05 -14.93
N MET C 299 17.95 15.92 -15.05
N MET C 299 17.94 15.92 -15.03
CA MET C 299 17.68 14.88 -16.05
CA MET C 299 17.65 14.88 -16.03
C MET C 299 18.19 13.57 -15.49
C MET C 299 18.18 13.56 -15.48
N PRO C 300 17.67 12.42 -15.98
CA PRO C 300 18.33 11.15 -15.72
C PRO C 300 19.75 11.18 -16.27
N HIS C 301 20.62 10.31 -15.73
CA HIS C 301 21.99 10.16 -16.25
C HIS C 301 21.86 10.04 -17.75
N PRO C 302 22.66 10.73 -18.58
CA PRO C 302 23.88 11.48 -18.19
C PRO C 302 23.77 12.98 -17.95
N GLY C 303 22.55 13.45 -17.77
CA GLY C 303 22.30 14.86 -17.48
C GLY C 303 22.51 15.16 -15.99
N PHE C 304 22.09 16.33 -15.60
CA PHE C 304 22.42 16.86 -14.25
C PHE C 304 21.54 16.15 -13.21
N PRO C 305 22.15 15.52 -12.18
CA PRO C 305 21.39 14.66 -11.26
C PRO C 305 20.45 15.45 -10.35
N THR C 306 19.21 14.97 -10.24
CA THR C 306 18.25 15.59 -9.31
C THR C 306 18.81 15.60 -7.87
N ASP C 307 19.61 14.61 -7.50
CA ASP C 307 20.12 14.55 -6.10
C ASP C 307 21.17 15.64 -5.85
N MET C 308 21.59 16.44 -6.85
CA MET C 308 22.47 17.61 -6.62
C MET C 308 21.69 18.91 -6.70
N GLN C 309 20.41 18.88 -7.08
CA GLN C 309 19.63 20.10 -7.39
C GLN C 309 19.53 21.04 -6.17
N ALA C 310 19.12 20.53 -5.02
CA ALA C 310 18.86 21.39 -3.85
C ALA C 310 20.18 22.09 -3.49
N GLN C 311 21.24 21.31 -3.43
CA GLN C 311 22.57 21.83 -3.05
C GLN C 311 22.98 22.91 -4.05
N MET C 312 22.72 22.69 -5.33
CA MET C 312 23.11 23.63 -6.38
C MET C 312 22.30 24.93 -6.24
N THR C 313 21.05 24.88 -5.80
CA THR C 313 20.28 26.13 -5.63
C THR C 313 20.93 27.00 -4.55
N ALA C 314 21.61 26.39 -3.57
CA ALA C 314 22.28 27.19 -2.53
C ALA C 314 23.38 28.06 -3.16
N ILE C 315 24.17 27.51 -4.08
CA ILE C 315 25.21 28.36 -4.73
C ILE C 315 24.55 29.30 -5.77
N GLN C 316 23.52 28.88 -6.45
CA GLN C 316 22.81 29.77 -7.40
C GLN C 316 22.26 30.98 -6.64
N LEU C 317 21.79 30.79 -5.42
CA LEU C 317 21.17 31.91 -4.65
C LEU C 317 22.21 32.90 -4.13
N VAL C 318 23.50 32.60 -4.24
CA VAL C 318 24.55 33.59 -3.89
C VAL C 318 25.38 34.02 -5.10
N ALA C 319 24.96 33.63 -6.31
CA ALA C 319 25.66 34.03 -7.55
C ALA C 319 25.31 35.48 -7.87
N GLU C 320 26.16 36.15 -8.66
CA GLU C 320 26.06 37.60 -8.98
C GLU C 320 25.14 37.77 -10.18
N GLY C 321 23.87 37.44 -10.00
CA GLY C 321 22.88 37.57 -11.09
C GLY C 321 21.71 36.64 -10.91
N THR C 322 21.00 36.39 -12.02
CA THR C 322 19.80 35.55 -11.98
C THR C 322 20.11 34.18 -12.56
N SER C 323 19.71 33.15 -11.84
CA SER C 323 19.85 31.72 -12.21
C SER C 323 18.48 31.08 -12.25
N VAL C 324 18.38 30.02 -13.04
CA VAL C 324 17.13 29.25 -13.21
C VAL C 324 17.43 27.81 -12.87
N VAL C 325 16.50 27.13 -12.25
CA VAL C 325 16.55 25.65 -12.13
C VAL C 325 15.22 25.11 -12.67
N THR C 326 15.34 24.06 -13.46
CA THR C 326 14.18 23.27 -13.95
C THR C 326 14.35 21.85 -13.41
N GLU C 327 13.37 21.40 -12.64
CA GLU C 327 13.39 20.08 -11.98
C GLU C 327 12.44 19.20 -12.77
N THR C 328 12.97 18.33 -13.61
CA THR C 328 12.14 17.49 -14.50
C THR C 328 11.92 16.08 -13.94
N VAL C 329 12.61 15.66 -12.88
CA VAL C 329 12.57 14.24 -12.43
C VAL C 329 11.52 14.04 -11.35
N PHE C 330 11.40 14.95 -10.39
CA PHE C 330 10.43 14.86 -9.28
C PHE C 330 9.52 16.09 -9.29
N GLU C 331 8.25 15.92 -8.88
CA GLU C 331 7.22 16.99 -8.97
C GLU C 331 7.25 17.96 -7.80
N ASN C 332 7.85 17.60 -6.67
CA ASN C 332 7.70 18.39 -5.41
C ASN C 332 9.08 18.51 -4.74
N ARG C 333 10.07 18.99 -5.45
CA ARG C 333 11.45 19.08 -4.92
C ARG C 333 11.95 20.52 -4.83
N PHE C 334 11.08 21.45 -4.49
CA PHE C 334 11.46 22.87 -4.28
C PHE C 334 11.18 23.36 -2.86
N GLN C 335 10.79 22.52 -1.93
CA GLN C 335 10.38 23.03 -0.59
C GLN C 335 11.54 23.74 0.11
N HIS C 336 12.78 23.35 -0.15
CA HIS C 336 13.93 24.04 0.47
C HIS C 336 13.98 25.51 0.05
N LEU C 337 13.51 25.83 -1.16
CA LEU C 337 13.52 27.24 -1.64
C LEU C 337 12.53 28.06 -0.82
N GLU C 338 11.39 27.47 -0.47
CA GLU C 338 10.40 28.17 0.39
C GLU C 338 11.06 28.46 1.74
N GLU C 339 11.81 27.50 2.28
CA GLU C 339 12.50 27.74 3.57
C GLU C 339 13.57 28.82 3.41
N MET C 340 14.31 28.80 2.31
CA MET C 340 15.39 29.80 2.12
C MET C 340 14.79 31.22 2.01
N ARG C 341 13.51 31.38 1.68
CA ARG C 341 12.89 32.72 1.72
C ARG C 341 13.01 33.31 3.12
N ARG C 342 12.98 32.48 4.17
CA ARG C 342 13.12 32.98 5.57
C ARG C 342 14.50 33.57 5.74
N MET C 343 15.47 33.15 4.90
CA MET C 343 16.88 33.62 4.92
C MET C 343 17.07 34.76 3.91
N ASN C 344 15.99 35.40 3.47
CA ASN C 344 16.01 36.54 2.53
C ASN C 344 16.31 36.07 1.09
N ALA C 345 16.11 34.79 0.75
CA ALA C 345 16.26 34.34 -0.65
C ALA C 345 15.17 34.97 -1.52
N HIS C 346 15.55 35.50 -2.65
CA HIS C 346 14.64 36.07 -3.68
C HIS C 346 14.47 35.02 -4.77
N VAL C 347 13.33 34.33 -4.76
CA VAL C 347 13.09 33.22 -5.70
C VAL C 347 11.62 33.19 -6.07
N LYS C 348 11.33 33.00 -7.36
CA LYS C 348 9.97 32.90 -7.92
C LYS C 348 9.82 31.47 -8.41
N ILE C 349 8.77 30.80 -7.99
CA ILE C 349 8.54 29.39 -8.38
C ILE C 349 7.29 29.33 -9.24
N ASP C 350 7.36 28.65 -10.37
CA ASP C 350 6.22 28.46 -11.31
C ASP C 350 6.30 27.02 -11.83
N GLY C 351 5.48 26.11 -11.29
CA GLY C 351 5.53 24.68 -11.67
C GLY C 351 6.91 24.12 -11.38
N ASN C 352 7.58 23.63 -12.41
CA ASN C 352 8.87 22.94 -12.22
C ASN C 352 10.05 23.88 -12.47
N VAL C 353 9.84 25.19 -12.47
CA VAL C 353 10.91 26.18 -12.74
C VAL C 353 11.01 27.15 -11.57
N ALA C 354 12.21 27.36 -11.07
CA ALA C 354 12.48 28.40 -10.07
C ALA C 354 13.49 29.40 -10.63
N ILE C 355 13.21 30.68 -10.45
CA ILE C 355 14.10 31.79 -10.88
C ILE C 355 14.64 32.46 -9.62
N MET C 356 15.96 32.48 -9.53
CA MET C 356 16.69 32.89 -8.29
C MET C 356 17.49 34.16 -8.58
N ASP C 357 17.22 35.21 -7.82
CA ASP C 357 17.97 36.48 -7.88
C ASP C 357 19.02 36.45 -6.77
N GLY C 358 20.27 36.20 -7.14
CA GLY C 358 21.38 36.04 -6.18
C GLY C 358 21.96 37.36 -5.72
N ASN C 359 21.49 38.51 -6.22
CA ASN C 359 22.03 39.86 -5.84
C ASN C 359 21.41 40.36 -4.53
N HIS C 360 21.35 39.49 -3.54
CA HIS C 360 20.83 39.80 -2.20
C HIS C 360 21.66 38.99 -1.21
N GLU C 361 21.85 39.52 -0.03
CA GLU C 361 22.64 38.84 1.03
C GLU C 361 21.67 37.95 1.80
N LEU C 362 21.97 36.67 1.89
CA LEU C 362 21.20 35.76 2.75
C LEU C 362 21.43 36.15 4.20
N GLN C 363 20.40 35.94 5.03
CA GLN C 363 20.39 36.26 6.48
C GLN C 363 20.10 34.99 7.24
N GLY C 364 20.80 34.75 8.33
CA GLY C 364 20.59 33.57 9.18
C GLY C 364 19.14 33.51 9.64
N ALA C 365 18.58 32.32 9.68
CA ALA C 365 17.21 32.09 10.16
C ALA C 365 17.11 30.64 10.64
N GLU C 366 16.03 30.36 11.36
CA GLU C 366 15.63 29.00 11.75
C GLU C 366 14.89 28.40 10.57
N VAL C 367 15.44 27.34 9.99
CA VAL C 367 14.84 26.70 8.79
C VAL C 367 14.66 25.20 9.04
N TYR C 368 13.69 24.63 8.34
CA TYR C 368 13.16 23.26 8.58
C TYR C 368 13.38 22.45 7.32
N ALA C 369 14.26 21.44 7.38
CA ALA C 369 14.42 20.49 6.30
C ALA C 369 13.13 19.72 6.08
N THR C 370 12.86 19.38 4.82
CA THR C 370 11.70 18.53 4.47
C THR C 370 12.13 17.18 3.92
N ASP C 371 13.39 17.03 3.59
CA ASP C 371 13.90 15.80 2.93
C ASP C 371 15.44 15.87 3.00
N LEU C 372 16.07 14.76 2.71
CA LEU C 372 17.52 14.54 2.84
C LEU C 372 18.35 15.67 2.19
N ARG C 373 18.22 15.88 0.88
CA ARG C 373 19.09 16.84 0.18
C ARG C 373 18.72 18.29 0.56
N ALA C 374 17.46 18.55 0.87
CA ALA C 374 17.04 19.87 1.36
C ALA C 374 17.82 20.20 2.63
N ALA C 375 18.00 19.23 3.54
CA ALA C 375 18.73 19.50 4.80
C ALA C 375 20.16 19.95 4.44
N ALA C 376 20.84 19.23 3.57
CA ALA C 376 22.22 19.58 3.16
C ALA C 376 22.24 20.97 2.51
N ALA C 377 21.25 21.26 1.67
CA ALA C 377 21.18 22.55 0.97
C ALA C 377 21.02 23.69 1.97
N LEU C 378 20.23 23.50 3.03
CA LEU C 378 20.02 24.57 4.00
C LEU C 378 21.34 24.81 4.77
N VAL C 379 22.07 23.76 5.09
CA VAL C 379 23.37 23.95 5.79
C VAL C 379 24.31 24.74 4.86
N LEU C 380 24.37 24.39 3.60
CA LEU C 380 25.22 25.09 2.61
C LEU C 380 24.80 26.56 2.51
N ALA C 381 23.50 26.86 2.46
CA ALA C 381 23.06 28.27 2.44
C ALA C 381 23.57 28.96 3.70
N GLY C 382 23.53 28.27 4.83
CA GLY C 382 24.05 28.84 6.10
C GLY C 382 25.50 29.30 5.97
N LEU C 383 26.32 28.57 5.22
CA LEU C 383 27.75 28.91 5.04
C LEU C 383 27.92 30.31 4.44
N LYS C 384 26.92 30.83 3.74
CA LYS C 384 27.01 32.14 3.08
C LYS C 384 26.02 33.15 3.66
N ALA C 385 25.32 32.84 4.71
CA ALA C 385 24.31 33.76 5.30
C ALA C 385 25.00 34.63 6.34
N ASN C 386 24.52 35.85 6.47
CA ASN C 386 24.96 36.80 7.49
C ASN C 386 24.31 36.36 8.82
N GLY C 387 25.12 35.93 9.78
CA GLY C 387 24.64 35.58 11.12
C GLY C 387 24.43 34.08 11.29
N ILE C 388 23.47 33.72 12.09
CA ILE C 388 23.28 32.35 12.61
C ILE C 388 22.11 31.70 11.88
N THR C 389 22.38 30.55 11.27
CA THR C 389 21.35 29.68 10.67
C THR C 389 21.20 28.44 11.53
N ARG C 390 19.96 28.05 11.81
CA ARG C 390 19.66 26.83 12.58
C ARG C 390 18.85 25.93 11.66
N VAL C 391 19.41 24.79 11.31
CA VAL C 391 18.76 23.81 10.43
C VAL C 391 18.17 22.68 11.27
N ARG C 392 16.87 22.48 11.15
CA ARG C 392 16.11 21.54 11.96
C ARG C 392 15.57 20.41 11.08
N ASN C 393 15.12 19.35 11.76
CA ASN C 393 14.66 18.07 11.15
C ASN C 393 15.84 17.31 10.60
N LEU C 394 16.79 16.98 11.46
CA LEU C 394 18.03 16.29 11.04
C LEU C 394 17.77 14.80 10.78
N ASN C 395 16.62 14.26 11.19
CA ASN C 395 16.22 12.88 10.79
C ASN C 395 16.39 12.73 9.28
N TYR C 396 16.06 13.75 8.50
CA TYR C 396 16.15 13.64 7.04
C TYR C 396 17.62 13.55 6.64
N LEU C 397 18.47 14.40 7.24
CA LEU C 397 19.90 14.47 6.90
C LEU C 397 20.56 13.11 7.17
N ASP C 398 20.22 12.48 8.27
CA ASP C 398 20.88 11.26 8.77
C ASP C 398 20.62 10.07 7.84
N ARG C 399 19.64 10.19 6.91
CA ARG C 399 19.43 9.10 5.91
C ARG C 399 20.58 9.02 4.90
N GLY C 400 21.37 10.09 4.72
CA GLY C 400 22.34 10.13 3.64
C GLY C 400 23.69 10.72 3.95
N TYR C 401 23.88 11.37 5.11
CA TYR C 401 25.19 11.97 5.45
C TYR C 401 25.62 11.40 6.80
N TYR C 402 26.89 10.99 6.89
CA TYR C 402 27.53 10.68 8.17
C TYR C 402 28.48 11.81 8.55
N ASN C 403 28.33 12.30 9.81
CA ASN C 403 29.30 13.28 10.39
C ASN C 403 29.43 14.53 9.51
N PHE C 404 28.32 14.98 8.90
CA PHE C 404 28.36 16.15 8.00
C PHE C 404 28.95 17.36 8.70
N HIS C 405 28.54 17.63 9.95
CA HIS C 405 28.96 18.83 10.70
C HIS C 405 30.46 18.73 11.03
N ILE C 406 30.94 17.53 11.34
CA ILE C 406 32.37 17.33 11.67
C ILE C 406 33.22 17.54 10.42
N LYS C 407 32.81 16.97 9.28
CA LYS C 407 33.58 17.12 8.03
C LYS C 407 33.65 18.60 7.66
N LEU C 408 32.54 19.34 7.81
CA LEU C 408 32.56 20.80 7.50
C LEU C 408 33.48 21.52 8.48
N GLN C 409 33.42 21.20 9.76
CA GLN C 409 34.22 21.85 10.82
C GLN C 409 35.71 21.68 10.48
N GLN C 410 36.08 20.48 10.03
CA GLN C 410 37.48 20.14 9.71
C GLN C 410 37.98 20.94 8.50
N LEU C 411 37.09 21.47 7.67
CA LEU C 411 37.44 22.34 6.53
C LEU C 411 37.46 23.82 6.97
N GLY C 412 37.21 24.11 8.22
CA GLY C 412 37.17 25.49 8.72
C GLY C 412 35.80 26.12 8.79
N ALA C 413 34.72 25.39 8.46
CA ALA C 413 33.35 25.95 8.54
C ALA C 413 32.98 26.06 10.02
N ASP C 414 32.17 27.06 10.35
CA ASP C 414 31.64 27.24 11.71
C ASP C 414 30.27 26.55 11.73
N VAL C 415 30.28 25.25 11.97
CA VAL C 415 29.11 24.34 11.91
C VAL C 415 29.15 23.45 13.14
N GLU C 416 28.04 23.38 13.88
CA GLU C 416 27.94 22.55 15.10
C GLU C 416 26.62 21.79 15.03
N ARG C 417 26.58 20.62 15.65
CA ARG C 417 25.34 19.88 15.86
C ARG C 417 25.06 19.84 17.34
N VAL C 418 23.92 20.39 17.78
CA VAL C 418 23.64 20.59 19.23
C VAL C 418 22.20 20.24 19.54
N ASP C 419 21.94 19.91 20.79
CA ASP C 419 20.56 19.71 21.29
C ASP C 419 19.83 21.05 21.21
N MET C 420 18.57 21.03 20.80
CA MET C 420 17.66 22.18 21.00
C MET C 420 17.16 22.22 22.45
N MET D 1 -7.08 25.09 -49.63
CA MET D 1 -7.17 24.54 -50.99
C MET D 1 -7.48 23.04 -50.87
N GLU D 2 -6.71 22.23 -50.14
CA GLU D 2 -6.80 20.74 -50.23
C GLU D 2 -7.08 20.12 -48.85
N GLU D 3 -7.66 18.92 -48.89
CA GLU D 3 -7.92 18.10 -47.70
C GLU D 3 -7.61 16.64 -48.00
N ILE D 4 -7.32 15.89 -46.93
CA ILE D 4 -7.25 14.42 -47.07
C ILE D 4 -8.58 13.88 -46.56
N ILE D 5 -9.22 13.04 -47.35
CA ILE D 5 -10.49 12.41 -46.98
C ILE D 5 -10.24 10.93 -46.75
N VAL D 6 -10.71 10.45 -45.62
CA VAL D 6 -10.52 9.06 -45.16
C VAL D 6 -11.91 8.45 -44.95
N ARG D 7 -12.07 7.21 -45.38
CA ARG D 7 -13.12 6.32 -44.88
C ARG D 7 -12.45 5.23 -44.06
N GLY D 8 -12.91 5.03 -42.84
CA GLY D 8 -12.37 4.03 -41.95
C GLY D 8 -12.83 2.62 -42.28
N GLY D 9 -12.20 1.63 -41.66
CA GLY D 9 -12.70 0.25 -41.66
C GLY D 9 -11.94 -0.67 -42.61
N ASN D 10 -10.80 -0.27 -43.16
CA ASN D 10 -10.00 -1.13 -44.09
C ASN D 10 -8.76 -1.63 -43.37
N GLN D 11 -8.39 -2.88 -43.63
CA GLN D 11 -7.08 -3.43 -43.19
C GLN D 11 -6.01 -2.97 -44.17
N LEU D 12 -4.86 -2.57 -43.65
CA LEU D 12 -3.71 -2.24 -44.50
C LEU D 12 -2.86 -3.48 -44.74
N ASN D 13 -2.50 -3.71 -45.99
CA ASN D 13 -1.68 -4.88 -46.39
C ASN D 13 -0.78 -4.48 -47.52
N GLY D 14 0.46 -4.90 -47.45
CA GLY D 14 1.42 -4.78 -48.55
C GLY D 14 2.75 -4.25 -48.09
N THR D 15 3.46 -3.64 -49.02
CA THR D 15 4.82 -3.13 -48.75
C THR D 15 4.80 -1.64 -48.93
N VAL D 16 5.42 -0.89 -48.01
CA VAL D 16 5.53 0.58 -48.15
C VAL D 16 7.02 0.97 -48.19
N ARG D 17 7.35 1.90 -49.10
CA ARG D 17 8.72 2.44 -49.26
C ARG D 17 8.76 3.76 -48.53
N ILE D 18 9.88 4.02 -47.88
CA ILE D 18 10.08 5.18 -46.98
C ILE D 18 11.14 6.09 -47.58
N GLU D 19 10.91 7.39 -47.51
CA GLU D 19 11.83 8.40 -48.08
C GLU D 19 13.04 8.59 -47.14
N GLY D 20 14.04 9.30 -47.63
CA GLY D 20 15.13 9.82 -46.80
C GLY D 20 14.58 10.70 -45.69
N ALA D 21 15.27 10.76 -44.57
CA ALA D 21 14.81 11.44 -43.36
C ALA D 21 14.77 12.96 -43.53
N LYS D 22 13.59 13.53 -43.26
CA LYS D 22 13.42 14.99 -43.12
C LYS D 22 14.52 15.54 -42.20
N ASN D 23 14.68 14.91 -41.06
CA ASN D 23 15.53 15.52 -40.01
C ASN D 23 17.00 15.15 -40.17
N ALA D 24 17.38 14.34 -41.14
CA ALA D 24 18.80 14.20 -41.51
C ALA D 24 19.11 15.12 -42.70
N VAL D 25 18.23 15.20 -43.70
CA VAL D 25 18.62 15.95 -44.92
C VAL D 25 18.82 17.46 -44.58
N LEU D 26 18.05 17.99 -43.65
CA LEU D 26 18.06 19.42 -43.40
C LEU D 26 19.40 19.85 -42.77
N PRO D 27 19.89 19.21 -41.68
CA PRO D 27 21.21 19.58 -41.18
C PRO D 27 22.33 19.21 -42.16
N ILE D 28 22.13 18.16 -42.97
CA ILE D 28 23.18 17.78 -43.96
C ILE D 28 23.24 18.83 -45.09
N LEU D 29 22.11 19.40 -45.50
CA LEU D 29 22.15 20.55 -46.43
C LEU D 29 22.95 21.71 -45.80
N ALA D 30 22.75 22.01 -44.53
CA ALA D 30 23.55 23.05 -43.87
C ALA D 30 25.03 22.65 -43.88
N ALA D 31 25.35 21.39 -43.62
CA ALA D 31 26.72 20.91 -43.62
C ALA D 31 27.37 21.14 -44.97
N SER D 32 26.63 21.05 -46.07
CA SER D 32 27.18 21.30 -47.42
C SER D 32 27.82 22.69 -47.52
N LEU D 33 27.42 23.65 -46.67
CA LEU D 33 28.04 24.99 -46.64
C LEU D 33 29.51 24.89 -46.26
N LEU D 34 29.93 23.83 -45.60
CA LEU D 34 31.34 23.72 -45.14
C LEU D 34 32.28 23.39 -46.29
N ALA D 35 31.78 22.87 -47.41
CA ALA D 35 32.60 22.36 -48.53
C ALA D 35 33.16 23.51 -49.36
N GLU D 36 34.39 23.91 -49.08
CA GLU D 36 35.08 25.05 -49.73
C GLU D 36 35.49 24.71 -51.17
N GLU D 37 35.57 23.43 -51.50
CA GLU D 37 35.93 22.96 -52.86
C GLU D 37 35.04 21.76 -53.18
N GLY D 38 34.75 21.58 -54.46
CA GLY D 38 33.91 20.47 -54.94
C GLY D 38 32.45 20.80 -54.89
N ILE D 39 31.66 19.86 -55.38
CA ILE D 39 30.18 19.91 -55.47
C ILE D 39 29.65 18.77 -54.64
N THR D 40 28.76 19.09 -53.71
CA THR D 40 28.13 18.07 -52.85
C THR D 40 27.01 17.43 -53.67
N THR D 41 26.93 16.11 -53.69
CA THR D 41 25.74 15.40 -54.20
C THR D 41 25.07 14.61 -53.09
N LEU D 42 23.84 14.98 -52.77
CA LEU D 42 22.99 14.27 -51.78
C LEU D 42 21.99 13.43 -52.54
N ASP D 43 21.93 12.16 -52.21
CA ASP D 43 20.94 11.20 -52.73
C ASP D 43 19.92 10.85 -51.65
N ASN D 44 18.81 10.29 -52.06
CA ASN D 44 17.67 9.89 -51.22
C ASN D 44 17.10 11.11 -50.51
N VAL D 45 17.04 12.24 -51.20
CA VAL D 45 16.47 13.51 -50.69
C VAL D 45 14.97 13.44 -50.84
N PRO D 46 14.20 13.60 -49.75
CA PRO D 46 12.73 13.56 -49.84
C PRO D 46 12.22 14.88 -50.41
N ILE D 47 11.11 14.76 -51.15
CA ILE D 47 10.40 15.93 -51.74
C ILE D 47 9.44 16.47 -50.69
N LEU D 48 9.97 17.37 -49.86
CA LEU D 48 9.29 17.99 -48.71
C LEU D 48 9.37 19.50 -48.82
N SER D 49 8.36 20.20 -48.32
CA SER D 49 8.38 21.67 -48.35
C SER D 49 9.63 22.18 -47.61
N ASP D 50 10.05 21.51 -46.53
CA ASP D 50 11.23 21.99 -45.77
C ASP D 50 12.50 21.89 -46.62
N VAL D 51 12.60 20.97 -47.54
CA VAL D 51 13.79 20.89 -48.44
C VAL D 51 13.78 22.10 -49.36
N PHE D 52 12.64 22.43 -49.98
CA PHE D 52 12.58 23.64 -50.83
C PHE D 52 12.93 24.87 -50.00
N THR D 53 12.41 24.97 -48.76
CA THR D 53 12.66 26.14 -47.91
C THR D 53 14.15 26.24 -47.56
N MET D 54 14.73 25.14 -47.15
CA MET D 54 16.17 25.09 -46.76
C MET D 54 17.03 25.43 -47.99
N ASN D 55 16.67 24.94 -49.17
CA ASN D 55 17.45 25.25 -50.38
C ASN D 55 17.45 26.74 -50.67
N GLN D 56 16.34 27.44 -50.40
CA GLN D 56 16.23 28.89 -50.59
C GLN D 56 17.07 29.61 -49.52
N VAL D 57 17.08 29.14 -48.27
CA VAL D 57 17.97 29.71 -47.24
C VAL D 57 19.41 29.66 -47.78
N ILE D 58 19.83 28.53 -48.26
CA ILE D 58 21.22 28.28 -48.69
C ILE D 58 21.55 29.10 -49.93
N ARG D 59 20.65 29.13 -50.93
CA ARG D 59 20.95 29.90 -52.15
C ARG D 59 21.28 31.36 -51.82
N HIS D 60 20.59 31.94 -50.83
CA HIS D 60 20.73 33.37 -50.44
CA HIS D 60 20.74 33.35 -50.44
C HIS D 60 22.11 33.61 -49.82
N LEU D 61 22.84 32.56 -49.46
CA LEU D 61 24.20 32.67 -48.89
C LEU D 61 25.26 32.62 -49.98
N ASN D 62 24.87 32.72 -51.26
CA ASN D 62 25.77 32.75 -52.44
C ASN D 62 26.25 31.33 -52.74
N VAL D 63 25.28 30.43 -52.88
CA VAL D 63 25.49 29.00 -53.08
C VAL D 63 24.53 28.55 -54.19
N ASP D 64 25.00 27.69 -55.07
CA ASP D 64 24.15 27.07 -56.11
C ASP D 64 23.57 25.79 -55.58
N VAL D 65 22.24 25.64 -55.68
CA VAL D 65 21.52 24.44 -55.20
C VAL D 65 20.57 24.00 -56.31
N ASP D 66 20.72 22.76 -56.76
CA ASP D 66 19.87 22.17 -57.85
C ASP D 66 19.22 20.90 -57.30
N PHE D 67 17.89 20.87 -57.28
CA PHE D 67 17.10 19.72 -56.78
C PHE D 67 16.48 19.00 -57.95
N ASP D 68 17.02 17.83 -58.30
CA ASP D 68 16.40 16.96 -59.34
C ASP D 68 15.41 16.04 -58.61
N GLU D 69 14.14 16.39 -58.63
CA GLU D 69 13.11 15.68 -57.83
C GLU D 69 12.93 14.25 -58.35
N GLN D 70 13.00 14.02 -59.67
CA GLN D 70 12.84 12.68 -60.28
C GLN D 70 13.95 11.76 -59.72
N LYS D 71 15.16 12.26 -59.47
CA LYS D 71 16.30 11.45 -58.99
C LYS D 71 16.44 11.53 -57.44
N ASN D 72 15.62 12.31 -56.76
CA ASN D 72 15.71 12.56 -55.30
C ASN D 72 17.17 12.99 -55.01
N GLN D 73 17.68 13.94 -55.77
CA GLN D 73 19.09 14.31 -55.70
C GLN D 73 19.27 15.83 -55.66
N VAL D 74 20.09 16.30 -54.71
CA VAL D 74 20.44 17.73 -54.64
C VAL D 74 21.95 17.87 -54.86
N THR D 75 22.33 18.84 -55.67
CA THR D 75 23.74 19.24 -55.86
C THR D 75 23.92 20.62 -55.29
N ILE D 76 25.03 20.81 -54.59
CA ILE D 76 25.34 22.08 -53.89
C ILE D 76 26.75 22.51 -54.29
N ASP D 77 26.89 23.75 -54.75
CA ASP D 77 28.20 24.39 -54.97
C ASP D 77 28.33 25.57 -54.00
N ALA D 78 29.05 25.34 -52.90
CA ALA D 78 29.30 26.37 -51.86
C ALA D 78 30.76 26.86 -51.92
N SER D 79 31.44 26.70 -53.05
CA SER D 79 32.87 27.06 -53.21
C SER D 79 33.10 28.56 -53.29
N ARG D 80 32.09 29.38 -53.47
CA ARG D 80 32.26 30.84 -53.53
C ARG D 80 32.35 31.42 -52.11
N GLN D 81 32.70 32.70 -52.03
CA GLN D 81 32.69 33.45 -50.75
C GLN D 81 31.24 33.54 -50.27
N LEU D 82 30.94 32.96 -49.11
CA LEU D 82 29.55 32.93 -48.59
C LEU D 82 29.17 34.31 -48.11
N GLU D 83 27.89 34.64 -48.29
CA GLU D 83 27.26 35.80 -47.66
C GLU D 83 26.93 35.34 -46.27
N ILE D 84 26.71 36.26 -45.35
CA ILE D 84 26.53 35.75 -43.97
C ILE D 84 25.14 36.06 -43.39
N GLU D 85 24.23 36.70 -44.12
CA GLU D 85 22.88 36.92 -43.58
C GLU D 85 21.88 35.95 -44.23
N ALA D 86 21.29 35.09 -43.45
CA ALA D 86 20.21 34.18 -43.94
C ALA D 86 18.90 34.95 -44.07
N PRO D 87 18.07 34.62 -45.06
CA PRO D 87 16.86 35.41 -45.37
C PRO D 87 15.69 35.07 -44.44
N TYR D 88 15.19 36.07 -43.72
CA TYR D 88 14.13 35.89 -42.70
C TYR D 88 12.92 35.19 -43.32
N GLU D 89 12.58 35.61 -44.54
CA GLU D 89 11.38 35.09 -45.25
C GLU D 89 11.37 33.55 -45.22
N TYR D 90 12.53 32.92 -45.38
CA TYR D 90 12.62 31.45 -45.40
C TYR D 90 13.01 30.88 -44.03
N VAL D 91 13.92 31.55 -43.32
CA VAL D 91 14.38 31.08 -42.00
C VAL D 91 13.19 30.92 -41.05
N SER D 92 12.26 31.86 -41.08
CA SER D 92 11.09 31.91 -40.18
C SER D 92 10.06 30.83 -40.46
N GLN D 93 10.18 30.08 -41.56
CA GLN D 93 9.14 29.14 -41.99
C GLN D 93 9.54 27.69 -41.71
N MET D 94 10.64 27.44 -41.01
CA MET D 94 11.06 26.08 -40.68
C MET D 94 11.99 26.16 -39.46
N ARG D 95 12.27 25.03 -38.85
CA ARG D 95 13.15 24.96 -37.65
C ARG D 95 14.63 24.87 -38.03
N ALA D 96 15.01 23.96 -38.95
CA ALA D 96 16.43 23.62 -39.21
C ALA D 96 17.19 24.77 -39.88
N SER D 97 16.51 25.83 -40.35
CA SER D 97 17.16 27.00 -40.92
C SER D 97 18.22 27.54 -39.99
N ILE D 98 18.01 27.42 -38.67
CA ILE D 98 18.94 28.02 -37.70
C ILE D 98 20.31 27.29 -37.76
N VAL D 99 20.38 26.07 -38.24
CA VAL D 99 21.67 25.33 -38.21
C VAL D 99 22.57 25.71 -39.39
N VAL D 100 22.26 26.75 -40.16
CA VAL D 100 23.25 27.39 -41.03
C VAL D 100 24.21 28.25 -40.20
N MET D 101 23.87 28.57 -38.94
CA MET D 101 24.73 29.49 -38.14
C MET D 101 26.10 28.86 -37.94
N GLY D 102 26.15 27.57 -37.59
CA GLY D 102 27.41 26.91 -37.29
C GLY D 102 28.35 26.93 -38.48
N PRO D 103 27.89 26.43 -39.64
CA PRO D 103 28.74 26.49 -40.82
C PRO D 103 29.18 27.90 -41.26
N LEU D 104 28.31 28.89 -41.10
CA LEU D 104 28.70 30.30 -41.42
C LEU D 104 29.79 30.76 -40.48
N LEU D 105 29.71 30.40 -39.20
CA LEU D 105 30.81 30.73 -38.26
C LEU D 105 32.08 29.99 -38.69
N ALA D 106 31.99 28.73 -39.04
CA ALA D 106 33.16 27.93 -39.45
C ALA D 106 33.81 28.54 -40.70
N ARG D 107 33.02 28.96 -41.70
CA ARG D 107 33.56 29.41 -43.00
C ARG D 107 34.04 30.87 -42.89
N ASN D 108 33.26 31.72 -42.25
CA ASN D 108 33.41 33.19 -42.34
C ASN D 108 33.63 33.85 -40.99
N GLY D 109 33.44 33.15 -39.86
CA GLY D 109 33.46 33.78 -38.54
C GLY D 109 32.36 34.80 -38.34
N HIS D 110 31.26 34.70 -39.06
CA HIS D 110 30.19 35.73 -39.00
C HIS D 110 28.90 35.11 -39.50
N ALA D 111 27.81 35.32 -38.75
CA ALA D 111 26.49 34.78 -39.12
C ALA D 111 25.44 35.75 -38.62
N LYS D 112 24.42 36.00 -39.44
CA LYS D 112 23.22 36.79 -39.05
C LYS D 112 22.01 35.93 -39.40
N VAL D 113 21.25 35.48 -38.41
CA VAL D 113 20.12 34.54 -38.65
C VAL D 113 18.93 34.91 -37.76
N ALA D 114 17.73 34.90 -38.26
CA ALA D 114 16.55 35.22 -37.41
C ALA D 114 16.20 34.01 -36.51
N MET D 115 15.31 34.25 -35.55
N MET D 115 15.39 34.19 -35.44
CA MET D 115 14.63 33.16 -34.79
CA MET D 115 14.78 33.03 -34.70
C MET D 115 13.97 32.26 -35.82
C MET D 115 14.00 32.25 -35.75
N PRO D 116 14.20 30.95 -35.81
CA PRO D 116 13.54 30.08 -36.79
C PRO D 116 12.07 29.81 -36.42
N GLY D 117 11.39 29.24 -37.39
CA GLY D 117 10.03 28.74 -37.20
C GLY D 117 9.97 27.26 -36.99
N GLY D 118 9.03 26.62 -37.66
CA GLY D 118 8.78 25.19 -37.49
C GLY D 118 7.49 24.90 -36.71
N CYS D 119 7.39 23.65 -36.29
CA CYS D 119 6.24 23.10 -35.56
C CYS D 119 5.92 24.01 -34.38
N ALA D 120 4.69 24.48 -34.29
CA ALA D 120 4.31 25.47 -33.23
C ALA D 120 3.83 24.69 -32.01
N ILE D 121 4.74 24.00 -31.34
CA ILE D 121 4.40 22.99 -30.30
C ILE D 121 5.07 23.31 -28.96
N GLY D 122 5.51 24.54 -28.80
CA GLY D 122 6.15 24.99 -27.57
C GLY D 122 7.05 26.17 -27.79
N LYS D 123 7.69 26.67 -26.74
CA LYS D 123 8.55 27.88 -26.86
C LYS D 123 9.78 27.64 -27.79
N ARG D 124 10.33 26.49 -27.83
CA ARG D 124 11.50 26.18 -28.73
C ARG D 124 12.61 27.24 -28.75
N PRO D 125 13.24 27.51 -27.59
CA PRO D 125 14.38 28.44 -27.58
C PRO D 125 15.60 27.85 -28.30
N ILE D 126 16.58 28.69 -28.54
CA ILE D 126 17.88 28.34 -29.15
C ILE D 126 19.03 28.75 -28.23
N ASP D 127 18.76 28.98 -26.96
CA ASP D 127 19.79 29.46 -25.99
C ASP D 127 20.99 28.51 -26.03
N LEU D 128 20.77 27.19 -26.13
CA LEU D 128 21.91 26.25 -26.04
C LEU D 128 22.80 26.35 -27.28
N HIS D 129 22.23 26.72 -28.45
CA HIS D 129 23.06 26.98 -29.64
C HIS D 129 24.02 28.13 -29.36
N LEU D 130 23.45 29.22 -28.85
CA LEU D 130 24.21 30.48 -28.62
C LEU D 130 25.23 30.25 -27.50
N LYS D 131 24.88 29.47 -26.47
CA LYS D 131 25.82 29.16 -25.36
C LYS D 131 27.03 28.43 -25.96
N GLY D 132 26.80 27.47 -26.85
CA GLY D 132 27.92 26.73 -27.45
C GLY D 132 28.79 27.61 -28.31
N PHE D 133 28.21 28.49 -29.11
CA PHE D 133 29.01 29.38 -29.98
C PHE D 133 29.83 30.35 -29.13
N GLN D 134 29.24 30.88 -28.07
CA GLN D 134 29.97 31.72 -27.08
C GLN D 134 31.17 30.94 -26.54
N ALA D 135 31.00 29.67 -26.19
CA ALA D 135 32.07 28.87 -25.59
C ALA D 135 33.22 28.72 -26.60
N LEU D 136 32.92 28.71 -27.90
CA LEU D 136 33.93 28.57 -28.98
C LEU D 136 34.59 29.93 -29.31
N GLY D 137 34.17 31.02 -28.68
CA GLY D 137 34.77 32.36 -28.87
C GLY D 137 33.91 33.31 -29.66
N ALA D 138 32.65 32.98 -29.93
CA ALA D 138 31.78 33.92 -30.67
C ALA D 138 31.23 34.95 -29.69
N LYS D 139 31.16 36.20 -30.16
CA LYS D 139 30.31 37.23 -29.51
C LYS D 139 28.92 37.13 -30.12
N ILE D 140 27.91 37.11 -29.26
CA ILE D 140 26.48 37.02 -29.66
C ILE D 140 25.84 38.37 -29.40
N ILE D 141 25.23 38.92 -30.42
CA ILE D 141 24.58 40.25 -30.35
C ILE D 141 23.12 40.01 -30.68
N GLN D 142 22.24 40.46 -29.80
CA GLN D 142 20.78 40.16 -29.90
C GLN D 142 20.13 41.48 -29.68
N LYS D 143 20.25 42.39 -30.67
CA LYS D 143 19.72 43.77 -30.56
C LYS D 143 18.43 43.85 -31.41
N ASN D 144 17.34 44.26 -30.72
CA ASN D 144 16.11 44.76 -31.37
C ASN D 144 15.49 43.66 -32.25
N GLY D 145 15.52 42.35 -31.93
CA GLY D 145 14.97 41.38 -32.93
C GLY D 145 15.94 40.42 -33.64
N TYR D 146 17.15 40.88 -33.96
CA TYR D 146 18.11 40.14 -34.80
C TYR D 146 19.07 39.32 -33.92
N ILE D 147 19.71 38.32 -34.51
CA ILE D 147 20.73 37.48 -33.84
C ILE D 147 21.98 37.43 -34.72
N GLU D 148 23.10 37.91 -34.17
CA GLU D 148 24.35 38.03 -34.94
C GLU D 148 25.41 37.36 -34.09
N ALA D 149 26.23 36.57 -34.71
CA ALA D 149 27.36 35.88 -34.07
C ALA D 149 28.62 36.27 -34.83
N ILE D 150 29.67 36.67 -34.12
CA ILE D 150 30.96 37.10 -34.69
C ILE D 150 32.06 36.38 -33.94
N ALA D 151 32.95 35.70 -34.65
CA ALA D 151 34.10 35.03 -34.06
C ALA D 151 35.33 35.33 -34.92
N ASP D 152 36.25 36.16 -34.42
CA ASP D 152 37.55 36.39 -35.10
C ASP D 152 38.30 35.06 -35.19
N GLU D 153 38.17 34.20 -34.17
CA GLU D 153 38.81 32.87 -34.20
C GLU D 153 38.02 31.91 -33.34
N LEU D 154 37.51 30.85 -33.94
CA LEU D 154 36.85 29.79 -33.19
C LEU D 154 37.93 28.96 -32.52
N ILE D 155 37.79 28.74 -31.23
CA ILE D 155 38.77 27.92 -30.44
C ILE D 155 38.02 26.84 -29.68
N GLY D 156 38.47 25.59 -29.82
CA GLY D 156 37.86 24.45 -29.14
C GLY D 156 37.75 24.67 -27.64
N ASN D 157 36.69 24.14 -27.05
CA ASN D 157 36.39 24.25 -25.63
C ASN D 157 35.60 23.03 -25.20
N THR D 158 35.46 22.84 -23.90
CA THR D 158 34.54 21.88 -23.30
C THR D 158 33.20 22.58 -23.09
N ILE D 159 32.11 21.97 -23.54
CA ILE D 159 30.75 22.57 -23.54
C ILE D 159 29.79 21.54 -22.98
N TYR D 160 29.10 21.86 -21.92
CA TYR D 160 28.05 21.03 -21.33
C TYR D 160 26.70 21.54 -21.78
N LEU D 161 25.93 20.68 -22.45
CA LEU D 161 24.54 21.03 -22.84
C LEU D 161 23.58 20.65 -21.71
N ASP D 162 22.79 21.61 -21.26
CA ASP D 162 21.84 21.37 -20.14
C ASP D 162 20.77 20.37 -20.56
N PHE D 163 20.43 20.37 -21.83
CA PHE D 163 19.47 19.40 -22.41
C PHE D 163 20.14 18.85 -23.67
N PRO D 164 19.94 17.57 -23.99
CA PRO D 164 20.55 16.97 -25.18
C PRO D 164 19.83 17.40 -26.46
N SER D 165 19.94 18.67 -26.77
CA SER D 165 19.23 19.33 -27.87
C SER D 165 19.77 18.83 -29.20
N VAL D 166 18.86 18.40 -30.06
CA VAL D 166 19.20 17.96 -31.44
C VAL D 166 19.84 19.10 -32.22
N GLY D 167 19.13 20.21 -32.36
CA GLY D 167 19.63 21.33 -33.15
C GLY D 167 20.91 21.92 -32.57
N ALA D 168 20.98 22.03 -31.25
CA ALA D 168 22.18 22.65 -30.66
C ALA D 168 23.39 21.76 -30.93
N THR D 169 23.23 20.44 -30.80
CA THR D 169 24.33 19.49 -31.05
C THR D 169 24.79 19.70 -32.50
N GLN D 170 23.86 19.74 -33.44
CA GLN D 170 24.19 19.91 -34.86
C GLN D 170 24.90 21.24 -35.11
N ASN D 171 24.37 22.34 -34.57
CA ASN D 171 24.90 23.69 -34.83
C ASN D 171 26.33 23.76 -34.27
N ILE D 172 26.52 23.30 -33.05
CA ILE D 172 27.82 23.39 -32.36
C ILE D 172 28.83 22.51 -33.08
N MET D 173 28.46 21.29 -33.44
CA MET D 173 29.32 20.35 -34.18
C MET D 173 29.87 21.03 -35.43
N MET D 174 28.98 21.71 -36.19
CA MET D 174 29.34 22.27 -37.50
C MET D 174 30.24 23.52 -37.36
N ALA D 175 30.19 24.25 -36.25
CA ALA D 175 31.19 25.28 -35.96
C ALA D 175 32.50 24.63 -35.52
N ALA D 176 32.42 23.64 -34.63
CA ALA D 176 33.60 23.05 -33.98
C ALA D 176 34.49 22.34 -34.99
N VAL D 177 33.98 21.85 -36.11
CA VAL D 177 34.84 21.14 -37.11
C VAL D 177 35.94 22.04 -37.65
N LYS D 178 35.77 23.36 -37.55
CA LYS D 178 36.81 24.32 -38.01
C LYS D 178 37.32 25.19 -36.86
N ALA D 179 37.12 24.77 -35.62
CA ALA D 179 37.67 25.51 -34.47
C ALA D 179 39.10 25.01 -34.22
N LYS D 180 39.92 25.85 -33.66
CA LYS D 180 41.33 25.48 -33.37
C LYS D 180 41.33 24.50 -32.18
N GLY D 181 41.90 23.32 -32.37
CA GLY D 181 42.05 22.35 -31.30
C GLY D 181 40.81 21.52 -31.08
N THR D 182 40.69 21.07 -29.85
CA THR D 182 39.73 20.03 -29.43
C THR D 182 38.49 20.65 -28.80
N THR D 183 37.33 20.23 -29.27
CA THR D 183 36.04 20.58 -28.64
C THR D 183 35.47 19.28 -28.04
N ILE D 184 34.98 19.36 -26.80
CA ILE D 184 34.24 18.27 -26.15
C ILE D 184 32.87 18.79 -25.84
N ILE D 185 31.84 18.14 -26.40
CA ILE D 185 30.44 18.50 -26.11
C ILE D 185 29.85 17.38 -25.27
N GLU D 186 29.47 17.71 -24.05
CA GLU D 186 28.90 16.76 -23.04
C GLU D 186 27.38 16.85 -23.06
N ASN D 187 26.72 15.70 -22.88
CA ASN D 187 25.25 15.59 -22.89
C ASN D 187 24.66 16.00 -24.26
N VAL D 188 25.26 15.51 -25.33
CA VAL D 188 24.75 15.74 -26.71
C VAL D 188 23.51 14.88 -27.00
N ALA D 189 22.76 15.34 -27.98
CA ALA D 189 21.72 14.51 -28.60
C ALA D 189 22.36 13.22 -29.16
N ARG D 190 21.64 12.10 -28.97
CA ARG D 190 22.09 10.76 -29.40
C ARG D 190 21.28 10.25 -30.59
N GLU D 191 20.35 11.05 -31.09
CA GLU D 191 19.44 10.68 -32.21
C GLU D 191 20.27 10.26 -33.42
N PRO D 192 19.75 9.33 -34.23
CA PRO D 192 20.51 8.81 -35.35
C PRO D 192 20.84 9.80 -36.46
N GLU D 193 20.11 10.91 -36.52
CA GLU D 193 20.46 12.00 -37.43
C GLU D 193 21.80 12.63 -37.07
N ILE D 194 22.15 12.64 -35.78
CA ILE D 194 23.47 13.12 -35.33
C ILE D 194 24.55 12.23 -35.95
N VAL D 195 24.33 10.93 -36.00
CA VAL D 195 25.30 9.96 -36.57
C VAL D 195 25.39 10.20 -38.08
N ASP D 196 24.27 10.39 -38.77
CA ASP D 196 24.31 10.62 -40.26
C ASP D 196 25.09 11.92 -40.54
N LEU D 197 24.88 12.95 -39.73
CA LEU D 197 25.61 14.22 -39.89
C LEU D 197 27.10 14.00 -39.67
N ALA D 198 27.46 13.34 -38.57
CA ALA D 198 28.88 13.09 -38.27
C ALA D 198 29.51 12.30 -39.42
N ASN D 199 28.78 11.34 -39.96
CA ASN D 199 29.33 10.49 -41.04
C ASN D 199 29.66 11.36 -42.26
N ILE D 200 28.78 12.28 -42.68
CA ILE D 200 29.11 13.13 -43.84
C ILE D 200 30.26 14.06 -43.49
N LEU D 201 30.27 14.63 -42.27
CA LEU D 201 31.35 15.57 -41.90
C LEU D 201 32.69 14.84 -41.97
N ASN D 202 32.78 13.62 -41.46
CA ASN D 202 34.06 12.87 -41.48
C ASN D 202 34.44 12.56 -42.94
N LYS D 203 33.47 12.20 -43.77
CA LYS D 203 33.78 11.98 -45.22
C LYS D 203 34.34 13.28 -45.85
N MET D 204 33.87 14.44 -45.39
CA MET D 204 34.26 15.75 -45.93
C MET D 204 35.64 16.19 -45.40
N GLY D 205 36.23 15.43 -44.47
CA GLY D 205 37.59 15.70 -43.95
C GLY D 205 37.59 16.15 -42.50
N ALA D 206 36.44 16.10 -41.82
CA ALA D 206 36.40 16.50 -40.41
C ALA D 206 36.89 15.34 -39.52
N GLN D 207 36.98 15.62 -38.23
CA GLN D 207 37.30 14.66 -37.16
C GLN D 207 36.25 14.77 -36.06
N VAL D 208 35.18 13.99 -36.24
CA VAL D 208 34.05 13.94 -35.31
C VAL D 208 33.94 12.56 -34.70
N TYR D 209 34.05 12.49 -33.38
CA TYR D 209 34.02 11.23 -32.62
C TYR D 209 32.87 11.24 -31.63
N GLY D 210 32.35 10.05 -31.38
CA GLY D 210 31.38 9.83 -30.30
C GLY D 210 29.93 10.11 -30.72
N ALA D 211 29.64 10.36 -32.00
CA ALA D 211 28.27 10.60 -32.45
C ALA D 211 27.45 9.36 -32.11
N GLY D 212 26.24 9.56 -31.57
CA GLY D 212 25.38 8.49 -31.08
C GLY D 212 25.59 8.17 -29.61
N THR D 213 26.69 8.68 -29.02
CA THR D 213 26.92 8.58 -27.59
C THR D 213 26.65 9.92 -26.90
N GLU D 214 26.70 9.94 -25.59
CA GLU D 214 26.41 11.18 -24.82
C GLU D 214 27.55 12.20 -24.88
N THR D 215 28.73 11.88 -25.39
CA THR D 215 29.88 12.79 -25.42
C THR D 215 30.50 12.80 -26.82
N MET D 216 30.61 13.99 -27.39
CA MET D 216 31.20 14.16 -28.72
C MET D 216 32.54 14.86 -28.59
N ARG D 217 33.52 14.37 -29.34
CA ARG D 217 34.84 15.00 -29.41
C ARG D 217 35.06 15.42 -30.86
N ILE D 218 35.47 16.67 -31.06
CA ILE D 218 35.78 17.21 -32.39
C ILE D 218 37.18 17.79 -32.40
N GLU D 219 37.99 17.39 -33.34
CA GLU D 219 39.32 17.99 -33.57
C GLU D 219 39.22 18.87 -34.81
N GLY D 220 39.43 20.17 -34.64
CA GLY D 220 39.31 21.13 -35.75
C GLY D 220 40.29 20.84 -36.87
N VAL D 221 39.85 21.07 -38.10
CA VAL D 221 40.66 20.96 -39.33
C VAL D 221 40.61 22.27 -40.12
N ASP D 222 41.53 22.43 -41.07
CA ASP D 222 41.70 23.68 -41.84
C ASP D 222 40.70 23.76 -42.99
N HIS D 223 40.33 22.64 -43.59
CA HIS D 223 39.58 22.63 -44.88
C HIS D 223 38.66 21.40 -44.94
N LEU D 224 37.44 21.59 -45.40
CA LEU D 224 36.51 20.49 -45.72
C LEU D 224 36.23 20.54 -47.21
N HIS D 225 35.95 19.38 -47.78
CA HIS D 225 35.65 19.27 -49.23
C HIS D 225 34.31 18.56 -49.41
N ALA D 226 33.75 18.68 -50.61
CA ALA D 226 32.43 18.13 -50.94
C ALA D 226 32.51 16.62 -51.16
N VAL D 227 31.43 15.93 -50.85
CA VAL D 227 31.34 14.46 -51.06
C VAL D 227 29.96 14.12 -51.62
N ASN D 228 29.78 12.84 -51.87
CA ASN D 228 28.49 12.19 -52.18
C ASN D 228 28.00 11.51 -50.91
N HIS D 229 26.72 11.67 -50.61
CA HIS D 229 26.08 11.08 -49.42
C HIS D 229 24.63 10.74 -49.72
N SER D 230 24.21 9.59 -49.24
CA SER D 230 22.80 9.11 -49.28
CA SER D 230 22.81 9.10 -49.28
C SER D 230 22.15 9.29 -47.91
N ILE D 231 21.07 10.04 -47.85
CA ILE D 231 20.38 10.35 -46.57
C ILE D 231 19.82 9.05 -45.98
N VAL D 232 20.02 8.87 -44.67
CA VAL D 232 19.42 7.73 -43.91
C VAL D 232 17.88 7.75 -44.07
N GLN D 233 17.28 6.56 -44.04
CA GLN D 233 15.81 6.41 -44.09
C GLN D 233 15.14 7.18 -42.93
N ASP D 234 13.99 7.78 -43.23
CA ASP D 234 13.11 8.51 -42.28
C ASP D 234 12.51 7.55 -41.26
N ARG D 235 13.03 7.55 -40.03
CA ARG D 235 12.51 6.63 -39.00
C ARG D 235 11.11 7.05 -38.55
N ILE D 236 10.77 8.33 -38.68
CA ILE D 236 9.44 8.83 -38.22
C ILE D 236 8.39 8.46 -39.28
N GLU D 237 8.69 8.62 -40.55
CA GLU D 237 7.77 8.14 -41.59
C GLU D 237 7.60 6.63 -41.42
N ALA D 238 8.69 5.89 -41.28
CA ALA D 238 8.63 4.44 -41.06
C ALA D 238 7.72 4.15 -39.87
N GLY D 239 7.95 4.82 -38.74
CA GLY D 239 7.15 4.56 -37.54
C GLY D 239 5.66 4.88 -37.74
N THR D 240 5.34 5.95 -38.49
CA THR D 240 3.96 6.30 -38.80
C THR D 240 3.24 5.12 -39.48
N PHE D 241 3.90 4.47 -40.42
CA PHE D 241 3.31 3.31 -41.10
C PHE D 241 3.28 2.07 -40.19
N MET D 242 4.21 1.94 -39.26
CA MET D 242 4.13 0.85 -38.25
C MET D 242 2.84 1.02 -37.43
N VAL D 243 2.55 2.25 -36.99
CA VAL D 243 1.35 2.51 -36.18
C VAL D 243 0.10 2.20 -37.04
N ALA D 244 0.10 2.65 -38.28
CA ALA D 244 -1.05 2.47 -39.19
C ALA D 244 -1.36 0.97 -39.31
N ALA D 245 -0.34 0.16 -39.54
CA ALA D 245 -0.48 -1.31 -39.67
C ALA D 245 -1.00 -1.90 -38.35
N ALA D 246 -0.42 -1.48 -37.23
CA ALA D 246 -0.77 -2.03 -35.92
C ALA D 246 -2.22 -1.73 -35.57
N MET D 247 -2.79 -0.62 -36.04
CA MET D 247 -4.14 -0.18 -35.58
C MET D 247 -5.25 -0.68 -36.51
N THR D 248 -4.92 -1.28 -37.64
CA THR D 248 -5.91 -1.65 -38.68
C THR D 248 -5.90 -3.17 -38.92
N GLN D 249 -5.45 -3.98 -37.97
CA GLN D 249 -5.34 -5.45 -38.16
C GLN D 249 -4.55 -5.71 -39.46
N GLY D 250 -3.49 -4.92 -39.66
CA GLY D 250 -2.76 -4.89 -40.93
C GLY D 250 -1.65 -5.92 -40.98
N ASN D 251 -1.04 -6.01 -42.15
CA ASN D 251 0.15 -6.84 -42.40
C ASN D 251 1.00 -6.07 -43.40
N VAL D 252 1.92 -5.27 -42.89
CA VAL D 252 2.67 -4.29 -43.71
C VAL D 252 4.16 -4.53 -43.52
N LEU D 253 4.86 -4.64 -44.62
CA LEU D 253 6.32 -4.66 -44.66
C LEU D 253 6.80 -3.24 -44.90
N ILE D 254 7.52 -2.69 -43.92
CA ILE D 254 8.18 -1.36 -44.08
C ILE D 254 9.54 -1.63 -44.68
N ALA D 255 9.66 -1.37 -46.00
CA ALA D 255 10.84 -1.80 -46.79
C ALA D 255 12.11 -1.16 -46.23
N ASP D 256 13.11 -1.99 -45.95
CA ASP D 256 14.46 -1.59 -45.56
C ASP D 256 14.44 -0.79 -44.25
N ALA D 257 13.41 -0.93 -43.43
CA ALA D 257 13.33 -0.21 -42.14
C ALA D 257 14.50 -0.63 -41.25
N ILE D 258 15.00 0.35 -40.48
CA ILE D 258 16.09 0.12 -39.52
C ILE D 258 15.50 -0.07 -38.13
N SER D 259 15.43 -1.32 -37.68
CA SER D 259 14.75 -1.62 -36.39
C SER D 259 15.46 -0.90 -35.25
N GLU D 260 16.78 -0.73 -35.33
CA GLU D 260 17.61 -0.05 -34.27
C GLU D 260 17.11 1.38 -34.08
N HIS D 261 16.49 1.97 -35.10
CA HIS D 261 16.03 3.39 -35.03
C HIS D 261 14.65 3.51 -34.39
N ASN D 262 13.97 2.42 -34.13
CA ASN D 262 12.59 2.46 -33.57
C ASN D 262 12.44 1.42 -32.45
N ARG D 263 13.43 1.26 -31.57
CA ARG D 263 13.32 0.24 -30.49
C ARG D 263 12.16 0.58 -29.54
N PRO D 264 11.98 1.83 -29.09
CA PRO D 264 10.86 2.13 -28.20
C PRO D 264 9.49 1.86 -28.87
N LEU D 265 9.34 2.38 -30.09
CA LEU D 265 8.06 2.25 -30.80
C LEU D 265 7.74 0.76 -30.99
N ILE D 266 8.71 -0.01 -31.46
CA ILE D 266 8.51 -1.45 -31.67
C ILE D 266 8.08 -2.12 -30.36
N SER D 267 8.77 -1.82 -29.27
CA SER D 267 8.44 -2.41 -27.97
C SER D 267 7.01 -2.03 -27.56
N LYS D 268 6.62 -0.77 -27.74
CA LYS D 268 5.30 -0.31 -27.28
C LYS D 268 4.22 -0.95 -28.15
N LEU D 269 4.45 -1.06 -29.46
CA LEU D 269 3.42 -1.68 -30.32
C LEU D 269 3.26 -3.16 -29.98
N ILE D 270 4.34 -3.84 -29.64
CA ILE D 270 4.24 -5.23 -29.12
C ILE D 270 3.43 -5.25 -27.82
N GLU D 271 3.63 -4.31 -26.91
CA GLU D 271 2.78 -4.25 -25.67
C GLU D 271 1.29 -4.13 -26.06
N MET D 272 0.97 -3.45 -27.16
CA MET D 272 -0.42 -3.24 -27.62
C MET D 272 -0.94 -4.47 -28.38
N GLY D 273 -0.08 -5.48 -28.59
CA GLY D 273 -0.47 -6.75 -29.22
C GLY D 273 0.00 -6.91 -30.65
N ALA D 274 0.74 -5.97 -31.22
CA ALA D 274 1.31 -6.15 -32.57
C ALA D 274 2.33 -7.27 -32.54
N GLU D 275 2.45 -7.96 -33.66
CA GLU D 275 3.55 -8.91 -33.97
C GLU D 275 4.47 -8.18 -34.94
N ILE D 276 5.73 -8.02 -34.58
CA ILE D 276 6.73 -7.26 -35.36
C ILE D 276 7.91 -8.17 -35.66
N ILE D 277 8.22 -8.32 -36.94
CA ILE D 277 9.20 -9.31 -37.43
C ILE D 277 10.28 -8.61 -38.24
N GLU D 278 11.53 -8.85 -37.91
CA GLU D 278 12.70 -8.37 -38.70
C GLU D 278 12.92 -9.38 -39.81
N GLU D 279 12.77 -8.94 -41.04
CA GLU D 279 12.92 -9.80 -42.25
C GLU D 279 14.07 -9.27 -43.10
N GLU D 280 14.51 -10.07 -44.06
CA GLU D 280 15.47 -9.67 -45.12
C GLU D 280 15.07 -8.33 -45.74
N GLY D 281 13.80 -8.12 -46.06
CA GLY D 281 13.34 -6.97 -46.85
C GLY D 281 12.90 -5.78 -46.00
N GLY D 282 12.87 -5.91 -44.69
CA GLY D 282 12.42 -4.81 -43.82
C GLY D 282 11.83 -5.29 -42.51
N VAL D 283 11.05 -4.42 -41.90
CA VAL D 283 10.31 -4.76 -40.66
C VAL D 283 8.84 -4.96 -41.00
N ARG D 284 8.29 -6.11 -40.63
CA ARG D 284 6.87 -6.42 -40.84
C ARG D 284 6.08 -6.17 -39.57
N VAL D 285 4.97 -5.47 -39.69
CA VAL D 285 4.04 -5.21 -38.57
C VAL D 285 2.70 -5.88 -38.88
N ILE D 286 2.24 -6.73 -37.97
CA ILE D 286 0.94 -7.40 -38.00
C ILE D 286 0.08 -6.90 -36.83
N GLY D 287 -1.00 -6.20 -37.16
CA GLY D 287 -1.89 -5.64 -36.13
C GLY D 287 -2.76 -6.71 -35.48
N PRO D 288 -3.04 -6.59 -34.18
CA PRO D 288 -3.87 -7.58 -33.50
C PRO D 288 -5.37 -7.38 -33.72
N LYS D 289 -6.15 -8.43 -33.52
CA LYS D 289 -7.63 -8.31 -33.46
C LYS D 289 -8.01 -7.42 -32.28
N HIS D 290 -7.31 -7.54 -31.15
CA HIS D 290 -7.63 -6.82 -29.89
C HIS D 290 -6.44 -5.92 -29.56
N ILE D 291 -6.57 -4.63 -29.82
CA ILE D 291 -5.52 -3.62 -29.49
C ILE D 291 -5.57 -3.39 -27.99
N LEU D 292 -4.44 -3.61 -27.30
CA LEU D 292 -4.36 -3.49 -25.82
C LEU D 292 -3.83 -2.11 -25.46
N PRO D 293 -4.34 -1.50 -24.36
CA PRO D 293 -3.88 -0.18 -23.96
C PRO D 293 -2.43 -0.21 -23.49
N THR D 294 -1.74 0.90 -23.62
CA THR D 294 -0.39 1.05 -23.07
C THR D 294 -0.13 2.53 -22.81
N ASP D 295 0.79 2.79 -21.89
CA ASP D 295 1.21 4.16 -21.53
C ASP D 295 2.49 4.53 -22.27
N VAL D 296 2.63 5.79 -22.60
CA VAL D 296 3.78 6.35 -23.36
C VAL D 296 4.33 7.53 -22.59
N LYS D 297 5.65 7.61 -22.55
CA LYS D 297 6.32 8.79 -21.96
C LYS D 297 7.40 9.21 -22.98
N THR D 298 7.26 10.42 -23.54
CA THR D 298 8.27 10.92 -24.48
C THR D 298 9.53 11.30 -23.70
N MET D 299 10.67 11.09 -24.33
N MET D 299 10.67 11.07 -24.32
CA MET D 299 11.99 11.38 -23.75
CA MET D 299 12.00 11.39 -23.73
C MET D 299 12.96 11.58 -24.91
C MET D 299 12.94 11.59 -24.90
N PRO D 300 14.06 12.29 -24.68
CA PRO D 300 15.16 12.26 -25.66
C PRO D 300 15.66 10.83 -25.84
N HIS D 301 16.29 10.57 -26.99
CA HIS D 301 16.91 9.28 -27.26
C HIS D 301 17.70 8.92 -26.02
N PRO D 302 17.64 7.68 -25.50
CA PRO D 302 17.03 6.50 -26.12
C PRO D 302 15.60 6.13 -25.72
N GLY D 303 14.89 7.06 -25.11
CA GLY D 303 13.48 6.86 -24.75
C GLY D 303 12.58 7.05 -25.96
N PHE D 304 11.29 7.15 -25.71
CA PHE D 304 10.27 7.15 -26.75
C PHE D 304 10.25 8.53 -27.43
N PRO D 305 10.40 8.58 -28.75
CA PRO D 305 10.52 9.87 -29.46
C PRO D 305 9.26 10.72 -29.45
N THR D 306 9.40 12.00 -29.11
CA THR D 306 8.27 12.96 -29.22
C THR D 306 7.70 12.96 -30.64
N ASP D 307 8.51 12.76 -31.66
CA ASP D 307 7.99 12.79 -33.05
C ASP D 307 7.12 11.57 -33.37
N MET D 308 6.99 10.58 -32.50
CA MET D 308 6.03 9.48 -32.67
C MET D 308 4.78 9.68 -31.79
N GLN D 309 4.77 10.65 -30.87
CA GLN D 309 3.72 10.79 -29.82
C GLN D 309 2.32 10.93 -30.43
N ALA D 310 2.14 11.86 -31.35
CA ALA D 310 0.81 12.18 -31.85
C ALA D 310 0.26 10.91 -32.52
N GLN D 311 1.09 10.30 -33.37
CA GLN D 311 0.67 9.11 -34.12
C GLN D 311 0.29 8.01 -33.11
N MET D 312 1.06 7.87 -32.04
CA MET D 312 0.78 6.84 -31.04
C MET D 312 -0.55 7.12 -30.32
N THR D 313 -0.93 8.38 -30.12
CA THR D 313 -2.21 8.63 -29.45
C THR D 313 -3.37 8.14 -30.34
N ALA D 314 -3.21 8.10 -31.66
CA ALA D 314 -4.26 7.56 -32.53
C ALA D 314 -4.52 6.09 -32.22
N ILE D 315 -3.48 5.27 -32.06
CA ILE D 315 -3.71 3.85 -31.71
C ILE D 315 -4.13 3.73 -30.23
N GLN D 316 -3.59 4.55 -29.33
CA GLN D 316 -4.05 4.52 -27.94
C GLN D 316 -5.56 4.79 -27.88
N LEU D 317 -6.07 5.70 -28.68
CA LEU D 317 -7.49 6.08 -28.60
C LEU D 317 -8.43 5.03 -29.20
N VAL D 318 -7.91 3.98 -29.83
CA VAL D 318 -8.76 2.83 -30.27
C VAL D 318 -8.39 1.54 -29.54
N ALA D 319 -7.54 1.59 -28.52
CA ALA D 319 -7.20 0.41 -27.70
C ALA D 319 -8.34 0.08 -26.73
N GLU D 320 -8.40 -1.17 -26.29
CA GLU D 320 -9.50 -1.74 -25.48
C GLU D 320 -9.22 -1.41 -23.99
N GLY D 321 -9.26 -0.13 -23.64
CA GLY D 321 -9.08 0.32 -22.25
C GLY D 321 -8.48 1.71 -22.18
N THR D 322 -7.85 2.02 -21.06
CA THR D 322 -7.38 3.38 -20.77
C THR D 322 -5.86 3.43 -20.95
N SER D 323 -5.39 4.40 -21.71
CA SER D 323 -3.95 4.66 -21.96
C SER D 323 -3.61 6.08 -21.51
N VAL D 324 -2.35 6.25 -21.17
CA VAL D 324 -1.82 7.56 -20.72
C VAL D 324 -0.67 7.95 -21.63
N VAL D 325 -0.58 9.24 -21.96
CA VAL D 325 0.63 9.78 -22.59
C VAL D 325 1.14 10.94 -21.73
N THR D 326 2.43 10.94 -21.50
CA THR D 326 3.17 12.04 -20.84
C THR D 326 4.19 12.61 -21.83
N GLU D 327 4.01 13.87 -22.19
CA GLU D 327 4.85 14.59 -23.16
C GLU D 327 5.83 15.45 -22.39
N THR D 328 7.07 15.00 -22.27
CA THR D 328 8.08 15.71 -21.44
C THR D 328 9.01 16.60 -22.28
N VAL D 329 8.97 16.54 -23.63
CA VAL D 329 9.97 17.22 -24.45
C VAL D 329 9.45 18.60 -24.88
N PHE D 330 8.18 18.69 -25.29
CA PHE D 330 7.56 19.94 -25.76
C PHE D 330 6.36 20.28 -24.90
N GLU D 331 6.09 21.57 -24.69
CA GLU D 331 5.04 22.04 -23.75
C GLU D 331 3.66 22.08 -24.40
N ASN D 332 3.53 22.06 -25.72
CA ASN D 332 2.24 22.34 -26.38
C ASN D 332 2.06 21.37 -27.53
N ARG D 333 2.13 20.07 -27.25
CA ARG D 333 2.05 19.05 -28.31
C ARG D 333 0.84 18.14 -28.11
N PHE D 334 -0.30 18.67 -27.67
CA PHE D 334 -1.54 17.90 -27.52
C PHE D 334 -2.69 18.50 -28.33
N GLN D 335 -2.48 19.47 -29.22
CA GLN D 335 -3.65 20.08 -29.91
C GLN D 335 -4.39 19.05 -30.78
N HIS D 336 -3.70 18.04 -31.30
CA HIS D 336 -4.40 16.99 -32.10
C HIS D 336 -5.46 16.28 -31.24
N LEU D 337 -5.24 16.15 -29.92
CA LEU D 337 -6.19 15.44 -29.04
C LEU D 337 -7.46 16.27 -28.93
N GLU D 338 -7.33 17.59 -28.90
CA GLU D 338 -8.51 18.49 -28.87
C GLU D 338 -9.28 18.31 -30.17
N GLU D 339 -8.59 18.20 -31.29
CA GLU D 339 -9.30 17.97 -32.59
C GLU D 339 -9.98 16.60 -32.60
N MET D 340 -9.33 15.57 -32.04
CA MET D 340 -9.89 14.22 -32.02
C MET D 340 -11.18 14.19 -31.17
N ARG D 341 -11.38 15.12 -30.24
CA ARG D 341 -12.66 15.19 -29.52
C ARG D 341 -13.81 15.35 -30.51
N ARG D 342 -13.60 16.04 -31.62
CA ARG D 342 -14.67 16.23 -32.65
C ARG D 342 -15.03 14.87 -33.25
N MET D 343 -14.13 13.90 -33.18
CA MET D 343 -14.29 12.52 -33.69
C MET D 343 -14.76 11.57 -32.56
N ASN D 344 -15.26 12.12 -31.47
CA ASN D 344 -15.80 11.38 -30.31
C ASN D 344 -14.66 10.79 -29.46
N ALA D 345 -13.43 11.29 -29.55
CA ALA D 345 -12.36 10.81 -28.69
C ALA D 345 -12.64 11.25 -27.25
N HIS D 346 -12.49 10.33 -26.30
CA HIS D 346 -12.64 10.57 -24.84
C HIS D 346 -11.26 10.73 -24.25
N VAL D 347 -10.89 11.98 -23.96
CA VAL D 347 -9.52 12.26 -23.45
C VAL D 347 -9.58 13.42 -22.45
N LYS D 348 -8.90 13.23 -21.33
CA LYS D 348 -8.68 14.26 -20.28
C LYS D 348 -7.22 14.69 -20.38
N ILE D 349 -7.02 15.99 -20.47
CA ILE D 349 -5.67 16.60 -20.52
C ILE D 349 -5.47 17.40 -19.25
N ASP D 350 -4.35 17.18 -18.59
CA ASP D 350 -3.94 17.93 -17.37
C ASP D 350 -2.44 18.20 -17.48
N GLY D 351 -2.06 19.42 -17.86
CA GLY D 351 -0.65 19.77 -18.11
C GLY D 351 -0.04 18.89 -19.18
N ASN D 352 1.01 18.16 -18.84
CA ASN D 352 1.73 17.36 -19.84
C ASN D 352 1.25 15.89 -19.86
N VAL D 353 0.08 15.61 -19.28
CA VAL D 353 -0.47 14.22 -19.23
C VAL D 353 -1.84 14.20 -19.87
N ALA D 354 -2.06 13.26 -20.78
CA ALA D 354 -3.38 12.99 -21.34
C ALA D 354 -3.80 11.54 -21.02
N ILE D 355 -5.04 11.38 -20.59
CA ILE D 355 -5.66 10.07 -20.27
C ILE D 355 -6.72 9.82 -21.33
N MET D 356 -6.55 8.72 -22.03
CA MET D 356 -7.38 8.35 -23.20
C MET D 356 -8.20 7.10 -22.89
N ASP D 357 -9.52 7.22 -22.99
CA ASP D 357 -10.45 6.07 -22.87
C ASP D 357 -10.76 5.57 -24.28
N GLY D 358 -10.14 4.45 -24.67
CA GLY D 358 -10.28 3.88 -26.02
C GLY D 358 -11.56 3.05 -26.20
N ASN D 359 -12.38 2.84 -25.17
CA ASN D 359 -13.63 2.02 -25.26
C ASN D 359 -14.79 2.83 -25.83
N HIS D 360 -14.54 3.54 -26.91
CA HIS D 360 -15.53 4.35 -27.64
C HIS D 360 -15.18 4.26 -29.11
N GLU D 361 -16.17 4.33 -29.98
CA GLU D 361 -15.96 4.27 -31.44
C GLU D 361 -15.70 5.70 -31.92
N LEU D 362 -14.61 5.91 -32.62
CA LEU D 362 -14.36 7.22 -33.24
C LEU D 362 -15.33 7.42 -34.40
N GLN D 363 -15.72 8.66 -34.62
CA GLN D 363 -16.68 9.06 -35.68
C GLN D 363 -15.98 10.04 -36.61
N GLY D 364 -16.17 9.90 -37.91
CA GLY D 364 -15.60 10.83 -38.89
C GLY D 364 -16.03 12.26 -38.61
N ALA D 365 -15.11 13.20 -38.78
CA ALA D 365 -15.39 14.63 -38.64
C ALA D 365 -14.39 15.42 -39.49
N GLU D 366 -14.66 16.71 -39.63
CA GLU D 366 -13.76 17.71 -40.20
C GLU D 366 -12.78 18.11 -39.12
N VAL D 367 -11.50 17.82 -39.31
CA VAL D 367 -10.47 18.13 -38.28
C VAL D 367 -9.33 18.91 -38.92
N TYR D 368 -8.67 19.73 -38.10
CA TYR D 368 -7.70 20.76 -38.55
C TYR D 368 -6.36 20.43 -37.92
N ALA D 369 -5.41 20.03 -38.72
CA ALA D 369 -4.00 19.87 -38.25
C ALA D 369 -3.47 21.20 -37.77
N THR D 370 -2.63 21.14 -36.73
CA THR D 370 -1.93 22.33 -36.22
C THR D 370 -0.43 22.24 -36.43
N ASP D 371 0.07 21.08 -36.81
CA ASP D 371 1.52 20.84 -36.96
C ASP D 371 1.70 19.51 -37.71
N LEU D 372 2.92 19.27 -38.15
CA LEU D 372 3.28 18.15 -39.06
C LEU D 372 2.79 16.80 -38.51
N ARG D 373 3.22 16.36 -37.33
CA ARG D 373 2.86 15.00 -36.86
C ARG D 373 1.38 14.94 -36.46
N ALA D 374 0.78 16.06 -36.05
CA ALA D 374 -0.66 16.10 -35.74
C ALA D 374 -1.42 15.76 -37.03
N ALA D 375 -1.01 16.29 -38.18
CA ALA D 375 -1.70 15.98 -39.47
C ALA D 375 -1.68 14.47 -39.71
N ALA D 376 -0.53 13.83 -39.57
CA ALA D 376 -0.42 12.36 -39.79
C ALA D 376 -1.28 11.62 -38.77
N ALA D 377 -1.32 12.08 -37.54
CA ALA D 377 -2.11 11.44 -36.46
C ALA D 377 -3.60 11.51 -36.78
N LEU D 378 -4.06 12.63 -37.32
CA LEU D 378 -5.50 12.76 -37.65
C LEU D 378 -5.83 11.82 -38.81
N VAL D 379 -4.93 11.67 -39.78
CA VAL D 379 -5.21 10.72 -40.90
C VAL D 379 -5.30 9.31 -40.32
N LEU D 380 -4.38 8.94 -39.43
CA LEU D 380 -4.38 7.60 -38.81
C LEU D 380 -5.67 7.41 -38.02
N ALA D 381 -6.12 8.39 -37.26
CA ALA D 381 -7.41 8.25 -36.51
C ALA D 381 -8.53 8.00 -37.52
N GLY D 382 -8.49 8.69 -38.65
CA GLY D 382 -9.48 8.46 -39.72
C GLY D 382 -9.56 7.01 -40.16
N LEU D 383 -8.43 6.32 -40.20
CA LEU D 383 -8.38 4.90 -40.63
C LEU D 383 -9.30 4.02 -39.74
N LYS D 384 -9.56 4.42 -38.50
CA LYS D 384 -10.34 3.63 -37.53
C LYS D 384 -11.66 4.33 -37.17
N ALA D 385 -12.00 5.43 -37.79
CA ALA D 385 -13.26 6.15 -37.48
C ALA D 385 -14.39 5.61 -38.35
N ASN D 386 -15.59 5.65 -37.79
CA ASN D 386 -16.83 5.27 -38.49
C ASN D 386 -17.18 6.46 -39.41
N GLY D 387 -17.14 6.25 -40.71
CA GLY D 387 -17.56 7.26 -41.70
C GLY D 387 -16.40 8.04 -42.25
N ILE D 388 -16.65 9.31 -42.55
CA ILE D 388 -15.73 10.15 -43.36
C ILE D 388 -15.02 11.12 -42.45
N THR D 389 -13.70 11.08 -42.49
CA THR D 389 -12.84 12.09 -41.82
C THR D 389 -12.19 12.97 -42.88
N ARG D 390 -12.21 14.27 -42.66
CA ARG D 390 -11.59 15.25 -43.57
C ARG D 390 -10.51 15.99 -42.77
N VAL D 391 -9.27 15.77 -43.16
CA VAL D 391 -8.08 16.38 -42.49
C VAL D 391 -7.62 17.58 -43.28
N ARG D 392 -7.62 18.73 -42.62
CA ARG D 392 -7.32 20.03 -43.24
C ARG D 392 -6.00 20.57 -42.70
N ASN D 393 -5.48 21.56 -43.41
CA ASN D 393 -4.20 22.24 -43.18
C ASN D 393 -3.06 21.31 -43.56
N LEU D 394 -3.02 20.91 -44.82
CA LEU D 394 -2.00 19.95 -45.30
C LEU D 394 -0.65 20.62 -45.50
N ASN D 395 -0.57 21.96 -45.46
CA ASN D 395 0.74 22.66 -45.43
C ASN D 395 1.61 22.03 -44.35
N TYR D 396 1.04 21.67 -43.20
CA TYR D 396 1.85 21.10 -42.10
C TYR D 396 2.37 19.72 -42.52
N LEU D 397 1.49 18.90 -43.11
CA LEU D 397 1.86 17.51 -43.47
C LEU D 397 3.02 17.54 -44.49
N ASP D 398 2.98 18.46 -45.44
CA ASP D 398 3.90 18.51 -46.57
C ASP D 398 5.34 18.86 -46.13
N ARG D 399 5.51 19.32 -44.91
CA ARG D 399 6.87 19.54 -44.36
C ARG D 399 7.61 18.23 -44.10
N GLY D 400 6.91 17.11 -43.94
CA GLY D 400 7.57 15.87 -43.51
C GLY D 400 7.12 14.59 -44.15
N TYR D 401 6.06 14.60 -44.97
CA TYR D 401 5.62 13.38 -45.66
C TYR D 401 5.52 13.69 -47.16
N TYR D 402 6.03 12.79 -47.98
CA TYR D 402 5.81 12.82 -49.44
C TYR D 402 4.80 11.72 -49.80
N ASN D 403 3.79 12.08 -50.56
CA ASN D 403 2.81 11.13 -51.16
C ASN D 403 2.17 10.25 -50.08
N PHE D 404 1.89 10.80 -48.89
CA PHE D 404 1.32 10.04 -47.78
C PHE D 404 0.02 9.33 -48.20
N HIS D 405 -0.87 10.03 -48.90
CA HIS D 405 -2.17 9.48 -49.33
C HIS D 405 -1.97 8.35 -50.34
N ILE D 406 -1.00 8.49 -51.22
CA ILE D 406 -0.74 7.44 -52.25
C ILE D 406 -0.19 6.19 -51.57
N LYS D 407 0.77 6.34 -50.66
CA LYS D 407 1.35 5.17 -49.95
C LYS D 407 0.25 4.43 -49.18
N LEU D 408 -0.65 5.16 -48.52
CA LEU D 408 -1.76 4.55 -47.75
C LEU D 408 -2.71 3.84 -48.71
N GLN D 409 -3.02 4.46 -49.82
CA GLN D 409 -3.96 3.88 -50.84
C GLN D 409 -3.39 2.54 -51.30
N GLN D 410 -2.09 2.50 -51.56
CA GLN D 410 -1.40 1.31 -52.11
C GLN D 410 -1.41 0.16 -51.08
N LEU D 411 -1.62 0.46 -49.79
CA LEU D 411 -1.77 -0.55 -48.72
C LEU D 411 -3.24 -0.95 -48.56
N GLY D 412 -4.14 -0.40 -49.36
CA GLY D 412 -5.59 -0.70 -49.29
C GLY D 412 -6.40 0.26 -48.44
N ALA D 413 -5.81 1.33 -47.92
CA ALA D 413 -6.56 2.34 -47.15
C ALA D 413 -7.39 3.18 -48.12
N ASP D 414 -8.54 3.62 -47.66
CA ASP D 414 -9.44 4.51 -48.43
C ASP D 414 -9.11 5.94 -48.03
N VAL D 415 -8.08 6.49 -48.67
CA VAL D 415 -7.48 7.81 -48.37
C VAL D 415 -7.30 8.54 -49.71
N GLU D 416 -7.80 9.76 -49.81
CA GLU D 416 -7.68 10.57 -51.04
C GLU D 416 -7.21 11.96 -50.62
N ARG D 417 -6.51 12.64 -51.51
CA ARG D 417 -6.18 14.05 -51.35
C ARG D 417 -6.89 14.82 -52.46
N VAL D 418 -7.80 15.73 -52.08
CA VAL D 418 -8.65 16.42 -53.07
C VAL D 418 -8.76 17.90 -52.75
N ASP D 419 -9.11 18.68 -53.75
CA ASP D 419 -9.42 20.12 -53.60
C ASP D 419 -10.66 20.26 -52.71
N MET D 420 -10.67 21.22 -51.80
CA MET D 420 -11.91 21.67 -51.14
C MET D 420 -12.58 22.66 -52.12
#